data_4FOI
#
_entry.id   4FOI
#
_cell.length_a   82.380
_cell.length_b   120.772
_cell.length_c   120.591
_cell.angle_alpha   90.000
_cell.angle_beta   92.800
_cell.angle_gamma   90.000
#
_symmetry.space_group_name_H-M   'P 1 21 1'
#
loop_
_entity.id
_entity.type
_entity.pdbx_description
1 polymer Hexokinase-1
2 non-polymer beta-D-glucopyranose
3 non-polymer 1,6-di-O-phosphono-alpha-D-glucopyranose
4 non-polymer 'SODIUM ION'
5 non-polymer 'CITRIC ACID'
6 water water
#
_entity_poly.entity_id   1
_entity_poly.type   'polypeptide(L)'
_entity_poly.pdbx_seq_one_letter_code
;MIAAQLLAYYFTELKDDQVKKIDKYLYAMRLSDETLIDIMTRFRKEMKNGLSRDFNPTATVKMLPTFVRSIPDGSEKGDF
IALDLGGSSFRILRVQVNHEKNQNVHMESEVYDTPENIVHGSGSQLFDHVAECLGDFMEKRKIKDKKLPVGFTFSFPCQQ
SKIDEAILITWTKRFKASGVEGADVVKLLNKAIKKRGDYDANIVAVVNDTVGTMMTCGYDDQHCEVGLIIGTGTNACYME
ELRHIDLVEGDEGRMCINTEWGAFGDDGSLEDIRTEFDREIDRGSLNPGKQLFEKMVSGMYLGELVRLILVKMAKEGLLF
EGRITPELLTRGKFNTSDVSAIEKNKEGLHNAKEILTRLGVEPSDDDCVSVQHVCTIVSFRSANLVAATLGAILNRLRDN
KGTPRLRTTVGVNGSLYKTHPQYSRRFHKTLRRLVPDSDVRFLLSESGSGKGAAMVTAVAYRLAEQHRQIEETLAHFHLT
KDMLLEVKKRMRAEMELGLRKQTHNNAVVKMLPSFVRRTPDGTENGDFLALDLGGTNFRVLLVKIRSGKKRTVEMHNKIY
AIPIEIMQGTGEELFDHIVSCISDFLDYMGIKGPRMPLGFTFSFPCQQTSLDAGILITWTKGFKATDCVGHDVVTLLRDA
IKRREEFDLDVVAVVNDTVGTMMTCAYEEPTCEVGLIVGTGSNACYMEEMKNVEMVEGDQGQMCINMEWGAFGDNGCLDD
IRTHYDRLVDEYSLNAGKQRYEKMISGMYLGEIVRNILIDFTKKGFLFRGQISETLKTRGIFETKFLSQIESDRLALLQV
RAILQQLGLNSTCDDSILVKTVCGVVSRRAAQLCGAGMAAVVDKIRENRGLDRLNVTVGVDGTLYKLHPHFSRIMHQTVK
ELSPKCNVSFLLSEDGSGKGAALITAVGVRLRTEASS
;
_entity_poly.pdbx_strand_id   A,B
#
loop_
_chem_comp.id
_chem_comp.type
_chem_comp.name
_chem_comp.formula
BGC D-saccharide, beta linking beta-D-glucopyranose 'C6 H12 O6'
CIT non-polymer 'CITRIC ACID' 'C6 H8 O7'
G16 D-saccharide 1,6-di-O-phosphono-alpha-D-glucopyranose 'C6 H13 O12 P2 -1'
NA non-polymer 'SODIUM ION' 'Na 1'
#
# COMPACT_ATOMS: atom_id res chain seq x y z
N ASP A 16 -64.38 19.83 6.55
CA ASP A 16 -62.99 19.93 5.99
C ASP A 16 -61.94 19.96 7.09
N ASP A 17 -62.37 20.28 8.31
CA ASP A 17 -61.46 20.25 9.46
C ASP A 17 -60.96 18.84 9.69
N GLN A 18 -61.66 17.88 9.06
CA GLN A 18 -61.27 16.49 9.11
C GLN A 18 -59.87 16.31 8.53
N VAL A 19 -59.52 17.18 7.58
CA VAL A 19 -58.21 17.11 6.91
C VAL A 19 -57.24 18.17 7.40
N LYS A 20 -57.75 19.39 7.60
CA LYS A 20 -56.92 20.47 8.12
C LYS A 20 -56.29 20.07 9.44
N LYS A 21 -57.02 19.26 10.20
CA LYS A 21 -56.57 18.78 11.51
C LYS A 21 -55.33 17.90 11.38
N ILE A 22 -55.49 16.76 10.72
CA ILE A 22 -54.38 15.82 10.52
C ILE A 22 -53.18 16.50 9.87
N ASP A 23 -53.42 17.26 8.81
CA ASP A 23 -52.35 17.94 8.09
C ASP A 23 -51.40 18.72 9.01
N LYS A 24 -51.97 19.39 10.01
CA LYS A 24 -51.15 20.19 10.92
C LYS A 24 -50.56 19.33 12.04
N TYR A 25 -51.22 18.21 12.34
CA TYR A 25 -50.72 17.27 13.34
C TYR A 25 -49.48 16.55 12.81
N LEU A 26 -49.56 16.10 11.56
CA LEU A 26 -48.42 15.48 10.90
C LEU A 26 -47.66 16.55 10.11
N TYR A 27 -47.55 17.73 10.71
CA TYR A 27 -46.83 18.85 10.13
C TYR A 27 -45.46 18.45 9.59
N ALA A 28 -44.70 17.73 10.41
CA ALA A 28 -43.32 17.39 10.09
C ALA A 28 -43.16 16.51 8.84
N MET A 29 -44.18 15.73 8.51
CA MET A 29 -44.08 14.80 7.39
C MET A 29 -44.57 15.39 6.06
N ARG A 30 -44.77 16.70 6.03
CA ARG A 30 -45.14 17.39 4.80
C ARG A 30 -44.01 18.31 4.36
N LEU A 31 -43.16 17.78 3.49
CA LEU A 31 -41.92 18.46 3.09
C LEU A 31 -42.14 19.59 2.08
N SER A 32 -41.52 20.73 2.36
CA SER A 32 -41.60 21.90 1.49
C SER A 32 -40.76 21.71 0.24
N ASP A 33 -41.14 22.36 -0.86
CA ASP A 33 -40.33 22.35 -2.06
C ASP A 33 -38.95 22.91 -1.76
N GLU A 34 -38.91 23.95 -0.94
CA GLU A 34 -37.64 24.53 -0.50
C GLU A 34 -36.83 23.48 0.26
N THR A 35 -37.51 22.71 1.09
CA THR A 35 -36.89 21.65 1.86
C THR A 35 -36.31 20.56 0.97
N LEU A 36 -37.10 20.14 -0.02
CA LEU A 36 -36.64 19.15 -0.99
C LEU A 36 -35.36 19.62 -1.68
N ILE A 37 -35.32 20.92 -2.00
CA ILE A 37 -34.15 21.50 -2.65
C ILE A 37 -32.90 21.34 -1.79
N ASP A 38 -33.05 21.57 -0.48
CA ASP A 38 -31.94 21.40 0.45
C ASP A 38 -31.47 19.95 0.47
N ILE A 39 -32.40 19.04 0.73
CA ILE A 39 -32.10 17.62 0.72
C ILE A 39 -31.28 17.29 -0.51
N MET A 40 -31.81 17.66 -1.67
CA MET A 40 -31.19 17.38 -2.96
C MET A 40 -29.75 17.89 -3.05
N THR A 41 -29.56 19.16 -2.69
CA THR A 41 -28.23 19.75 -2.70
C THR A 41 -27.31 18.92 -1.80
N ARG A 42 -27.84 18.47 -0.67
CA ARG A 42 -27.06 17.70 0.29
C ARG A 42 -26.70 16.31 -0.22
N PHE A 43 -27.55 15.74 -1.06
CA PHE A 43 -27.24 14.44 -1.65
C PHE A 43 -26.19 14.60 -2.73
N ARG A 44 -26.25 15.70 -3.45
CA ARG A 44 -25.26 15.98 -4.49
C ARG A 44 -23.86 16.00 -3.88
N LYS A 45 -23.78 16.48 -2.65
CA LYS A 45 -22.50 16.51 -1.93
C LYS A 45 -22.10 15.10 -1.51
N GLU A 46 -23.04 14.38 -0.92
CA GLU A 46 -22.80 13.02 -0.46
C GLU A 46 -22.25 12.14 -1.57
N MET A 47 -22.63 12.45 -2.81
CA MET A 47 -22.16 11.70 -3.97
C MET A 47 -20.67 11.92 -4.17
N LYS A 48 -20.26 13.19 -4.16
CA LYS A 48 -18.84 13.52 -4.31
C LYS A 48 -18.01 12.91 -3.20
N ASN A 49 -18.60 12.81 -2.01
CA ASN A 49 -17.92 12.19 -0.88
C ASN A 49 -17.70 10.70 -1.09
N GLY A 50 -18.69 10.05 -1.71
CA GLY A 50 -18.59 8.62 -1.98
C GLY A 50 -17.67 8.33 -3.15
N LEU A 51 -17.49 9.31 -4.03
CA LEU A 51 -16.64 9.14 -5.20
C LEU A 51 -15.19 9.55 -4.95
N SER A 52 -14.98 10.36 -3.91
CA SER A 52 -13.64 10.81 -3.55
C SER A 52 -12.88 9.70 -2.82
N ARG A 53 -11.61 9.53 -3.17
CA ARG A 53 -10.80 8.48 -2.55
C ARG A 53 -10.41 8.88 -1.13
N ASP A 54 -10.67 10.13 -0.77
CA ASP A 54 -10.32 10.64 0.54
C ASP A 54 -11.49 10.54 1.52
N PHE A 55 -12.70 10.84 1.04
CA PHE A 55 -13.88 10.87 1.90
C PHE A 55 -14.71 9.60 1.83
N ASN A 56 -14.43 8.75 0.84
CA ASN A 56 -15.22 7.53 0.66
C ASN A 56 -15.31 6.67 1.93
N PRO A 57 -14.17 6.44 2.59
CA PRO A 57 -14.17 5.58 3.78
C PRO A 57 -15.08 6.10 4.88
N THR A 58 -15.44 7.37 4.83
CA THR A 58 -16.29 7.98 5.85
C THR A 58 -17.72 8.24 5.38
N ALA A 59 -17.90 8.39 4.07
CA ALA A 59 -19.20 8.71 3.48
C ALA A 59 -20.26 7.65 3.77
N THR A 60 -21.50 8.10 3.93
CA THR A 60 -22.62 7.20 4.15
C THR A 60 -23.17 6.67 2.82
N VAL A 61 -23.08 7.51 1.78
CA VAL A 61 -23.48 7.09 0.44
C VAL A 61 -22.26 6.55 -0.28
N LYS A 62 -22.17 5.21 -0.36
CA LYS A 62 -20.96 4.52 -0.77
C LYS A 62 -20.59 4.60 -2.25
N MET A 63 -21.50 5.10 -3.08
CA MET A 63 -21.21 5.22 -4.52
C MET A 63 -20.37 4.05 -5.04
N LEU A 64 -20.82 2.82 -4.76
CA LEU A 64 -20.10 1.61 -5.14
C LEU A 64 -20.00 1.38 -6.65
N PRO A 65 -18.79 1.09 -7.15
CA PRO A 65 -18.58 0.80 -8.56
C PRO A 65 -19.08 -0.60 -8.90
N THR A 66 -19.68 -0.75 -10.08
CA THR A 66 -20.34 -2.00 -10.45
C THR A 66 -19.56 -2.79 -11.51
N PHE A 67 -18.69 -2.09 -12.23
CA PHE A 67 -17.91 -2.72 -13.30
C PHE A 67 -18.79 -3.06 -14.50
N VAL A 68 -19.83 -2.27 -14.70
CA VAL A 68 -20.66 -2.34 -15.90
C VAL A 68 -20.38 -1.09 -16.71
N ARG A 69 -19.88 -1.26 -17.93
CA ARG A 69 -19.37 -0.14 -18.71
C ARG A 69 -20.43 0.63 -19.50
N SER A 70 -21.57 0.00 -19.73
CA SER A 70 -22.62 0.65 -20.51
C SER A 70 -23.82 -0.26 -20.77
N ILE A 71 -24.94 0.35 -21.12
CA ILE A 71 -26.17 -0.39 -21.39
C ILE A 71 -25.97 -1.28 -22.61
N PRO A 72 -26.75 -2.37 -22.71
CA PRO A 72 -26.63 -3.31 -23.82
C PRO A 72 -26.69 -2.60 -25.17
N ASP A 73 -26.00 -3.16 -26.16
CA ASP A 73 -25.98 -2.57 -27.50
C ASP A 73 -26.75 -3.46 -28.49
N GLY A 74 -26.90 -4.73 -28.14
CA GLY A 74 -27.60 -5.67 -29.00
C GLY A 74 -26.66 -6.70 -29.61
N SER A 75 -25.41 -6.67 -29.17
CA SER A 75 -24.42 -7.63 -29.64
C SER A 75 -24.41 -8.85 -28.73
N GLU A 76 -24.90 -8.65 -27.50
CA GLU A 76 -24.96 -9.74 -26.53
C GLU A 76 -25.69 -10.93 -27.13
N LYS A 77 -25.10 -12.11 -26.98
CA LYS A 77 -25.75 -13.32 -27.46
C LYS A 77 -25.27 -14.55 -26.68
N GLY A 78 -26.16 -15.51 -26.52
CA GLY A 78 -25.84 -16.73 -25.80
C GLY A 78 -27.02 -17.23 -25.00
N ASP A 79 -26.74 -18.05 -23.98
CA ASP A 79 -27.77 -18.58 -23.11
C ASP A 79 -27.30 -18.47 -21.66
N PHE A 80 -28.05 -17.76 -20.83
CA PHE A 80 -27.62 -17.51 -19.45
C PHE A 80 -28.71 -17.76 -18.42
N ILE A 81 -28.29 -18.09 -17.20
CA ILE A 81 -29.19 -18.22 -16.06
C ILE A 81 -28.97 -17.02 -15.13
N ALA A 82 -30.06 -16.50 -14.57
CA ALA A 82 -29.99 -15.35 -13.68
C ALA A 82 -30.70 -15.64 -12.35
N LEU A 83 -30.06 -15.24 -11.25
CA LEU A 83 -30.67 -15.35 -9.94
C LEU A 83 -31.07 -13.96 -9.47
N ASP A 84 -32.09 -13.89 -8.62
CA ASP A 84 -32.54 -12.61 -8.10
C ASP A 84 -33.02 -12.76 -6.66
N LEU A 85 -32.16 -12.37 -5.73
CA LEU A 85 -32.46 -12.48 -4.31
C LEU A 85 -32.38 -11.10 -3.66
N GLY A 86 -33.12 -10.91 -2.58
CA GLY A 86 -33.10 -9.64 -1.88
C GLY A 86 -34.32 -8.79 -2.15
N GLY A 87 -35.08 -9.17 -3.18
CA GLY A 87 -36.33 -8.49 -3.49
C GLY A 87 -37.49 -9.17 -2.79
N SER A 88 -38.72 -8.81 -3.16
CA SER A 88 -39.88 -9.43 -2.56
C SER A 88 -39.95 -10.92 -2.89
N SER A 89 -39.34 -11.31 -4.01
CA SER A 89 -39.38 -12.70 -4.44
C SER A 89 -38.01 -13.21 -4.88
N PHE A 90 -37.68 -14.44 -4.50
CA PHE A 90 -36.42 -15.07 -4.91
C PHE A 90 -36.59 -15.81 -6.23
N ARG A 91 -36.35 -15.11 -7.33
CA ARG A 91 -36.63 -15.64 -8.66
C ARG A 91 -35.38 -16.22 -9.36
N ILE A 92 -35.64 -17.06 -10.36
CA ILE A 92 -34.59 -17.65 -11.17
C ILE A 92 -35.07 -17.70 -12.63
N LEU A 93 -34.30 -17.12 -13.54
CA LEU A 93 -34.72 -17.04 -14.94
C LEU A 93 -33.74 -17.73 -15.88
N ARG A 94 -34.10 -17.72 -17.15
CA ARG A 94 -33.22 -18.19 -18.21
C ARG A 94 -33.42 -17.29 -19.42
N VAL A 95 -32.38 -16.54 -19.78
CA VAL A 95 -32.47 -15.62 -20.89
C VAL A 95 -31.62 -16.11 -22.05
N GLN A 96 -32.22 -16.15 -23.23
CA GLN A 96 -31.53 -16.65 -24.41
C GLN A 96 -31.67 -15.64 -25.55
N VAL A 97 -30.53 -15.26 -26.14
CA VAL A 97 -30.53 -14.24 -27.17
C VAL A 97 -29.46 -14.49 -28.21
N ASN A 98 -29.84 -14.38 -29.47
CA ASN A 98 -28.90 -14.53 -30.58
C ASN A 98 -29.49 -13.92 -31.83
N HIS A 99 -29.23 -12.63 -32.04
CA HIS A 99 -29.78 -11.96 -33.19
C HIS A 99 -29.22 -12.59 -34.46
N GLU A 100 -27.98 -13.05 -34.39
CA GLU A 100 -27.37 -13.73 -35.52
C GLU A 100 -28.34 -14.73 -36.11
N LYS A 101 -28.90 -15.58 -35.25
CA LYS A 101 -29.86 -16.60 -35.68
C LYS A 101 -31.26 -16.03 -35.72
N ASN A 102 -31.38 -14.77 -35.31
CA ASN A 102 -32.66 -14.10 -35.32
C ASN A 102 -33.53 -14.55 -34.15
N GLN A 103 -32.92 -15.25 -33.21
CA GLN A 103 -33.56 -15.49 -31.93
C GLN A 103 -33.73 -14.13 -31.28
N ASN A 104 -34.95 -13.84 -30.84
CA ASN A 104 -35.22 -12.58 -30.17
C ASN A 104 -35.19 -12.75 -28.66
N VAL A 105 -34.75 -11.73 -27.94
CA VAL A 105 -34.66 -11.85 -26.50
C VAL A 105 -35.84 -12.67 -25.97
N HIS A 106 -35.53 -13.83 -25.40
CA HIS A 106 -36.54 -14.72 -24.84
C HIS A 106 -36.14 -15.13 -23.44
N MET A 107 -37.12 -15.30 -22.55
CA MET A 107 -36.81 -15.64 -21.17
C MET A 107 -37.96 -16.27 -20.39
N GLU A 108 -37.65 -17.36 -19.69
CA GLU A 108 -38.59 -18.04 -18.81
C GLU A 108 -38.18 -17.78 -17.37
N SER A 109 -39.10 -17.97 -16.43
CA SER A 109 -38.77 -17.74 -15.02
C SER A 109 -39.61 -18.56 -14.05
N GLU A 110 -39.21 -18.53 -12.78
CA GLU A 110 -39.90 -19.26 -11.72
C GLU A 110 -39.55 -18.66 -10.37
N VAL A 111 -40.52 -18.62 -9.47
CA VAL A 111 -40.32 -18.07 -8.13
C VAL A 111 -40.30 -19.17 -7.07
N TYR A 112 -39.32 -19.11 -6.17
CA TYR A 112 -39.20 -20.11 -5.12
C TYR A 112 -39.61 -19.55 -3.76
N ASP A 113 -40.15 -20.41 -2.91
CA ASP A 113 -40.59 -20.02 -1.58
C ASP A 113 -39.42 -19.92 -0.63
N THR A 114 -39.38 -18.86 0.16
CA THR A 114 -38.31 -18.66 1.12
C THR A 114 -38.84 -18.05 2.42
N PRO A 115 -39.07 -18.91 3.42
CA PRO A 115 -39.62 -18.53 4.73
C PRO A 115 -38.74 -17.54 5.49
N GLU A 116 -39.37 -16.68 6.29
CA GLU A 116 -38.66 -15.72 7.11
C GLU A 116 -37.58 -16.44 7.92
N ASN A 117 -37.81 -17.73 8.14
CA ASN A 117 -36.87 -18.59 8.86
C ASN A 117 -35.47 -18.60 8.24
N ILE A 118 -35.42 -18.85 6.93
CA ILE A 118 -34.15 -18.92 6.20
C ILE A 118 -33.48 -17.55 6.10
N VAL A 119 -34.27 -16.55 5.69
CA VAL A 119 -33.78 -15.19 5.55
C VAL A 119 -33.12 -14.68 6.83
N HIS A 120 -33.42 -15.34 7.94
CA HIS A 120 -32.92 -14.90 9.24
C HIS A 120 -32.02 -15.94 9.91
N GLY A 121 -31.80 -17.06 9.23
CA GLY A 121 -30.97 -18.12 9.79
C GLY A 121 -29.50 -17.91 9.49
N SER A 122 -28.72 -18.99 9.54
CA SER A 122 -27.30 -18.92 9.25
C SER A 122 -27.05 -18.80 7.75
N GLY A 123 -25.91 -18.19 7.39
CA GLY A 123 -25.54 -18.05 5.99
C GLY A 123 -25.65 -19.38 5.29
N SER A 124 -25.39 -20.45 6.02
CA SER A 124 -25.48 -21.81 5.49
C SER A 124 -26.88 -22.08 4.97
N GLN A 125 -27.85 -22.19 5.89
CA GLN A 125 -29.23 -22.40 5.52
C GLN A 125 -29.55 -21.63 4.24
N LEU A 126 -29.45 -20.30 4.32
CA LEU A 126 -29.77 -19.43 3.19
C LEU A 126 -29.18 -19.94 1.88
N PHE A 127 -27.85 -20.01 1.81
CA PHE A 127 -27.18 -20.37 0.57
C PHE A 127 -27.28 -21.85 0.21
N ASP A 128 -27.67 -22.68 1.17
CA ASP A 128 -27.97 -24.08 0.89
C ASP A 128 -29.32 -24.12 0.19
N HIS A 129 -30.19 -23.20 0.58
CA HIS A 129 -31.52 -23.06 0.00
C HIS A 129 -31.42 -22.58 -1.43
N VAL A 130 -30.56 -21.59 -1.66
CA VAL A 130 -30.35 -21.05 -3.00
C VAL A 130 -29.73 -22.09 -3.93
N ALA A 131 -28.77 -22.85 -3.40
CA ALA A 131 -28.08 -23.88 -4.19
C ALA A 131 -29.01 -25.03 -4.55
N GLU A 132 -29.96 -25.29 -3.65
CA GLU A 132 -30.95 -26.34 -3.88
C GLU A 132 -31.98 -25.87 -4.92
N CYS A 133 -32.39 -24.62 -4.82
CA CYS A 133 -33.36 -24.05 -5.76
C CYS A 133 -32.80 -23.96 -7.18
N LEU A 134 -31.50 -23.70 -7.30
CA LEU A 134 -30.85 -23.66 -8.60
C LEU A 134 -30.73 -25.07 -9.16
N GLY A 135 -30.42 -26.02 -8.29
CA GLY A 135 -30.33 -27.42 -8.69
C GLY A 135 -31.64 -27.90 -9.26
N ASP A 136 -32.74 -27.51 -8.61
CA ASP A 136 -34.07 -27.90 -9.03
C ASP A 136 -34.48 -27.20 -10.33
N PHE A 137 -34.20 -25.90 -10.42
CA PHE A 137 -34.53 -25.12 -11.60
C PHE A 137 -33.83 -25.66 -12.85
N MET A 138 -32.65 -26.24 -12.66
CA MET A 138 -31.89 -26.82 -13.77
C MET A 138 -32.30 -28.26 -14.04
N GLU A 139 -32.88 -28.92 -13.03
CA GLU A 139 -33.35 -30.28 -13.18
C GLU A 139 -34.61 -30.32 -14.04
N LYS A 140 -35.45 -29.29 -13.91
CA LYS A 140 -36.69 -29.21 -14.66
C LYS A 140 -36.44 -29.02 -16.15
N ARG A 141 -35.58 -28.07 -16.52
CA ARG A 141 -35.23 -27.86 -17.91
C ARG A 141 -34.12 -28.84 -18.32
N LYS A 142 -33.65 -29.62 -17.37
CA LYS A 142 -32.56 -30.57 -17.61
C LYS A 142 -31.36 -29.91 -18.29
N ILE A 143 -30.95 -28.78 -17.75
CA ILE A 143 -29.77 -28.08 -18.24
C ILE A 143 -28.59 -28.33 -17.31
N LYS A 144 -28.77 -29.25 -16.37
CA LYS A 144 -27.68 -29.62 -15.46
C LYS A 144 -26.44 -29.93 -16.28
N ASP A 145 -26.55 -30.90 -17.18
CA ASP A 145 -25.57 -31.04 -18.23
C ASP A 145 -25.63 -29.71 -18.95
N LYS A 146 -24.53 -29.28 -19.56
CA LYS A 146 -24.50 -27.97 -20.17
C LYS A 146 -23.98 -26.97 -19.16
N LYS A 147 -23.37 -25.91 -19.65
CA LYS A 147 -22.62 -25.02 -18.77
C LYS A 147 -23.06 -23.59 -18.99
N LEU A 148 -24.30 -23.29 -18.62
CA LEU A 148 -24.78 -21.93 -18.74
C LEU A 148 -24.08 -21.05 -17.72
N PRO A 149 -23.71 -19.82 -18.15
CA PRO A 149 -23.15 -18.81 -17.26
C PRO A 149 -24.24 -18.26 -16.35
N VAL A 150 -23.96 -18.19 -15.05
CA VAL A 150 -24.94 -17.71 -14.10
C VAL A 150 -24.72 -16.25 -13.75
N GLY A 151 -25.80 -15.47 -13.80
CA GLY A 151 -25.78 -14.10 -13.33
C GLY A 151 -26.42 -14.09 -11.96
N PHE A 152 -26.14 -13.06 -11.17
CA PHE A 152 -26.65 -13.00 -9.81
C PHE A 152 -27.01 -11.58 -9.40
N THR A 153 -28.31 -11.30 -9.39
CA THR A 153 -28.80 -10.04 -8.87
C THR A 153 -28.92 -10.18 -7.36
N PHE A 154 -28.15 -9.35 -6.64
CA PHE A 154 -28.08 -9.41 -5.20
C PHE A 154 -28.30 -7.98 -4.69
N SER A 155 -29.53 -7.69 -4.28
CA SER A 155 -29.92 -6.31 -3.94
C SER A 155 -29.43 -5.84 -2.57
N PHE A 156 -28.12 -5.83 -2.39
CA PHE A 156 -27.50 -5.40 -1.14
C PHE A 156 -26.18 -4.69 -1.41
N PRO A 157 -25.81 -3.74 -0.55
CA PRO A 157 -24.54 -3.06 -0.78
C PRO A 157 -23.40 -4.08 -0.75
N CYS A 158 -22.57 -4.07 -1.79
CA CYS A 158 -21.50 -5.06 -1.90
C CYS A 158 -20.15 -4.47 -2.31
N GLN A 159 -19.09 -5.00 -1.71
CA GLN A 159 -17.73 -4.62 -2.06
C GLN A 159 -17.30 -5.40 -3.30
N GLN A 160 -16.91 -4.70 -4.36
CA GLN A 160 -16.54 -5.35 -5.60
C GLN A 160 -15.24 -4.84 -6.19
N SER A 161 -14.28 -5.76 -6.39
CA SER A 161 -13.03 -5.45 -7.06
C SER A 161 -13.07 -5.99 -8.49
N LYS A 162 -13.96 -6.96 -8.71
CA LYS A 162 -14.24 -7.47 -10.05
C LYS A 162 -15.71 -7.92 -10.13
N ILE A 163 -16.26 -7.91 -11.33
CA ILE A 163 -17.68 -8.18 -11.53
C ILE A 163 -18.16 -9.50 -10.91
N ASP A 164 -17.25 -10.48 -10.80
CA ASP A 164 -17.64 -11.79 -10.29
C ASP A 164 -17.28 -11.96 -8.81
N GLU A 165 -17.32 -10.86 -8.08
CA GLU A 165 -17.03 -10.86 -6.66
C GLU A 165 -18.00 -9.94 -5.92
N ALA A 166 -18.48 -10.37 -4.77
CA ALA A 166 -19.42 -9.56 -3.99
C ALA A 166 -19.26 -9.77 -2.48
N ILE A 167 -18.53 -8.89 -1.84
CA ILE A 167 -18.39 -8.94 -0.39
C ILE A 167 -19.51 -8.14 0.25
N LEU A 168 -20.41 -8.85 0.93
CA LEU A 168 -21.55 -8.21 1.57
C LEU A 168 -21.11 -7.18 2.60
N ILE A 169 -21.40 -5.92 2.34
CA ILE A 169 -21.06 -4.87 3.30
C ILE A 169 -22.02 -4.91 4.48
N THR A 170 -23.32 -4.99 4.20
CA THR A 170 -24.30 -5.07 5.28
C THR A 170 -25.70 -5.47 4.80
N TRP A 171 -26.33 -6.41 5.51
CA TRP A 171 -27.71 -6.77 5.23
C TRP A 171 -28.59 -5.53 5.36
N THR A 172 -29.66 -5.50 4.56
CA THR A 172 -30.66 -4.45 4.67
C THR A 172 -32.02 -5.08 4.44
N LYS A 173 -33.08 -4.29 4.63
CA LYS A 173 -34.44 -4.80 4.42
C LYS A 173 -34.79 -5.93 5.39
N ARG A 174 -35.14 -7.11 4.87
CA ARG A 174 -35.65 -8.18 5.71
C ARG A 174 -34.62 -9.25 6.08
N PHE A 175 -33.38 -9.07 5.64
CA PHE A 175 -32.37 -10.09 5.87
C PHE A 175 -31.47 -9.82 7.06
N LYS A 176 -31.27 -10.85 7.88
CA LYS A 176 -30.15 -10.90 8.82
C LYS A 176 -29.70 -12.34 8.83
N ALA A 177 -28.67 -12.66 8.08
CA ALA A 177 -28.14 -14.02 8.10
C ALA A 177 -26.72 -14.02 8.64
N SER A 178 -26.48 -14.85 9.66
CA SER A 178 -25.20 -14.87 10.34
C SER A 178 -24.09 -15.44 9.46
N GLY A 179 -22.94 -14.76 9.46
CA GLY A 179 -21.77 -15.26 8.76
C GLY A 179 -21.82 -14.98 7.27
N VAL A 180 -22.19 -13.75 6.91
CA VAL A 180 -22.26 -13.38 5.50
C VAL A 180 -21.63 -12.00 5.29
N GLU A 181 -22.00 -11.06 6.16
CA GLU A 181 -21.42 -9.72 6.07
C GLU A 181 -19.90 -9.81 6.16
N GLY A 182 -19.22 -9.17 5.22
CA GLY A 182 -17.76 -9.22 5.17
C GLY A 182 -17.24 -10.47 4.49
N ALA A 183 -18.14 -11.24 3.91
CA ALA A 183 -17.75 -12.43 3.14
C ALA A 183 -18.15 -12.29 1.67
N ASP A 184 -17.55 -13.10 0.81
CA ASP A 184 -17.87 -13.08 -0.61
C ASP A 184 -19.04 -14.01 -0.89
N VAL A 185 -20.19 -13.42 -1.21
CA VAL A 185 -21.40 -14.20 -1.46
C VAL A 185 -21.21 -15.16 -2.63
N VAL A 186 -20.34 -14.79 -3.55
CA VAL A 186 -20.04 -15.68 -4.68
C VAL A 186 -19.40 -16.96 -4.15
N LYS A 187 -18.38 -16.82 -3.31
CA LYS A 187 -17.71 -17.97 -2.72
C LYS A 187 -18.66 -18.76 -1.83
N LEU A 188 -19.51 -18.06 -1.09
CA LEU A 188 -20.45 -18.71 -0.19
C LEU A 188 -21.45 -19.56 -0.97
N LEU A 189 -21.96 -18.99 -2.06
CA LEU A 189 -22.88 -19.71 -2.93
C LEU A 189 -22.21 -20.94 -3.53
N ASN A 190 -21.05 -20.73 -4.14
CA ASN A 190 -20.26 -21.84 -4.69
C ASN A 190 -20.12 -22.98 -3.68
N LYS A 191 -19.68 -22.63 -2.48
CA LYS A 191 -19.49 -23.63 -1.43
C LYS A 191 -20.77 -24.44 -1.20
N ALA A 192 -21.91 -23.75 -1.19
CA ALA A 192 -23.20 -24.41 -0.98
C ALA A 192 -23.46 -25.42 -2.10
N ILE A 193 -23.10 -25.04 -3.32
CA ILE A 193 -23.29 -25.91 -4.48
C ILE A 193 -22.41 -27.15 -4.40
N LYS A 194 -21.10 -26.94 -4.38
CA LYS A 194 -20.15 -28.04 -4.34
C LYS A 194 -20.50 -29.03 -3.23
N LYS A 195 -21.10 -28.54 -2.14
CA LYS A 195 -21.49 -29.40 -1.03
C LYS A 195 -22.58 -30.38 -1.44
N ARG A 196 -23.34 -30.03 -2.48
CA ARG A 196 -24.38 -30.91 -3.00
C ARG A 196 -23.79 -31.88 -4.01
N GLY A 197 -22.77 -31.42 -4.75
CA GLY A 197 -22.18 -32.21 -5.81
C GLY A 197 -23.23 -32.59 -6.83
N ASP A 198 -24.41 -32.00 -6.68
CA ASP A 198 -25.54 -32.28 -7.55
C ASP A 198 -25.32 -31.77 -8.97
N TYR A 199 -24.59 -30.66 -9.09
CA TYR A 199 -24.35 -30.04 -10.40
C TYR A 199 -23.21 -29.03 -10.35
N ASP A 200 -23.07 -28.26 -11.42
CA ASP A 200 -22.04 -27.22 -11.51
C ASP A 200 -22.64 -25.86 -11.85
N ALA A 201 -21.93 -24.80 -11.49
CA ALA A 201 -22.40 -23.44 -11.76
C ALA A 201 -21.25 -22.44 -11.82
N ASN A 202 -21.16 -21.75 -12.95
CA ASN A 202 -20.12 -20.74 -13.15
C ASN A 202 -20.68 -19.33 -12.96
N ILE A 203 -20.71 -18.88 -11.70
CA ILE A 203 -21.25 -17.56 -11.39
C ILE A 203 -20.33 -16.47 -11.94
N VAL A 204 -20.69 -15.94 -13.09
CA VAL A 204 -19.84 -14.99 -13.80
C VAL A 204 -19.99 -13.55 -13.33
N ALA A 205 -21.12 -13.23 -12.69
CA ALA A 205 -21.36 -11.85 -12.30
C ALA A 205 -22.37 -11.68 -11.16
N VAL A 206 -22.28 -10.52 -10.52
CA VAL A 206 -23.21 -10.13 -9.47
C VAL A 206 -23.52 -8.67 -9.66
N VAL A 207 -24.80 -8.33 -9.71
CA VAL A 207 -25.21 -6.95 -9.91
C VAL A 207 -26.28 -6.56 -8.90
N ASN A 208 -26.38 -5.26 -8.61
CA ASN A 208 -27.46 -4.74 -7.81
C ASN A 208 -28.72 -4.73 -8.67
N ASP A 209 -29.89 -4.77 -8.05
CA ASP A 209 -31.14 -4.76 -8.82
C ASP A 209 -31.33 -3.43 -9.52
N THR A 210 -30.77 -2.36 -8.97
CA THR A 210 -30.81 -1.08 -9.64
C THR A 210 -30.06 -1.21 -10.96
N VAL A 211 -28.90 -1.83 -10.90
CA VAL A 211 -28.08 -2.03 -12.10
C VAL A 211 -28.81 -2.90 -13.12
N GLY A 212 -29.39 -4.01 -12.66
CA GLY A 212 -30.13 -4.91 -13.54
C GLY A 212 -31.28 -4.19 -14.21
N THR A 213 -31.97 -3.35 -13.44
CA THR A 213 -33.09 -2.58 -13.94
C THR A 213 -32.65 -1.54 -14.97
N MET A 214 -31.50 -0.90 -14.74
CA MET A 214 -30.99 0.08 -15.69
C MET A 214 -30.67 -0.61 -17.01
N MET A 215 -30.11 -1.82 -16.91
CA MET A 215 -29.71 -2.56 -18.08
C MET A 215 -30.91 -3.03 -18.88
N THR A 216 -31.96 -3.43 -18.18
CA THR A 216 -33.18 -3.89 -18.84
C THR A 216 -33.82 -2.80 -19.67
N CYS A 217 -33.95 -1.61 -19.09
CA CYS A 217 -34.51 -0.48 -19.82
C CYS A 217 -33.53 0.03 -20.86
N GLY A 218 -32.24 -0.03 -20.53
CA GLY A 218 -31.21 0.38 -21.48
C GLY A 218 -31.33 -0.43 -22.75
N TYR A 219 -31.67 -1.71 -22.63
CA TYR A 219 -31.79 -2.57 -23.78
C TYR A 219 -32.83 -2.05 -24.78
N ASP A 220 -33.89 -1.45 -24.28
CA ASP A 220 -34.96 -0.92 -25.13
C ASP A 220 -34.81 0.57 -25.39
N ASP A 221 -34.17 1.27 -24.46
CA ASP A 221 -34.02 2.73 -24.58
C ASP A 221 -32.57 3.16 -24.47
N GLN A 222 -31.97 3.45 -25.61
CA GLN A 222 -30.55 3.80 -25.67
C GLN A 222 -30.18 5.06 -24.90
N HIS A 223 -31.17 5.70 -24.27
CA HIS A 223 -30.90 6.92 -23.51
C HIS A 223 -30.85 6.66 -22.00
N CYS A 224 -31.25 5.45 -21.60
CA CYS A 224 -31.31 5.08 -20.19
C CYS A 224 -29.94 5.17 -19.51
N GLU A 225 -29.80 6.12 -18.59
CA GLU A 225 -28.55 6.34 -17.87
C GLU A 225 -28.73 6.20 -16.36
N VAL A 226 -29.92 5.77 -15.94
CA VAL A 226 -30.23 5.64 -14.52
C VAL A 226 -31.01 4.38 -14.19
N GLY A 227 -30.76 3.82 -13.01
CA GLY A 227 -31.50 2.66 -12.53
C GLY A 227 -32.14 2.98 -11.20
N LEU A 228 -33.45 2.76 -11.09
CA LEU A 228 -34.18 3.14 -9.88
C LEU A 228 -35.03 2.00 -9.32
N ILE A 229 -34.95 1.81 -8.01
CA ILE A 229 -35.75 0.80 -7.34
C ILE A 229 -36.48 1.38 -6.15
N ILE A 230 -37.80 1.20 -6.15
CA ILE A 230 -38.63 1.67 -5.06
C ILE A 230 -39.62 0.59 -4.66
N GLY A 231 -39.10 -0.50 -4.11
CA GLY A 231 -39.92 -1.63 -3.67
C GLY A 231 -39.73 -1.86 -2.18
N THR A 232 -39.47 -3.11 -1.80
CA THR A 232 -39.17 -3.41 -0.40
C THR A 232 -38.18 -2.38 0.13
N GLY A 233 -37.12 -2.11 -0.65
CA GLY A 233 -36.14 -1.10 -0.29
C GLY A 233 -36.05 -0.04 -1.37
N THR A 234 -35.14 0.92 -1.20
CA THR A 234 -34.95 1.96 -2.20
C THR A 234 -33.47 2.22 -2.45
N ASN A 235 -33.13 2.47 -3.72
CA ASN A 235 -31.75 2.69 -4.12
C ASN A 235 -31.67 3.03 -5.61
N ALA A 236 -30.63 3.75 -6.00
CA ALA A 236 -30.48 4.17 -7.39
C ALA A 236 -29.03 4.06 -7.89
N CYS A 237 -28.88 3.67 -9.15
CA CYS A 237 -27.57 3.62 -9.81
C CYS A 237 -27.60 4.52 -11.03
N TYR A 238 -26.43 4.85 -11.57
CA TYR A 238 -26.36 5.72 -12.73
C TYR A 238 -25.00 5.66 -13.41
N MET A 239 -24.93 6.20 -14.62
CA MET A 239 -23.70 6.19 -15.39
C MET A 239 -22.79 7.37 -15.04
N GLU A 240 -21.66 7.05 -14.40
CA GLU A 240 -20.72 8.07 -13.97
C GLU A 240 -19.44 7.99 -14.79
N GLU A 241 -18.75 9.12 -14.93
CA GLU A 241 -17.48 9.17 -15.67
C GLU A 241 -16.37 8.49 -14.88
N LEU A 242 -15.51 7.76 -15.58
CA LEU A 242 -14.37 7.14 -14.93
C LEU A 242 -13.44 8.20 -14.32
N ARG A 243 -13.35 9.34 -14.99
CA ARG A 243 -12.51 10.44 -14.51
C ARG A 243 -13.06 11.03 -13.21
N HIS A 244 -14.11 10.39 -12.67
CA HIS A 244 -14.71 10.86 -11.43
C HIS A 244 -14.76 9.75 -10.39
N ILE A 245 -14.49 8.52 -10.83
CA ILE A 245 -14.48 7.38 -9.93
C ILE A 245 -13.06 7.15 -9.37
N ASP A 246 -12.67 8.01 -8.44
CA ASP A 246 -11.35 7.93 -7.84
C ASP A 246 -10.93 6.51 -7.49
N LEU A 247 -11.89 5.68 -7.08
CA LEU A 247 -11.58 4.32 -6.61
C LEU A 247 -11.41 3.29 -7.73
N VAL A 248 -11.33 3.76 -8.97
CA VAL A 248 -11.12 2.86 -10.10
C VAL A 248 -10.09 3.43 -11.06
N GLU A 249 -8.99 2.71 -11.25
CA GLU A 249 -7.92 3.19 -12.13
C GLU A 249 -8.39 3.33 -13.58
N GLY A 250 -8.43 4.56 -14.06
CA GLY A 250 -8.83 4.83 -15.43
C GLY A 250 -9.51 6.17 -15.62
N ASP A 251 -9.51 6.63 -16.87
CA ASP A 251 -10.18 7.87 -17.25
C ASP A 251 -10.99 7.57 -18.51
N GLU A 252 -10.79 6.35 -19.02
CA GLU A 252 -11.43 5.91 -20.24
C GLU A 252 -12.90 5.59 -20.02
N GLY A 253 -13.77 6.25 -20.78
CA GLY A 253 -15.20 5.95 -20.76
C GLY A 253 -15.92 6.18 -19.45
N ARG A 254 -16.99 5.41 -19.25
CA ARG A 254 -17.86 5.56 -18.08
C ARG A 254 -18.12 4.22 -17.41
N MET A 255 -18.63 4.27 -16.18
CA MET A 255 -18.99 3.07 -15.44
C MET A 255 -20.23 3.30 -14.60
N CYS A 256 -21.01 2.24 -14.38
CA CYS A 256 -22.23 2.35 -13.59
C CYS A 256 -21.90 2.33 -12.10
N ILE A 257 -22.46 3.28 -11.38
CA ILE A 257 -22.22 3.40 -9.95
C ILE A 257 -23.48 3.21 -9.13
N ASN A 258 -23.50 2.19 -8.29
CA ASN A 258 -24.59 1.93 -7.37
C ASN A 258 -24.47 2.86 -6.16
N THR A 259 -25.32 3.88 -6.10
CA THR A 259 -25.18 4.88 -5.04
C THR A 259 -25.49 4.34 -3.65
N GLU A 260 -26.39 3.36 -3.56
CA GLU A 260 -26.80 2.84 -2.27
C GLU A 260 -27.30 3.98 -1.37
N TRP A 261 -28.21 4.80 -1.88
CA TRP A 261 -28.66 5.97 -1.14
C TRP A 261 -29.58 5.64 0.05
N GLY A 262 -29.91 4.37 0.23
CA GLY A 262 -30.70 3.97 1.38
C GLY A 262 -30.08 4.46 2.68
N ALA A 263 -28.74 4.38 2.75
CA ALA A 263 -28.01 4.75 3.95
C ALA A 263 -27.79 6.25 4.06
N PHE A 264 -28.42 7.00 3.17
CA PHE A 264 -28.37 8.46 3.23
C PHE A 264 -28.87 8.92 4.60
N GLY A 265 -28.01 9.61 5.35
CA GLY A 265 -28.39 10.14 6.65
C GLY A 265 -28.11 9.24 7.84
N ASP A 266 -27.52 8.08 7.58
CA ASP A 266 -27.17 7.16 8.67
C ASP A 266 -26.22 7.81 9.67
N ASP A 267 -25.75 9.02 9.36
CA ASP A 267 -24.83 9.73 10.23
C ASP A 267 -25.42 11.03 10.79
N GLY A 268 -26.74 11.14 10.77
CA GLY A 268 -27.42 12.30 11.32
C GLY A 268 -27.60 13.43 10.32
N SER A 269 -27.23 13.18 9.07
CA SER A 269 -27.37 14.17 8.01
C SER A 269 -28.81 14.64 7.86
N LEU A 270 -29.75 13.75 8.19
CA LEU A 270 -31.16 14.03 7.98
C LEU A 270 -31.96 14.03 9.28
N GLU A 271 -31.28 14.30 10.39
CA GLU A 271 -31.94 14.30 11.68
C GLU A 271 -33.04 15.36 11.78
N ASP A 272 -32.88 16.45 11.04
CA ASP A 272 -33.87 17.52 11.04
C ASP A 272 -35.10 17.14 10.21
N ILE A 273 -34.97 16.12 9.37
CA ILE A 273 -36.07 15.69 8.52
C ILE A 273 -36.85 14.53 9.15
N ARG A 274 -36.13 13.63 9.81
CA ARG A 274 -36.77 12.48 10.45
C ARG A 274 -37.72 12.88 11.58
N THR A 275 -38.67 12.01 11.89
CA THR A 275 -39.67 12.30 12.92
C THR A 275 -39.73 11.21 13.97
N GLU A 276 -40.40 11.51 15.08
CA GLU A 276 -40.55 10.55 16.18
C GLU A 276 -41.03 9.21 15.66
N PHE A 277 -41.75 9.22 14.54
CA PHE A 277 -42.31 8.00 13.97
C PHE A 277 -41.23 7.17 13.26
N ASP A 278 -40.32 7.86 12.59
CA ASP A 278 -39.20 7.21 11.93
C ASP A 278 -38.25 6.60 12.95
N ARG A 279 -38.10 7.28 14.08
CA ARG A 279 -37.21 6.82 15.14
C ARG A 279 -37.75 5.59 15.86
N GLU A 280 -39.07 5.46 15.91
CA GLU A 280 -39.65 4.31 16.58
C GLU A 280 -39.64 3.08 15.68
N ILE A 281 -39.97 3.29 14.41
CA ILE A 281 -39.89 2.20 13.44
C ILE A 281 -38.45 1.71 13.42
N ASP A 282 -37.52 2.65 13.47
CA ASP A 282 -36.10 2.34 13.52
C ASP A 282 -35.80 1.43 14.71
N ARG A 283 -36.20 1.87 15.90
CA ARG A 283 -35.92 1.11 17.13
C ARG A 283 -36.48 -0.30 17.09
N GLY A 284 -37.45 -0.53 16.21
CA GLY A 284 -38.08 -1.84 16.10
C GLY A 284 -37.62 -2.61 14.88
N SER A 285 -36.66 -2.04 14.15
CA SER A 285 -36.21 -2.60 12.90
C SER A 285 -35.18 -3.72 13.08
N LEU A 286 -34.87 -4.38 11.97
CA LEU A 286 -33.91 -5.47 11.97
C LEU A 286 -32.48 -4.91 11.96
N ASN A 287 -32.32 -3.74 11.37
CA ASN A 287 -31.02 -3.07 11.28
C ASN A 287 -31.05 -1.68 11.91
N PRO A 288 -31.14 -1.62 13.25
CA PRO A 288 -31.26 -0.36 13.98
C PRO A 288 -30.17 0.64 13.62
N GLY A 289 -30.57 1.84 13.25
CA GLY A 289 -29.63 2.92 13.00
C GLY A 289 -29.17 3.03 11.55
N LYS A 290 -29.52 2.04 10.73
CA LYS A 290 -29.06 2.02 9.35
C LYS A 290 -30.18 2.05 8.31
N GLN A 291 -29.83 2.48 7.10
CA GLN A 291 -30.81 2.63 6.02
C GLN A 291 -31.90 3.58 6.49
N LEU A 292 -31.49 4.75 6.98
CA LEU A 292 -32.44 5.71 7.51
C LEU A 292 -33.28 6.39 6.42
N PHE A 293 -32.62 6.89 5.38
CA PHE A 293 -33.32 7.53 4.28
C PHE A 293 -34.34 6.56 3.70
N GLU A 294 -33.95 5.29 3.63
CA GLU A 294 -34.79 4.24 3.08
C GLU A 294 -35.98 3.93 3.99
N LYS A 295 -35.77 4.01 5.30
CA LYS A 295 -36.84 3.70 6.25
C LYS A 295 -37.95 4.74 6.22
N MET A 296 -37.73 5.82 5.48
CA MET A 296 -38.75 6.83 5.28
C MET A 296 -39.42 6.66 3.91
N VAL A 297 -38.98 5.68 3.14
CA VAL A 297 -39.39 5.58 1.74
C VAL A 297 -39.99 4.24 1.33
N SER A 298 -39.19 3.19 1.34
CA SER A 298 -39.61 1.92 0.72
C SER A 298 -40.85 1.28 1.35
N GLY A 299 -41.47 0.38 0.60
CA GLY A 299 -42.74 -0.24 0.98
C GLY A 299 -42.63 -1.33 2.03
N MET A 300 -41.45 -1.51 2.59
CA MET A 300 -41.32 -2.44 3.71
C MET A 300 -41.65 -1.70 5.00
N TYR A 301 -41.58 -0.38 4.95
CA TYR A 301 -41.71 0.43 6.15
C TYR A 301 -42.97 1.30 6.13
N LEU A 302 -43.38 1.75 4.96
CA LEU A 302 -44.51 2.67 4.84
C LEU A 302 -45.72 2.25 5.70
N GLY A 303 -46.24 1.06 5.44
CA GLY A 303 -47.42 0.58 6.17
C GLY A 303 -47.24 0.63 7.68
N GLU A 304 -46.09 0.16 8.15
CA GLU A 304 -45.80 0.09 9.58
C GLU A 304 -45.67 1.48 10.17
N LEU A 305 -45.18 2.42 9.38
CA LEU A 305 -45.06 3.81 9.81
C LEU A 305 -46.46 4.38 10.03
N VAL A 306 -47.39 4.00 9.18
CA VAL A 306 -48.77 4.45 9.29
C VAL A 306 -49.42 3.90 10.55
N ARG A 307 -49.28 2.60 10.77
CA ARG A 307 -49.86 1.95 11.94
C ARG A 307 -49.40 2.64 13.21
N LEU A 308 -48.18 3.16 13.19
CA LEU A 308 -47.62 3.86 14.34
C LEU A 308 -48.27 5.22 14.52
N ILE A 309 -48.47 5.94 13.43
CA ILE A 309 -49.10 7.26 13.49
C ILE A 309 -50.53 7.13 14.02
N LEU A 310 -51.20 6.05 13.61
CA LEU A 310 -52.57 5.81 14.06
C LEU A 310 -52.60 5.54 15.56
N VAL A 311 -51.89 4.51 15.98
CA VAL A 311 -51.80 4.18 17.41
C VAL A 311 -51.63 5.45 18.25
N LYS A 312 -50.73 6.32 17.81
CA LYS A 312 -50.50 7.61 18.48
C LYS A 312 -51.79 8.40 18.60
N MET A 313 -52.47 8.62 17.47
CA MET A 313 -53.72 9.36 17.46
C MET A 313 -54.78 8.67 18.32
N ALA A 314 -54.96 7.37 18.09
CA ALA A 314 -55.95 6.58 18.82
C ALA A 314 -55.78 6.68 20.34
N LYS A 315 -54.54 6.61 20.80
CA LYS A 315 -54.24 6.79 22.22
C LYS A 315 -54.67 8.17 22.66
N GLU A 316 -54.61 9.12 21.73
CA GLU A 316 -55.04 10.48 22.00
C GLU A 316 -56.50 10.69 21.60
N GLY A 317 -57.17 9.58 21.28
CA GLY A 317 -58.61 9.59 21.00
C GLY A 317 -59.05 10.19 19.69
N LEU A 318 -58.11 10.64 18.88
CA LEU A 318 -58.44 11.29 17.61
C LEU A 318 -59.05 10.32 16.60
N LEU A 319 -59.04 9.03 16.95
CA LEU A 319 -59.57 8.01 16.06
C LEU A 319 -60.33 6.93 16.83
N PHE A 320 -61.32 6.34 16.18
CA PHE A 320 -62.07 5.26 16.78
C PHE A 320 -62.54 5.71 18.15
N GLU A 321 -62.96 6.98 18.23
CA GLU A 321 -63.23 7.55 19.52
C GLU A 321 -61.92 7.37 20.30
N GLY A 322 -61.98 6.69 21.43
CA GLY A 322 -60.76 6.45 22.21
C GLY A 322 -60.23 5.03 22.08
N ARG A 323 -60.88 4.24 21.24
CA ARG A 323 -60.66 2.79 21.20
C ARG A 323 -59.30 2.36 20.68
N ILE A 324 -58.76 1.29 21.27
CA ILE A 324 -57.51 0.69 20.85
C ILE A 324 -57.57 -0.81 21.11
N THR A 325 -57.23 -1.61 20.10
CA THR A 325 -57.27 -3.06 20.23
C THR A 325 -55.87 -3.66 20.19
N PRO A 326 -55.74 -4.92 20.62
CA PRO A 326 -54.48 -5.65 20.60
C PRO A 326 -53.90 -5.74 19.18
N GLU A 327 -54.76 -5.74 18.17
CA GLU A 327 -54.32 -5.79 16.79
C GLU A 327 -53.72 -4.46 16.33
N LEU A 328 -54.39 -3.37 16.68
CA LEU A 328 -53.90 -2.04 16.29
C LEU A 328 -52.53 -1.76 16.89
N LEU A 329 -52.15 -2.56 17.88
CA LEU A 329 -50.87 -2.38 18.56
C LEU A 329 -49.85 -3.42 18.11
N THR A 330 -50.35 -4.49 17.49
CA THR A 330 -49.50 -5.56 17.02
C THR A 330 -48.70 -5.14 15.79
N ARG A 331 -47.39 -5.32 15.87
CA ARG A 331 -46.50 -4.96 14.77
C ARG A 331 -46.88 -5.63 13.45
N GLY A 332 -46.97 -4.85 12.39
CA GLY A 332 -47.17 -5.39 11.06
C GLY A 332 -48.60 -5.74 10.69
N LYS A 333 -49.55 -5.36 11.54
CA LYS A 333 -50.96 -5.60 11.24
C LYS A 333 -51.44 -4.69 10.12
N PHE A 334 -50.66 -3.66 9.82
CA PHE A 334 -51.03 -2.71 8.78
C PHE A 334 -50.02 -2.67 7.63
N ASN A 335 -50.34 -3.38 6.55
CA ASN A 335 -49.46 -3.51 5.40
C ASN A 335 -49.44 -2.30 4.48
N THR A 336 -48.45 -2.27 3.59
CA THR A 336 -48.40 -1.29 2.52
C THR A 336 -49.43 -1.67 1.47
N SER A 337 -49.81 -2.95 1.47
CA SER A 337 -50.91 -3.42 0.64
C SER A 337 -52.14 -2.60 0.98
N ASP A 338 -52.31 -2.35 2.28
CA ASP A 338 -53.44 -1.60 2.79
C ASP A 338 -53.27 -0.11 2.49
N VAL A 339 -52.06 0.40 2.65
CA VAL A 339 -51.79 1.78 2.29
C VAL A 339 -52.19 2.00 0.84
N SER A 340 -52.03 0.96 0.03
CA SER A 340 -52.37 1.03 -1.38
C SER A 340 -53.87 0.86 -1.63
N ALA A 341 -54.42 -0.26 -1.13
CA ALA A 341 -55.84 -0.53 -1.28
C ALA A 341 -56.69 0.64 -0.79
N ILE A 342 -56.19 1.35 0.22
CA ILE A 342 -56.88 2.50 0.78
C ILE A 342 -56.66 3.76 -0.06
N GLU A 343 -55.67 3.71 -0.94
CA GLU A 343 -55.32 4.87 -1.76
C GLU A 343 -56.14 4.93 -3.05
N LYS A 344 -56.77 3.81 -3.41
CA LYS A 344 -57.53 3.74 -4.64
C LYS A 344 -58.66 4.78 -4.69
N ASN A 345 -58.99 5.21 -5.91
CA ASN A 345 -59.94 6.31 -6.11
C ASN A 345 -61.41 5.99 -5.83
N LYS A 346 -61.88 4.85 -6.30
CA LYS A 346 -63.29 4.49 -6.15
C LYS A 346 -63.54 3.51 -5.01
N GLU A 347 -62.57 2.64 -4.76
CA GLU A 347 -62.73 1.60 -3.76
C GLU A 347 -61.93 1.89 -2.49
N GLY A 348 -61.26 3.03 -2.46
CA GLY A 348 -60.41 3.39 -1.33
C GLY A 348 -61.10 3.34 0.02
N LEU A 349 -62.05 4.25 0.22
CA LEU A 349 -62.76 4.34 1.49
C LEU A 349 -63.45 3.04 1.84
N HIS A 350 -64.04 2.39 0.84
CA HIS A 350 -64.70 1.10 1.06
C HIS A 350 -63.70 0.06 1.59
N ASN A 351 -62.47 0.13 1.07
CA ASN A 351 -61.40 -0.76 1.53
C ASN A 351 -60.94 -0.39 2.93
N ALA A 352 -60.70 0.90 3.16
CA ALA A 352 -60.31 1.38 4.47
C ALA A 352 -61.24 0.82 5.53
N LYS A 353 -62.54 0.86 5.24
CA LYS A 353 -63.56 0.33 6.13
C LYS A 353 -63.26 -1.12 6.49
N GLU A 354 -63.14 -1.97 5.47
CA GLU A 354 -62.88 -3.39 5.67
C GLU A 354 -61.61 -3.63 6.50
N ILE A 355 -60.50 -3.05 6.05
CA ILE A 355 -59.22 -3.22 6.74
C ILE A 355 -59.31 -2.73 8.19
N LEU A 356 -59.82 -1.51 8.37
CA LEU A 356 -59.94 -0.93 9.71
C LEU A 356 -60.88 -1.74 10.59
N THR A 357 -61.90 -2.34 9.99
CA THR A 357 -62.86 -3.14 10.72
C THR A 357 -62.22 -4.42 11.25
N ARG A 358 -61.47 -5.10 10.39
CA ARG A 358 -60.80 -6.34 10.77
C ARG A 358 -59.78 -6.08 11.88
N LEU A 359 -59.41 -4.82 12.07
CA LEU A 359 -58.46 -4.45 13.10
C LEU A 359 -59.11 -4.47 14.48
N GLY A 360 -60.37 -4.90 14.53
CA GLY A 360 -61.09 -5.01 15.80
C GLY A 360 -61.82 -3.75 16.18
N VAL A 361 -61.31 -2.60 15.74
CA VAL A 361 -61.93 -1.32 16.04
C VAL A 361 -63.28 -1.20 15.34
N GLU A 362 -64.08 -0.25 15.79
CA GLU A 362 -65.37 0.03 15.15
C GLU A 362 -65.25 1.34 14.39
N PRO A 363 -64.55 1.32 13.25
CA PRO A 363 -64.28 2.53 12.48
C PRO A 363 -65.55 3.14 11.91
N SER A 364 -65.66 4.47 11.98
CA SER A 364 -66.77 5.19 11.39
C SER A 364 -66.37 5.63 9.98
N ASP A 365 -67.30 6.23 9.26
CA ASP A 365 -67.00 6.78 7.94
C ASP A 365 -66.08 7.99 8.06
N ASP A 366 -66.05 8.58 9.25
CA ASP A 366 -65.17 9.69 9.54
C ASP A 366 -63.74 9.16 9.70
N ASP A 367 -63.63 7.97 10.28
CA ASP A 367 -62.33 7.33 10.48
C ASP A 367 -61.70 6.91 9.15
N CYS A 368 -62.51 6.29 8.29
CA CYS A 368 -62.03 5.84 6.99
C CYS A 368 -61.49 7.00 6.15
N VAL A 369 -61.98 8.19 6.43
CA VAL A 369 -61.53 9.39 5.73
C VAL A 369 -60.23 9.92 6.31
N SER A 370 -60.09 9.81 7.63
CA SER A 370 -58.89 10.27 8.31
C SER A 370 -57.72 9.32 8.03
N VAL A 371 -58.01 8.02 8.14
CA VAL A 371 -57.00 7.01 7.89
C VAL A 371 -56.52 7.06 6.44
N GLN A 372 -57.44 7.17 5.49
CA GLN A 372 -57.07 7.24 4.08
C GLN A 372 -56.22 8.47 3.79
N HIS A 373 -56.25 9.43 4.71
CA HIS A 373 -55.45 10.65 4.52
C HIS A 373 -54.05 10.50 5.12
N VAL A 374 -53.97 9.81 6.25
CA VAL A 374 -52.68 9.51 6.84
C VAL A 374 -51.83 8.77 5.81
N CYS A 375 -52.46 7.82 5.12
CA CYS A 375 -51.81 7.07 4.05
C CYS A 375 -51.32 8.01 2.95
N THR A 376 -51.97 9.17 2.82
CA THR A 376 -51.62 10.13 1.79
C THR A 376 -50.38 10.93 2.18
N ILE A 377 -50.30 11.32 3.44
CA ILE A 377 -49.16 12.08 3.93
C ILE A 377 -47.89 11.24 3.96
N VAL A 378 -48.03 9.99 4.40
CA VAL A 378 -46.90 9.07 4.45
C VAL A 378 -46.48 8.65 3.04
N SER A 379 -47.49 8.40 2.20
CA SER A 379 -47.26 7.98 0.81
C SER A 379 -46.69 9.10 -0.03
N PHE A 380 -47.13 10.33 0.23
CA PHE A 380 -46.68 11.47 -0.56
C PHE A 380 -45.25 11.86 -0.20
N ARG A 381 -44.89 11.69 1.07
CA ARG A 381 -43.53 12.07 1.51
C ARG A 381 -42.47 11.22 0.83
N SER A 382 -42.66 9.91 0.85
CA SER A 382 -41.71 8.98 0.24
C SER A 382 -41.39 9.39 -1.19
N ALA A 383 -42.43 9.50 -2.02
CA ALA A 383 -42.27 9.89 -3.41
C ALA A 383 -41.51 11.20 -3.54
N ASN A 384 -41.75 12.11 -2.60
CA ASN A 384 -41.09 13.42 -2.63
C ASN A 384 -39.60 13.34 -2.32
N LEU A 385 -39.24 12.50 -1.35
CA LEU A 385 -37.84 12.32 -0.96
C LEU A 385 -37.04 11.77 -2.13
N VAL A 386 -37.55 10.72 -2.76
CA VAL A 386 -36.89 10.12 -3.90
C VAL A 386 -36.71 11.13 -5.03
N ALA A 387 -37.70 11.99 -5.22
CA ALA A 387 -37.62 13.00 -6.26
C ALA A 387 -36.49 13.97 -5.94
N ALA A 388 -36.19 14.12 -4.66
CA ALA A 388 -35.14 15.02 -4.23
C ALA A 388 -33.77 14.47 -4.60
N THR A 389 -33.56 13.19 -4.30
CA THR A 389 -32.27 12.55 -4.54
C THR A 389 -32.06 12.23 -6.01
N LEU A 390 -33.09 11.70 -6.66
CA LEU A 390 -33.01 11.42 -8.09
C LEU A 390 -32.72 12.70 -8.86
N GLY A 391 -33.24 13.82 -8.36
CA GLY A 391 -32.97 15.11 -8.96
C GLY A 391 -31.50 15.45 -8.87
N ALA A 392 -30.88 15.02 -7.77
CA ALA A 392 -29.45 15.23 -7.57
C ALA A 392 -28.65 14.49 -8.63
N ILE A 393 -29.05 13.25 -8.91
CA ILE A 393 -28.38 12.46 -9.92
C ILE A 393 -28.47 13.14 -11.27
N LEU A 394 -29.68 13.50 -11.68
CA LEU A 394 -29.90 14.16 -12.96
C LEU A 394 -29.03 15.41 -13.10
N ASN A 395 -29.00 16.25 -12.08
CA ASN A 395 -28.12 17.42 -12.09
C ASN A 395 -26.68 16.99 -12.38
N ARG A 396 -26.24 15.93 -11.72
CA ARG A 396 -24.91 15.39 -11.93
C ARG A 396 -24.68 15.09 -13.39
N LEU A 397 -25.63 14.36 -13.99
CA LEU A 397 -25.54 14.00 -15.40
C LEU A 397 -25.41 15.24 -16.28
N ARG A 398 -26.42 16.09 -16.27
CA ARG A 398 -26.40 17.30 -17.08
C ARG A 398 -25.05 18.00 -16.96
N ASP A 399 -24.44 17.91 -15.79
CA ASP A 399 -23.13 18.51 -15.57
C ASP A 399 -22.07 17.79 -16.40
N ASN A 400 -22.02 16.47 -16.26
CA ASN A 400 -21.06 15.66 -17.01
C ASN A 400 -21.14 15.91 -18.51
N LYS A 401 -22.35 15.93 -19.04
CA LYS A 401 -22.56 16.11 -20.47
C LYS A 401 -22.13 17.51 -20.94
N GLY A 402 -22.37 18.51 -20.10
CA GLY A 402 -22.07 19.89 -20.45
C GLY A 402 -23.22 20.56 -21.17
N THR A 403 -24.15 19.74 -21.65
CA THR A 403 -25.34 20.23 -22.34
C THR A 403 -26.17 21.13 -21.43
N PRO A 404 -26.80 22.17 -22.01
CA PRO A 404 -27.60 23.10 -21.22
C PRO A 404 -28.82 22.42 -20.63
N ARG A 405 -29.50 21.62 -21.45
CA ARG A 405 -30.66 20.87 -21.01
C ARG A 405 -30.27 19.39 -20.90
N LEU A 406 -31.15 18.57 -20.32
CA LEU A 406 -30.86 17.16 -20.17
C LEU A 406 -31.99 16.26 -20.63
N ARG A 407 -31.63 15.22 -21.38
CA ARG A 407 -32.62 14.26 -21.85
C ARG A 407 -32.07 12.84 -21.63
N THR A 408 -32.81 12.05 -20.87
CA THR A 408 -32.37 10.71 -20.54
C THR A 408 -33.54 9.86 -20.07
N THR A 409 -33.31 8.55 -20.00
CA THR A 409 -34.33 7.63 -19.53
C THR A 409 -33.94 7.05 -18.17
N VAL A 410 -34.94 6.84 -17.33
CA VAL A 410 -34.73 6.29 -16.00
C VAL A 410 -35.49 4.99 -15.85
N GLY A 411 -34.76 3.87 -15.82
CA GLY A 411 -35.39 2.58 -15.57
C GLY A 411 -35.92 2.55 -14.15
N VAL A 412 -37.05 1.87 -13.95
CA VAL A 412 -37.68 1.82 -12.63
C VAL A 412 -38.30 0.45 -12.33
N ASN A 413 -38.47 0.16 -11.06
CA ASN A 413 -39.07 -1.10 -10.63
C ASN A 413 -39.37 -1.09 -9.13
N GLY A 414 -39.99 -2.17 -8.63
CA GLY A 414 -40.30 -2.26 -7.21
C GLY A 414 -41.79 -2.21 -6.90
N SER A 415 -42.25 -3.18 -6.10
CA SER A 415 -43.66 -3.34 -5.76
C SER A 415 -44.40 -2.03 -5.48
N LEU A 416 -43.87 -1.24 -4.56
CA LEU A 416 -44.52 0.03 -4.23
C LEU A 416 -44.79 0.89 -5.47
N TYR A 417 -43.76 1.11 -6.28
CA TYR A 417 -43.86 1.95 -7.46
C TYR A 417 -44.85 1.38 -8.47
N LYS A 418 -44.94 0.05 -8.52
CA LYS A 418 -45.81 -0.63 -9.46
C LYS A 418 -47.28 -0.62 -9.00
N THR A 419 -47.51 -1.09 -7.78
CA THR A 419 -48.87 -1.30 -7.28
C THR A 419 -49.57 -0.03 -6.77
N HIS A 420 -48.91 0.75 -5.92
CA HIS A 420 -49.54 1.95 -5.39
C HIS A 420 -50.23 2.70 -6.53
N PRO A 421 -51.48 3.17 -6.28
CA PRO A 421 -52.27 3.85 -7.31
C PRO A 421 -52.05 5.37 -7.40
N GLN A 422 -51.13 5.91 -6.62
CA GLN A 422 -50.89 7.36 -6.63
C GLN A 422 -49.40 7.71 -6.63
N TYR A 423 -48.57 6.72 -6.32
CA TYR A 423 -47.13 6.95 -6.15
C TYR A 423 -46.44 7.45 -7.41
N SER A 424 -46.46 6.63 -8.46
CA SER A 424 -45.83 7.00 -9.73
C SER A 424 -46.21 8.42 -10.10
N ARG A 425 -47.51 8.60 -10.37
CA ARG A 425 -48.06 9.89 -10.79
C ARG A 425 -47.56 11.06 -9.96
N ARG A 426 -47.45 10.86 -8.65
CA ARG A 426 -47.00 11.92 -7.76
C ARG A 426 -45.50 12.15 -7.86
N PHE A 427 -44.74 11.07 -7.75
CA PHE A 427 -43.28 11.12 -7.78
C PHE A 427 -42.77 11.85 -9.03
N HIS A 428 -43.24 11.41 -10.19
CA HIS A 428 -42.85 12.05 -11.45
C HIS A 428 -43.06 13.56 -11.37
N LYS A 429 -44.31 13.95 -11.10
CA LYS A 429 -44.71 15.35 -11.03
C LYS A 429 -43.71 16.17 -10.22
N THR A 430 -43.40 15.69 -9.03
CA THR A 430 -42.51 16.42 -8.13
C THR A 430 -41.08 16.49 -8.68
N LEU A 431 -40.61 15.38 -9.24
CA LEU A 431 -39.27 15.33 -9.82
C LEU A 431 -39.12 16.37 -10.92
N ARG A 432 -40.05 16.38 -11.86
CA ARG A 432 -40.05 17.34 -12.95
C ARG A 432 -39.95 18.76 -12.41
N ARG A 433 -40.81 19.06 -11.43
CA ARG A 433 -40.86 20.38 -10.82
C ARG A 433 -39.51 20.76 -10.22
N LEU A 434 -38.88 19.82 -9.54
CA LEU A 434 -37.57 20.05 -8.92
C LEU A 434 -36.49 20.23 -9.99
N VAL A 435 -36.63 19.50 -11.09
CA VAL A 435 -35.66 19.58 -12.17
C VAL A 435 -36.33 20.00 -13.48
N PRO A 436 -36.40 21.30 -13.73
CA PRO A 436 -37.08 21.94 -14.87
C PRO A 436 -36.44 21.65 -16.23
N ASP A 437 -35.12 21.64 -16.27
CA ASP A 437 -34.36 21.59 -17.53
C ASP A 437 -34.06 20.16 -17.90
N SER A 438 -34.76 19.24 -17.26
CA SER A 438 -34.57 17.83 -17.47
C SER A 438 -35.77 17.31 -18.23
N ASP A 439 -35.53 16.68 -19.37
CA ASP A 439 -36.59 16.01 -20.08
C ASP A 439 -36.45 14.52 -19.84
N VAL A 440 -37.12 14.03 -18.81
CA VAL A 440 -36.90 12.66 -18.36
C VAL A 440 -38.06 11.71 -18.68
N ARG A 441 -37.71 10.55 -19.20
CA ARG A 441 -38.69 9.50 -19.44
C ARG A 441 -38.49 8.36 -18.45
N PHE A 442 -39.58 7.86 -17.88
CA PHE A 442 -39.52 6.74 -16.96
C PHE A 442 -39.97 5.47 -17.65
N LEU A 443 -39.06 4.52 -17.80
CA LEU A 443 -39.38 3.24 -18.41
C LEU A 443 -39.48 2.18 -17.32
N LEU A 444 -40.59 1.48 -17.28
CA LEU A 444 -40.83 0.49 -16.24
C LEU A 444 -40.39 -0.90 -16.67
N SER A 445 -39.31 -1.39 -16.06
CA SER A 445 -38.83 -2.74 -16.33
C SER A 445 -39.98 -3.73 -16.15
N GLU A 446 -40.20 -4.57 -17.15
CA GLU A 446 -41.28 -5.56 -17.07
C GLU A 446 -40.76 -6.94 -16.69
N SER A 447 -39.71 -7.38 -17.38
CA SER A 447 -39.03 -8.62 -17.01
C SER A 447 -38.37 -8.43 -15.66
N GLY A 448 -38.37 -7.19 -15.19
CA GLY A 448 -37.67 -6.83 -13.96
C GLY A 448 -36.17 -6.76 -14.21
N SER A 449 -35.38 -7.14 -13.22
CA SER A 449 -33.93 -7.05 -13.30
C SER A 449 -33.34 -8.04 -14.31
N GLY A 450 -34.01 -9.18 -14.48
CA GLY A 450 -33.47 -10.34 -15.21
C GLY A 450 -32.83 -10.13 -16.57
N LYS A 451 -33.50 -9.43 -17.47
CA LYS A 451 -32.95 -9.23 -18.81
C LYS A 451 -31.65 -8.43 -18.73
N GLY A 452 -31.67 -7.36 -17.95
CA GLY A 452 -30.47 -6.55 -17.73
C GLY A 452 -29.33 -7.39 -17.17
N ALA A 453 -29.67 -8.26 -16.21
CA ALA A 453 -28.67 -9.15 -15.62
C ALA A 453 -28.01 -10.00 -16.70
N ALA A 454 -28.83 -10.62 -17.54
CA ALA A 454 -28.33 -11.46 -18.62
C ALA A 454 -27.42 -10.66 -19.55
N MET A 455 -27.81 -9.43 -19.88
CA MET A 455 -27.02 -8.56 -20.74
C MET A 455 -25.65 -8.26 -20.10
N VAL A 456 -25.60 -8.33 -18.78
CA VAL A 456 -24.36 -8.14 -18.04
C VAL A 456 -23.54 -9.42 -18.08
N THR A 457 -24.17 -10.52 -17.67
CA THR A 457 -23.54 -11.82 -17.68
C THR A 457 -22.89 -12.11 -19.02
N ALA A 458 -23.57 -11.78 -20.11
CA ALA A 458 -23.04 -12.02 -21.45
C ALA A 458 -21.69 -11.35 -21.64
N VAL A 459 -21.64 -10.05 -21.37
CA VAL A 459 -20.40 -9.29 -21.48
C VAL A 459 -19.36 -9.84 -20.51
N ALA A 460 -19.81 -10.17 -19.30
CA ALA A 460 -18.92 -10.66 -18.26
C ALA A 460 -18.36 -12.05 -18.58
N TYR A 461 -19.18 -12.90 -19.18
CA TYR A 461 -18.75 -14.23 -19.58
C TYR A 461 -17.72 -14.13 -20.71
N ARG A 462 -18.03 -13.29 -21.69
CA ARG A 462 -17.14 -13.07 -22.82
C ARG A 462 -15.74 -12.67 -22.34
N LEU A 463 -15.69 -11.67 -21.46
CA LEU A 463 -14.42 -11.22 -20.90
C LEU A 463 -13.73 -12.32 -20.09
N ALA A 464 -14.54 -13.12 -19.39
CA ALA A 464 -14.01 -14.23 -18.59
C ALA A 464 -13.39 -15.32 -19.45
N GLU A 465 -13.89 -15.45 -20.69
CA GLU A 465 -13.35 -16.44 -21.61
C GLU A 465 -11.94 -16.08 -22.05
N GLN A 466 -11.73 -14.81 -22.37
CA GLN A 466 -10.41 -14.32 -22.70
C GLN A 466 -9.47 -14.58 -21.53
N HIS A 467 -9.89 -14.15 -20.35
CA HIS A 467 -9.07 -14.30 -19.16
C HIS A 467 -8.63 -15.75 -18.97
N ARG A 468 -9.57 -16.68 -19.13
CA ARG A 468 -9.24 -18.08 -18.97
C ARG A 468 -8.16 -18.50 -19.97
N GLN A 469 -8.31 -18.04 -21.21
CA GLN A 469 -7.35 -18.38 -22.26
C GLN A 469 -5.98 -17.77 -21.99
N ILE A 470 -5.97 -16.49 -21.63
CA ILE A 470 -4.74 -15.80 -21.26
C ILE A 470 -4.05 -16.53 -20.11
N GLU A 471 -4.83 -16.92 -19.11
CA GLU A 471 -4.31 -17.63 -17.94
C GLU A 471 -3.79 -19.03 -18.28
N GLU A 472 -4.45 -19.71 -19.20
CA GLU A 472 -3.97 -21.02 -19.60
C GLU A 472 -2.60 -20.91 -20.25
N THR A 473 -2.45 -19.91 -21.12
CA THR A 473 -1.18 -19.68 -21.80
C THR A 473 -0.08 -19.33 -20.80
N LEU A 474 -0.37 -18.38 -19.91
CA LEU A 474 0.61 -17.92 -18.94
C LEU A 474 0.97 -19.01 -17.93
N ALA A 475 0.01 -19.89 -17.66
CA ALA A 475 0.22 -20.98 -16.72
C ALA A 475 1.41 -21.87 -17.08
N HIS A 476 1.77 -21.90 -18.37
CA HIS A 476 2.91 -22.71 -18.80
C HIS A 476 4.22 -22.13 -18.28
N PHE A 477 4.20 -20.89 -17.81
CA PHE A 477 5.39 -20.26 -17.28
C PHE A 477 5.50 -20.46 -15.77
N HIS A 478 4.42 -20.97 -15.17
CA HIS A 478 4.41 -21.26 -13.73
C HIS A 478 5.13 -22.56 -13.44
N LEU A 479 6.11 -22.51 -12.54
CA LEU A 479 6.84 -23.69 -12.14
C LEU A 479 6.55 -23.99 -10.67
N THR A 480 6.26 -25.25 -10.37
CA THR A 480 5.97 -25.64 -8.99
C THR A 480 7.24 -25.88 -8.18
N LYS A 481 7.10 -25.85 -6.87
CA LYS A 481 8.19 -26.16 -5.96
C LYS A 481 8.89 -27.41 -6.48
N ASP A 482 8.09 -28.42 -6.81
CA ASP A 482 8.61 -29.69 -7.30
C ASP A 482 9.30 -29.58 -8.65
N MET A 483 8.73 -28.81 -9.56
CA MET A 483 9.37 -28.62 -10.87
C MET A 483 10.76 -28.04 -10.66
N LEU A 484 10.87 -27.07 -9.76
CA LEU A 484 12.14 -26.41 -9.49
C LEU A 484 13.16 -27.35 -8.86
N LEU A 485 12.70 -28.21 -7.97
CA LEU A 485 13.58 -29.23 -7.40
C LEU A 485 14.12 -30.15 -8.49
N GLU A 486 13.27 -30.48 -9.46
CA GLU A 486 13.71 -31.25 -10.62
C GLU A 486 14.78 -30.50 -11.42
N VAL A 487 14.56 -29.22 -11.62
CA VAL A 487 15.53 -28.40 -12.34
C VAL A 487 16.85 -28.40 -11.60
N LYS A 488 16.78 -28.13 -10.29
CA LYS A 488 17.96 -28.22 -9.44
C LYS A 488 18.65 -29.55 -9.70
N LYS A 489 17.88 -30.63 -9.58
CA LYS A 489 18.41 -31.99 -9.74
C LYS A 489 19.07 -32.21 -11.10
N ARG A 490 18.45 -31.70 -12.16
CA ARG A 490 19.01 -31.85 -13.50
C ARG A 490 20.30 -31.03 -13.65
N MET A 491 20.34 -29.87 -13.03
CA MET A 491 21.53 -29.03 -13.07
C MET A 491 22.69 -29.78 -12.43
N ARG A 492 22.44 -30.34 -11.25
CA ARG A 492 23.45 -31.10 -10.53
C ARG A 492 23.97 -32.27 -11.36
N ALA A 493 23.06 -32.98 -12.02
CA ALA A 493 23.46 -34.11 -12.86
C ALA A 493 24.35 -33.66 -14.01
N GLU A 494 24.01 -32.53 -14.60
CA GLU A 494 24.78 -32.00 -15.72
C GLU A 494 26.16 -31.54 -15.25
N MET A 495 26.22 -30.94 -14.06
CA MET A 495 27.49 -30.52 -13.49
C MET A 495 28.44 -31.71 -13.40
N GLU A 496 27.94 -32.79 -12.82
CA GLU A 496 28.70 -34.02 -12.67
C GLU A 496 29.23 -34.49 -14.03
N LEU A 497 28.37 -34.50 -15.04
CA LEU A 497 28.75 -34.93 -16.39
C LEU A 497 29.88 -34.08 -16.99
N GLY A 498 29.87 -32.79 -16.70
CA GLY A 498 30.86 -31.88 -17.25
C GLY A 498 32.22 -32.01 -16.58
N LEU A 499 32.21 -32.43 -15.31
CA LEU A 499 33.43 -32.57 -14.54
C LEU A 499 34.19 -33.85 -14.83
N ARG A 500 33.45 -34.95 -14.95
CA ARG A 500 34.06 -36.26 -15.19
C ARG A 500 34.48 -36.41 -16.65
N LYS A 501 35.76 -36.74 -16.86
CA LYS A 501 36.35 -36.74 -18.20
C LYS A 501 35.77 -37.82 -19.12
N GLN A 502 35.30 -38.92 -18.56
CA GLN A 502 34.74 -39.99 -19.37
C GLN A 502 33.44 -39.58 -20.04
N THR A 503 32.91 -38.42 -19.66
CA THR A 503 31.62 -37.96 -20.16
C THR A 503 31.63 -36.47 -20.52
N HIS A 504 32.74 -35.81 -20.24
CA HIS A 504 32.88 -34.37 -20.45
C HIS A 504 32.63 -33.94 -21.89
N ASN A 505 33.07 -34.76 -22.85
CA ASN A 505 33.01 -34.40 -24.26
C ASN A 505 31.59 -34.23 -24.78
N ASN A 506 30.64 -34.89 -24.13
CA ASN A 506 29.23 -34.82 -24.52
C ASN A 506 28.39 -33.97 -23.57
N ALA A 507 28.97 -33.61 -22.44
CA ALA A 507 28.26 -32.78 -21.46
C ALA A 507 27.94 -31.43 -22.10
N VAL A 508 26.72 -30.96 -21.88
CA VAL A 508 26.32 -29.65 -22.38
C VAL A 508 26.81 -28.56 -21.44
N VAL A 509 26.84 -28.84 -20.14
CA VAL A 509 27.37 -27.91 -19.16
C VAL A 509 28.86 -28.20 -18.97
N LYS A 510 29.70 -27.45 -19.68
CA LYS A 510 31.10 -27.80 -19.86
C LYS A 510 31.99 -27.81 -18.61
N MET A 511 31.64 -27.04 -17.58
CA MET A 511 32.44 -27.02 -16.37
C MET A 511 33.92 -26.74 -16.68
N LEU A 512 34.16 -25.62 -17.37
CA LEU A 512 35.49 -25.27 -17.86
C LEU A 512 36.40 -24.76 -16.75
N PRO A 513 37.61 -25.35 -16.64
CA PRO A 513 38.57 -24.91 -15.64
C PRO A 513 39.15 -23.53 -15.98
N SER A 514 39.26 -22.68 -14.97
CA SER A 514 39.73 -21.30 -15.15
C SER A 514 41.20 -21.16 -14.78
N PHE A 515 41.71 -22.15 -14.05
CA PHE A 515 43.09 -22.12 -13.57
C PHE A 515 43.34 -21.03 -12.54
N VAL A 516 42.26 -20.58 -11.91
CA VAL A 516 42.35 -19.71 -10.75
C VAL A 516 42.09 -20.61 -9.55
N ARG A 517 43.14 -20.88 -8.77
CA ARG A 517 43.04 -21.90 -7.72
C ARG A 517 42.63 -21.35 -6.36
N ARG A 518 42.68 -20.03 -6.19
CA ARG A 518 42.31 -19.43 -4.92
C ARG A 518 41.84 -18.00 -5.07
N THR A 519 41.06 -17.55 -4.09
CA THR A 519 40.62 -16.17 -4.02
C THR A 519 41.75 -15.34 -3.43
N PRO A 520 41.67 -14.01 -3.59
CA PRO A 520 42.76 -13.13 -3.18
C PRO A 520 43.28 -13.44 -1.77
N ASP A 521 44.61 -13.47 -1.63
CA ASP A 521 45.26 -13.74 -0.34
C ASP A 521 45.89 -12.48 0.24
N GLY A 522 45.64 -11.35 -0.39
CA GLY A 522 46.13 -10.07 0.11
C GLY A 522 47.60 -9.79 -0.14
N THR A 523 48.24 -10.60 -0.97
CA THR A 523 49.64 -10.37 -1.32
C THR A 523 49.75 -9.74 -2.70
N GLU A 524 48.61 -9.67 -3.39
CA GLU A 524 48.57 -9.07 -4.72
C GLU A 524 49.03 -7.63 -4.68
N ASN A 525 49.95 -7.29 -5.59
CA ASN A 525 50.55 -5.96 -5.63
C ASN A 525 51.02 -5.69 -7.07
N GLY A 526 50.88 -4.44 -7.51
CA GLY A 526 51.38 -4.05 -8.83
C GLY A 526 50.42 -3.20 -9.66
N ASP A 527 50.84 -2.90 -10.89
CA ASP A 527 50.03 -2.13 -11.83
C ASP A 527 49.62 -3.02 -13.00
N PHE A 528 48.32 -3.20 -13.22
CA PHE A 528 47.85 -4.08 -14.28
C PHE A 528 46.88 -3.41 -15.25
N LEU A 529 46.92 -3.84 -16.50
CA LEU A 529 45.91 -3.46 -17.48
C LEU A 529 44.84 -4.55 -17.49
N ALA A 530 43.65 -4.21 -17.98
CA ALA A 530 42.58 -5.19 -18.08
C ALA A 530 41.59 -4.87 -19.19
N LEU A 531 41.00 -5.92 -19.74
CA LEU A 531 39.97 -5.79 -20.75
C LEU A 531 38.67 -6.34 -20.20
N ASP A 532 37.58 -5.73 -20.64
CA ASP A 532 36.25 -6.20 -20.29
C ASP A 532 35.46 -6.29 -21.59
N LEU A 533 35.38 -7.49 -22.15
CA LEU A 533 34.74 -7.70 -23.43
C LEU A 533 33.71 -8.83 -23.32
N GLY A 534 32.50 -8.56 -23.82
CA GLY A 534 31.44 -9.57 -23.80
C GLY A 534 30.16 -9.11 -23.13
N GLY A 535 30.27 -8.12 -22.25
CA GLY A 535 29.10 -7.54 -21.60
C GLY A 535 28.50 -6.44 -22.47
N THR A 536 27.66 -5.60 -21.86
CA THR A 536 27.04 -4.50 -22.62
C THR A 536 28.06 -3.42 -22.94
N ASN A 537 29.13 -3.35 -22.15
CA ASN A 537 30.18 -2.37 -22.36
C ASN A 537 31.55 -3.01 -22.52
N PHE A 538 32.21 -2.71 -23.64
CA PHE A 538 33.60 -3.07 -23.79
C PHE A 538 34.44 -1.95 -23.17
N ARG A 539 35.41 -2.30 -22.35
CA ARG A 539 36.23 -1.28 -21.71
C ARG A 539 37.66 -1.72 -21.48
N VAL A 540 38.55 -0.74 -21.38
CA VAL A 540 39.94 -0.99 -21.03
C VAL A 540 40.16 -0.36 -19.65
N LEU A 541 40.93 -1.03 -18.80
CA LEU A 541 41.15 -0.52 -17.46
C LEU A 541 42.62 -0.47 -17.08
N LEU A 542 42.90 0.33 -16.06
CA LEU A 542 44.19 0.39 -15.42
C LEU A 542 43.94 0.14 -13.95
N VAL A 543 44.55 -0.92 -13.40
CA VAL A 543 44.29 -1.27 -12.01
C VAL A 543 45.57 -1.30 -11.17
N LYS A 544 45.60 -0.44 -10.15
CA LYS A 544 46.75 -0.34 -9.26
C LYS A 544 46.44 -0.96 -7.91
N ILE A 545 47.14 -2.06 -7.59
CA ILE A 545 46.91 -2.77 -6.35
C ILE A 545 48.11 -2.68 -5.41
N ARG A 546 47.85 -2.29 -4.17
CA ARG A 546 48.91 -2.19 -3.17
C ARG A 546 48.54 -2.96 -1.90
N SER A 547 49.42 -3.86 -1.48
CA SER A 547 49.17 -4.71 -0.32
C SER A 547 49.85 -4.20 0.95
N GLY A 548 49.73 -4.98 2.02
CA GLY A 548 50.39 -4.65 3.28
C GLY A 548 49.48 -4.04 4.33
N LYS A 549 50.08 -3.38 5.31
CA LYS A 549 49.33 -2.71 6.36
C LYS A 549 48.31 -1.78 5.72
N LYS A 550 48.76 -1.00 4.76
CA LYS A 550 47.90 -0.09 4.04
C LYS A 550 47.64 -0.62 2.63
N ARG A 551 46.52 -1.32 2.47
CA ARG A 551 46.17 -1.90 1.18
C ARG A 551 45.16 -1.03 0.44
N THR A 552 45.43 -0.78 -0.83
CA THR A 552 44.56 0.07 -1.63
C THR A 552 44.38 -0.48 -3.04
N VAL A 553 43.31 -0.03 -3.68
CA VAL A 553 43.03 -0.36 -5.07
C VAL A 553 42.61 0.90 -5.80
N GLU A 554 43.32 1.24 -6.86
CA GLU A 554 42.97 2.41 -7.67
C GLU A 554 42.77 1.99 -9.11
N MET A 555 41.58 2.25 -9.65
CA MET A 555 41.31 1.88 -11.03
C MET A 555 40.74 3.01 -11.89
N HIS A 556 40.92 2.88 -13.19
CA HIS A 556 40.37 3.79 -14.17
C HIS A 556 39.81 3.02 -15.34
N ASN A 557 38.68 3.47 -15.87
CA ASN A 557 38.04 2.82 -17.00
C ASN A 557 37.80 3.79 -18.14
N LYS A 558 37.72 3.25 -19.35
CA LYS A 558 37.20 4.00 -20.48
C LYS A 558 36.42 3.05 -21.37
N ILE A 559 35.14 3.32 -21.52
CA ILE A 559 34.29 2.52 -22.39
C ILE A 559 34.57 2.90 -23.83
N TYR A 560 34.81 1.89 -24.66
CA TYR A 560 34.95 2.10 -26.09
C TYR A 560 33.85 1.33 -26.80
N ALA A 561 33.27 1.94 -27.82
CA ALA A 561 32.19 1.31 -28.55
C ALA A 561 32.73 0.29 -29.54
N ILE A 562 31.90 -0.72 -29.83
CA ILE A 562 32.22 -1.69 -30.87
C ILE A 562 31.05 -1.76 -31.84
N PRO A 563 31.20 -1.11 -33.00
CA PRO A 563 30.13 -1.11 -34.02
C PRO A 563 29.68 -2.51 -34.38
N ILE A 564 28.36 -2.70 -34.44
CA ILE A 564 27.78 -4.00 -34.72
C ILE A 564 28.38 -4.67 -35.94
N GLU A 565 28.66 -3.88 -36.98
CA GLU A 565 29.30 -4.40 -38.17
C GLU A 565 30.51 -5.20 -37.73
N ILE A 566 31.39 -4.53 -36.99
CA ILE A 566 32.64 -5.12 -36.55
C ILE A 566 32.43 -6.31 -35.62
N MET A 567 31.42 -6.20 -34.77
CA MET A 567 31.11 -7.24 -33.81
C MET A 567 30.80 -8.55 -34.51
N GLN A 568 30.45 -8.45 -35.79
CA GLN A 568 30.14 -9.62 -36.58
C GLN A 568 30.93 -9.60 -37.89
N GLY A 569 32.04 -8.86 -37.88
CA GLY A 569 32.97 -8.85 -39.01
C GLY A 569 33.95 -10.01 -38.91
N THR A 570 35.24 -9.71 -39.12
CA THR A 570 36.26 -10.76 -39.07
C THR A 570 37.05 -10.74 -37.77
N GLY A 571 37.77 -11.83 -37.51
CA GLY A 571 38.61 -11.91 -36.32
C GLY A 571 39.67 -10.84 -36.29
N GLU A 572 40.35 -10.64 -37.43
CA GLU A 572 41.39 -9.62 -37.54
C GLU A 572 40.85 -8.24 -37.19
N GLU A 573 39.73 -7.88 -37.82
CA GLU A 573 39.10 -6.60 -37.56
C GLU A 573 38.86 -6.41 -36.07
N LEU A 574 38.18 -7.39 -35.47
CA LEU A 574 37.79 -7.31 -34.07
C LEU A 574 38.96 -7.01 -33.15
N PHE A 575 40.02 -7.80 -33.26
CA PHE A 575 41.17 -7.62 -32.38
C PHE A 575 42.04 -6.42 -32.76
N ASP A 576 41.96 -6.00 -34.03
CA ASP A 576 42.63 -4.78 -34.44
C ASP A 576 41.97 -3.59 -33.76
N HIS A 577 40.65 -3.65 -33.67
CA HIS A 577 39.87 -2.63 -32.99
C HIS A 577 40.17 -2.64 -31.49
N ILE A 578 40.18 -3.82 -30.90
CA ILE A 578 40.51 -3.97 -29.49
C ILE A 578 41.86 -3.33 -29.20
N VAL A 579 42.87 -3.72 -29.98
CA VAL A 579 44.23 -3.24 -29.77
C VAL A 579 44.34 -1.74 -30.04
N SER A 580 43.56 -1.26 -31.00
CA SER A 580 43.52 0.17 -31.26
C SER A 580 43.02 0.88 -30.01
N CYS A 581 41.94 0.35 -29.44
CA CYS A 581 41.37 0.90 -28.21
C CYS A 581 42.36 0.84 -27.04
N ILE A 582 43.11 -0.24 -26.94
CA ILE A 582 44.14 -0.31 -25.91
C ILE A 582 45.15 0.80 -26.11
N SER A 583 45.60 0.96 -27.36
CA SER A 583 46.55 2.02 -27.69
C SER A 583 46.04 3.36 -27.18
N ASP A 584 44.80 3.70 -27.54
CA ASP A 584 44.20 4.95 -27.11
C ASP A 584 44.20 5.10 -25.60
N PHE A 585 43.84 4.02 -24.90
CA PHE A 585 43.75 4.05 -23.45
C PHE A 585 45.12 4.27 -22.80
N LEU A 586 46.15 3.64 -23.35
CA LEU A 586 47.51 3.82 -22.86
C LEU A 586 47.92 5.29 -22.99
N ASP A 587 47.53 5.91 -24.11
CA ASP A 587 47.75 7.34 -24.30
C ASP A 587 46.99 8.09 -23.21
N TYR A 588 45.73 7.70 -23.03
CA TYR A 588 44.80 8.33 -22.10
C TYR A 588 45.33 8.33 -20.66
N MET A 589 45.86 7.19 -20.23
CA MET A 589 46.39 7.09 -18.88
C MET A 589 47.81 7.63 -18.80
N GLY A 590 48.36 8.02 -19.95
CA GLY A 590 49.72 8.53 -20.04
C GLY A 590 50.74 7.49 -19.63
N ILE A 591 50.54 6.25 -20.08
CA ILE A 591 51.36 5.14 -19.65
C ILE A 591 51.92 4.35 -20.84
N LYS A 592 51.91 4.98 -22.01
CA LYS A 592 52.42 4.34 -23.22
C LYS A 592 53.93 4.10 -23.08
N GLY A 593 54.37 2.92 -23.49
CA GLY A 593 55.79 2.59 -23.47
C GLY A 593 56.09 1.24 -22.85
N PRO A 594 56.11 1.19 -21.50
CA PRO A 594 56.47 -0.01 -20.75
C PRO A 594 55.57 -1.19 -21.09
N ARG A 595 56.09 -2.39 -20.93
CA ARG A 595 55.34 -3.61 -21.22
C ARG A 595 54.61 -4.05 -19.97
N MET A 596 53.30 -3.80 -19.92
CA MET A 596 52.52 -4.11 -18.74
C MET A 596 51.80 -5.45 -18.84
N PRO A 597 51.54 -6.09 -17.70
CA PRO A 597 50.76 -7.33 -17.66
C PRO A 597 49.28 -7.00 -17.86
N LEU A 598 48.55 -7.89 -18.51
CA LEU A 598 47.15 -7.63 -18.81
C LEU A 598 46.22 -8.80 -18.51
N GLY A 599 45.14 -8.51 -17.78
CA GLY A 599 44.09 -9.49 -17.53
C GLY A 599 42.98 -9.27 -18.54
N PHE A 600 42.63 -10.33 -19.27
CA PHE A 600 41.67 -10.24 -20.36
C PHE A 600 40.33 -10.92 -20.01
N THR A 601 39.39 -10.14 -19.48
CA THR A 601 38.06 -10.67 -19.20
C THR A 601 37.30 -10.85 -20.51
N PHE A 602 37.06 -12.10 -20.88
CA PHE A 602 36.45 -12.44 -22.16
C PHE A 602 35.24 -13.33 -21.87
N SER A 603 34.04 -12.76 -21.97
CA SER A 603 32.82 -13.42 -21.49
C SER A 603 32.24 -14.45 -22.45
N PHE A 604 33.02 -15.47 -22.79
CA PHE A 604 32.57 -16.52 -23.69
C PHE A 604 33.25 -17.81 -23.31
N PRO A 605 32.59 -18.95 -23.57
CA PRO A 605 33.16 -20.24 -23.19
C PRO A 605 34.53 -20.47 -23.85
N CYS A 606 35.57 -20.60 -23.03
CA CYS A 606 36.92 -20.88 -23.52
C CYS A 606 37.50 -22.15 -22.93
N GLN A 607 38.04 -23.01 -23.79
CA GLN A 607 38.78 -24.17 -23.33
C GLN A 607 40.20 -23.72 -22.99
N GLN A 608 40.59 -23.88 -21.74
CA GLN A 608 41.90 -23.41 -21.28
C GLN A 608 42.83 -24.55 -20.89
N THR A 609 44.10 -24.40 -21.26
CA THR A 609 45.13 -25.37 -20.92
C THR A 609 46.02 -24.78 -19.82
N SER A 610 45.96 -23.46 -19.70
CA SER A 610 46.68 -22.72 -18.68
C SER A 610 46.02 -21.35 -18.56
N LEU A 611 46.37 -20.62 -17.51
CA LEU A 611 45.73 -19.33 -17.26
C LEU A 611 45.79 -18.39 -18.46
N ASP A 612 46.83 -18.51 -19.27
CA ASP A 612 47.07 -17.53 -20.33
C ASP A 612 46.68 -18.02 -21.71
N ALA A 613 46.00 -19.14 -21.78
CA ALA A 613 45.55 -19.69 -23.06
C ALA A 613 44.08 -20.03 -22.96
N GLY A 614 43.30 -19.60 -23.95
CA GLY A 614 41.90 -19.91 -23.98
C GLY A 614 41.40 -19.99 -25.40
N ILE A 615 40.91 -21.16 -25.79
CA ILE A 615 40.42 -21.35 -27.14
C ILE A 615 38.92 -21.18 -27.18
N LEU A 616 38.45 -20.23 -27.97
CA LEU A 616 37.03 -19.95 -28.03
C LEU A 616 36.26 -21.17 -28.52
N ILE A 617 35.39 -21.70 -27.66
CA ILE A 617 34.61 -22.88 -27.97
C ILE A 617 33.47 -22.56 -28.94
N THR A 618 32.79 -21.44 -28.68
CA THR A 618 31.67 -21.01 -29.51
C THR A 618 31.26 -19.60 -29.10
N TRP A 619 30.77 -18.81 -30.05
CA TRP A 619 30.22 -17.50 -29.72
C TRP A 619 28.89 -17.67 -28.98
N THR A 620 28.56 -16.68 -28.16
CA THR A 620 27.28 -16.67 -27.47
C THR A 620 26.77 -15.22 -27.43
N LYS A 621 25.54 -15.04 -27.01
CA LYS A 621 24.95 -13.71 -26.99
C LYS A 621 24.88 -13.14 -28.40
N GLY A 622 25.30 -11.89 -28.59
CA GLY A 622 25.18 -11.24 -29.89
C GLY A 622 26.44 -11.27 -30.74
N PHE A 623 27.49 -11.89 -30.23
CA PHE A 623 28.79 -11.89 -30.91
C PHE A 623 28.92 -12.99 -31.96
N LYS A 624 29.42 -12.63 -33.14
CA LYS A 624 29.61 -13.63 -34.18
C LYS A 624 30.68 -13.22 -35.20
N ALA A 625 31.89 -12.92 -34.71
CA ALA A 625 33.02 -12.61 -35.59
C ALA A 625 33.57 -13.88 -36.24
N THR A 626 34.05 -13.74 -37.47
CA THR A 626 34.55 -14.88 -38.24
C THR A 626 35.98 -15.25 -37.87
N ASP A 627 36.33 -16.52 -38.04
CA ASP A 627 37.68 -16.98 -37.77
C ASP A 627 38.09 -16.62 -36.36
N CYS A 628 37.26 -17.00 -35.39
CA CYS A 628 37.53 -16.76 -33.99
C CYS A 628 37.34 -18.03 -33.20
N VAL A 629 36.24 -18.72 -33.48
CA VAL A 629 35.95 -19.99 -32.84
C VAL A 629 37.00 -21.01 -33.25
N GLY A 630 37.62 -21.63 -32.25
CA GLY A 630 38.67 -22.60 -32.52
C GLY A 630 40.05 -22.00 -32.32
N HIS A 631 40.11 -20.68 -32.22
CA HIS A 631 41.38 -19.98 -31.99
C HIS A 631 41.59 -19.66 -30.51
N ASP A 632 42.85 -19.56 -30.13
CA ASP A 632 43.22 -19.07 -28.81
C ASP A 632 43.08 -17.55 -28.85
N VAL A 633 42.21 -17.01 -28.00
CA VAL A 633 41.94 -15.57 -28.05
C VAL A 633 43.13 -14.76 -27.55
N VAL A 634 44.01 -15.39 -26.79
CA VAL A 634 45.23 -14.74 -26.35
C VAL A 634 46.18 -14.62 -27.54
N THR A 635 46.18 -15.63 -28.38
CA THR A 635 46.97 -15.61 -29.60
C THR A 635 46.44 -14.51 -30.53
N LEU A 636 45.12 -14.46 -30.69
CA LEU A 636 44.50 -13.47 -31.55
C LEU A 636 44.84 -12.05 -31.10
N LEU A 637 44.87 -11.84 -29.79
CA LEU A 637 45.19 -10.54 -29.23
C LEU A 637 46.65 -10.19 -29.48
N ARG A 638 47.54 -11.13 -29.16
CA ARG A 638 48.97 -10.96 -29.37
C ARG A 638 49.29 -10.61 -30.83
N ASP A 639 48.61 -11.28 -31.75
CA ASP A 639 48.79 -11.03 -33.18
C ASP A 639 48.40 -9.59 -33.53
N ALA A 640 47.25 -9.15 -33.03
CA ALA A 640 46.77 -7.81 -33.29
C ALA A 640 47.75 -6.79 -32.72
N ILE A 641 48.35 -7.13 -31.58
CA ILE A 641 49.33 -6.26 -30.95
C ILE A 641 50.58 -6.15 -31.81
N LYS A 642 51.07 -7.30 -32.29
CA LYS A 642 52.25 -7.32 -33.13
C LYS A 642 52.02 -6.59 -34.45
N ARG A 643 50.83 -6.78 -35.03
CA ARG A 643 50.49 -6.14 -36.30
C ARG A 643 50.56 -4.61 -36.23
N ARG A 644 49.97 -4.05 -35.18
CA ARG A 644 49.97 -2.61 -35.01
C ARG A 644 51.37 -2.11 -34.67
N GLU A 645 52.14 -2.96 -33.98
CA GLU A 645 53.53 -2.69 -33.66
C GLU A 645 53.78 -1.26 -33.16
N GLU A 646 52.98 -0.84 -32.18
CA GLU A 646 53.23 0.42 -31.48
C GLU A 646 53.89 0.11 -30.15
N PHE A 647 53.11 -0.52 -29.28
CA PHE A 647 53.53 -0.89 -27.95
C PHE A 647 53.62 -2.40 -27.87
N ASP A 648 53.97 -2.90 -26.68
CA ASP A 648 54.02 -4.33 -26.46
C ASP A 648 53.38 -4.67 -25.11
N LEU A 649 52.58 -5.73 -25.10
CA LEU A 649 51.91 -6.15 -23.88
C LEU A 649 52.33 -7.55 -23.45
N ASP A 650 52.10 -7.83 -22.18
CA ASP A 650 52.36 -9.14 -21.61
C ASP A 650 51.04 -9.74 -21.12
N VAL A 651 50.28 -10.35 -22.03
CA VAL A 651 49.00 -10.93 -21.67
C VAL A 651 49.19 -12.10 -20.71
N VAL A 652 48.81 -11.90 -19.46
CA VAL A 652 49.03 -12.90 -18.41
C VAL A 652 47.85 -13.86 -18.23
N ALA A 653 46.65 -13.42 -18.57
CA ALA A 653 45.48 -14.27 -18.32
C ALA A 653 44.22 -13.92 -19.11
N VAL A 654 43.47 -14.94 -19.45
CA VAL A 654 42.14 -14.76 -20.00
C VAL A 654 41.14 -15.28 -18.97
N VAL A 655 40.14 -14.46 -18.65
CA VAL A 655 39.23 -14.77 -17.57
C VAL A 655 37.77 -14.52 -17.94
N ASN A 656 36.88 -15.41 -17.52
CA ASN A 656 35.45 -15.24 -17.73
C ASN A 656 34.91 -14.17 -16.78
N ASP A 657 33.80 -13.53 -17.14
CA ASP A 657 33.26 -12.47 -16.29
C ASP A 657 32.74 -13.01 -14.96
N THR A 658 32.23 -14.24 -14.95
CA THR A 658 31.82 -14.88 -13.71
C THR A 658 33.00 -14.93 -12.74
N VAL A 659 34.10 -15.48 -13.22
CA VAL A 659 35.31 -15.63 -12.41
C VAL A 659 35.87 -14.28 -11.97
N GLY A 660 35.97 -13.35 -12.92
CA GLY A 660 36.44 -12.01 -12.62
C GLY A 660 35.58 -11.35 -11.56
N THR A 661 34.28 -11.58 -11.65
CA THR A 661 33.33 -11.00 -10.70
C THR A 661 33.46 -11.61 -9.30
N MET A 662 33.62 -12.92 -9.24
CA MET A 662 33.80 -13.59 -7.96
C MET A 662 35.05 -13.08 -7.26
N MET A 663 36.14 -12.95 -8.01
CA MET A 663 37.39 -12.44 -7.45
C MET A 663 37.25 -11.00 -6.97
N THR A 664 36.51 -10.19 -7.74
CA THR A 664 36.27 -8.81 -7.34
C THR A 664 35.63 -8.76 -5.96
N CYS A 665 34.60 -9.57 -5.76
CA CYS A 665 33.87 -9.57 -4.48
C CYS A 665 34.66 -10.29 -3.38
N ALA A 666 35.43 -11.29 -3.77
CA ALA A 666 36.23 -12.05 -2.81
C ALA A 666 37.32 -11.19 -2.19
N TYR A 667 37.76 -10.17 -2.91
CA TYR A 667 38.80 -9.27 -2.43
C TYR A 667 38.59 -8.89 -0.97
N GLU A 668 37.36 -8.53 -0.62
CA GLU A 668 37.06 -8.10 0.75
C GLU A 668 36.16 -9.09 1.48
N GLU A 669 35.55 -10.01 0.74
CA GLU A 669 34.70 -11.02 1.34
C GLU A 669 35.27 -12.42 1.14
N PRO A 670 35.99 -12.93 2.16
CA PRO A 670 36.64 -14.22 2.02
C PRO A 670 35.68 -15.41 1.99
N THR A 671 34.39 -15.18 2.26
CA THR A 671 33.41 -16.25 2.17
C THR A 671 32.83 -16.37 0.77
N CYS A 672 33.26 -15.50 -0.13
CA CYS A 672 32.75 -15.49 -1.50
C CYS A 672 33.49 -16.47 -2.38
N GLU A 673 32.78 -17.52 -2.80
CA GLU A 673 33.37 -18.56 -3.64
C GLU A 673 32.53 -18.89 -4.85
N VAL A 674 31.55 -18.03 -5.14
CA VAL A 674 30.66 -18.22 -6.27
C VAL A 674 30.51 -16.93 -7.06
N GLY A 675 30.57 -17.05 -8.39
CA GLY A 675 30.32 -15.91 -9.27
C GLY A 675 29.04 -16.12 -10.06
N LEU A 676 28.23 -15.07 -10.15
CA LEU A 676 26.97 -15.14 -10.88
C LEU A 676 26.78 -13.89 -11.75
N ILE A 677 26.50 -14.09 -13.03
CA ILE A 677 26.18 -12.99 -13.93
C ILE A 677 24.76 -13.15 -14.46
N VAL A 678 23.94 -12.11 -14.28
CA VAL A 678 22.62 -12.06 -14.90
C VAL A 678 22.46 -10.72 -15.59
N GLY A 679 23.00 -10.64 -16.80
CA GLY A 679 22.97 -9.41 -17.59
C GLY A 679 22.57 -9.75 -19.01
N THR A 680 23.39 -9.36 -19.98
CA THR A 680 23.13 -9.76 -21.36
C THR A 680 22.95 -11.27 -21.40
N GLY A 681 23.95 -12.00 -20.92
CA GLY A 681 23.87 -13.44 -20.81
C GLY A 681 23.76 -13.80 -19.34
N SER A 682 23.71 -15.10 -19.04
CA SER A 682 23.70 -15.55 -17.67
C SER A 682 24.58 -16.77 -17.51
N ASN A 683 25.39 -16.79 -16.44
CA ASN A 683 26.35 -17.85 -16.21
C ASN A 683 26.88 -17.77 -14.79
N ALA A 684 27.47 -18.86 -14.31
CA ALA A 684 27.97 -18.90 -12.93
C ALA A 684 29.28 -19.67 -12.82
N CYS A 685 30.04 -19.37 -11.76
CA CYS A 685 31.29 -20.05 -11.47
C CYS A 685 31.43 -20.29 -9.97
N TYR A 686 32.20 -21.31 -9.59
CA TYR A 686 32.39 -21.60 -8.18
C TYR A 686 33.69 -22.36 -7.94
N MET A 687 34.14 -22.38 -6.69
CA MET A 687 35.35 -23.09 -6.31
C MET A 687 35.08 -24.59 -6.14
N GLU A 688 35.72 -25.40 -6.97
CA GLU A 688 35.53 -26.85 -6.93
C GLU A 688 36.78 -27.55 -6.42
N GLU A 689 36.60 -28.72 -5.80
CA GLU A 689 37.74 -29.53 -5.37
C GLU A 689 38.45 -30.09 -6.59
N MET A 690 39.78 -30.02 -6.58
CA MET A 690 40.56 -30.52 -7.72
C MET A 690 40.33 -32.01 -7.97
N LYS A 691 40.07 -32.76 -6.92
CA LYS A 691 39.84 -34.20 -7.09
C LYS A 691 38.61 -34.47 -7.94
N ASN A 692 37.78 -33.44 -8.12
CA ASN A 692 36.57 -33.57 -8.93
C ASN A 692 36.77 -33.05 -10.35
N VAL A 693 37.74 -32.16 -10.53
CA VAL A 693 38.04 -31.64 -11.85
C VAL A 693 38.88 -32.66 -12.60
N GLU A 694 38.26 -33.73 -13.05
CA GLU A 694 38.98 -34.81 -13.72
C GLU A 694 39.67 -34.36 -14.99
N MET A 695 39.34 -33.17 -15.48
CA MET A 695 39.89 -32.69 -16.75
C MET A 695 41.21 -31.95 -16.55
N VAL A 696 41.56 -31.69 -15.30
CA VAL A 696 42.85 -31.10 -14.98
C VAL A 696 43.61 -32.01 -14.04
N GLU A 697 44.79 -32.44 -14.46
CA GLU A 697 45.60 -33.37 -13.69
C GLU A 697 45.93 -32.80 -12.31
N GLY A 698 45.71 -33.62 -11.28
CA GLY A 698 45.94 -33.22 -9.90
C GLY A 698 44.66 -33.23 -9.11
N ASP A 699 44.74 -33.64 -7.84
CA ASP A 699 43.57 -33.70 -6.99
C ASP A 699 43.83 -32.99 -5.67
N GLN A 700 44.73 -32.00 -5.71
CA GLN A 700 45.07 -31.23 -4.53
C GLN A 700 44.59 -29.78 -4.67
N GLY A 701 44.04 -29.25 -3.58
CA GLY A 701 43.57 -27.86 -3.57
C GLY A 701 42.24 -27.66 -4.29
N GLN A 702 42.07 -26.49 -4.87
CA GLN A 702 40.82 -26.12 -5.53
C GLN A 702 41.06 -25.44 -6.88
N MET A 703 40.00 -25.34 -7.66
CA MET A 703 40.03 -24.68 -8.95
C MET A 703 38.67 -24.05 -9.20
N CYS A 704 38.66 -22.78 -9.62
CA CYS A 704 37.42 -22.14 -9.97
C CYS A 704 36.93 -22.64 -11.32
N ILE A 705 35.68 -23.12 -11.35
CA ILE A 705 35.11 -23.69 -12.55
C ILE A 705 34.12 -22.75 -13.20
N ASN A 706 34.39 -22.38 -14.44
CA ASN A 706 33.43 -21.63 -15.23
C ASN A 706 32.41 -22.59 -15.83
N MET A 707 31.24 -22.67 -15.21
CA MET A 707 30.22 -23.64 -15.59
C MET A 707 29.72 -23.47 -17.02
N GLU A 708 29.55 -22.22 -17.45
CA GLU A 708 28.87 -21.95 -18.71
C GLU A 708 27.49 -22.62 -18.68
N TRP A 709 26.73 -22.36 -17.62
CA TRP A 709 25.47 -23.06 -17.42
C TRP A 709 24.37 -22.64 -18.39
N GLY A 710 24.64 -21.62 -19.19
CA GLY A 710 23.67 -21.17 -20.20
C GLY A 710 23.29 -22.28 -21.18
N ALA A 711 24.23 -23.18 -21.45
CA ALA A 711 24.02 -24.28 -22.39
C ALA A 711 23.19 -25.40 -21.77
N PHE A 712 22.88 -25.26 -20.48
CA PHE A 712 21.96 -26.17 -19.82
C PHE A 712 20.71 -26.25 -20.69
N GLY A 713 20.24 -27.46 -20.95
CA GLY A 713 19.04 -27.65 -21.77
C GLY A 713 19.31 -27.82 -23.25
N ASP A 714 20.58 -27.70 -23.64
CA ASP A 714 20.95 -27.81 -25.05
C ASP A 714 20.86 -29.24 -25.55
N ASN A 715 20.82 -30.19 -24.61
CA ASN A 715 20.66 -31.60 -24.94
C ASN A 715 19.20 -32.02 -24.81
N GLY A 716 18.34 -31.05 -24.52
CA GLY A 716 16.91 -31.30 -24.43
C GLY A 716 16.38 -31.56 -23.02
N CYS A 717 17.25 -31.52 -22.02
CA CYS A 717 16.83 -31.82 -20.65
C CYS A 717 15.86 -30.80 -20.06
N LEU A 718 15.51 -29.79 -20.84
CA LEU A 718 14.57 -28.77 -20.38
C LEU A 718 13.36 -28.61 -21.29
N ASP A 719 13.32 -29.38 -22.38
CA ASP A 719 12.19 -29.33 -23.30
C ASP A 719 10.92 -29.54 -22.50
N ASP A 720 11.13 -30.06 -21.30
CA ASP A 720 10.12 -30.29 -20.30
C ASP A 720 9.34 -29.00 -19.98
N ILE A 721 10.07 -27.90 -19.82
CA ILE A 721 9.46 -26.66 -19.33
C ILE A 721 9.52 -25.51 -20.34
N ARG A 722 10.15 -25.74 -21.49
CA ARG A 722 10.22 -24.71 -22.52
C ARG A 722 8.89 -24.56 -23.25
N THR A 723 8.55 -23.33 -23.61
CA THR A 723 7.25 -23.07 -24.21
C THR A 723 7.36 -22.71 -25.69
N HIS A 724 6.21 -22.62 -26.33
CA HIS A 724 6.10 -22.19 -27.71
C HIS A 724 6.89 -20.92 -27.94
N TYR A 725 6.84 -20.01 -26.97
CA TYR A 725 7.50 -18.71 -27.09
C TYR A 725 9.02 -18.80 -26.93
N ASP A 726 9.48 -19.72 -26.08
CA ASP A 726 10.90 -19.93 -25.88
C ASP A 726 11.52 -20.48 -27.17
N ARG A 727 10.79 -21.36 -27.84
CA ARG A 727 11.28 -21.97 -29.08
C ARG A 727 11.34 -20.96 -30.22
N LEU A 728 10.36 -20.07 -30.29
CA LEU A 728 10.41 -19.00 -31.27
C LEU A 728 11.64 -18.13 -31.06
N VAL A 729 11.89 -17.75 -29.81
CA VAL A 729 13.06 -16.92 -29.50
C VAL A 729 14.36 -17.64 -29.86
N ASP A 730 14.48 -18.89 -29.44
CA ASP A 730 15.65 -19.70 -29.77
C ASP A 730 15.81 -19.86 -31.27
N GLU A 731 14.70 -20.14 -31.94
CA GLU A 731 14.74 -20.47 -33.36
C GLU A 731 15.14 -19.28 -34.23
N TYR A 732 14.85 -18.07 -33.77
CA TYR A 732 15.19 -16.87 -34.51
C TYR A 732 16.45 -16.18 -33.98
N SER A 733 17.17 -16.85 -33.08
CA SER A 733 18.40 -16.28 -32.53
C SER A 733 19.59 -16.53 -33.44
N LEU A 734 20.71 -15.89 -33.12
CA LEU A 734 21.96 -16.06 -33.86
C LEU A 734 22.54 -17.45 -33.64
N ASN A 735 22.05 -18.13 -32.60
CA ASN A 735 22.61 -19.41 -32.21
C ASN A 735 21.51 -20.40 -31.84
N ALA A 736 20.66 -20.72 -32.80
CA ALA A 736 19.53 -21.62 -32.58
C ALA A 736 19.96 -22.96 -31.99
N GLY A 737 19.24 -23.40 -30.97
CA GLY A 737 19.52 -24.69 -30.34
C GLY A 737 20.53 -24.59 -29.22
N LYS A 738 21.15 -23.43 -29.06
CA LYS A 738 22.18 -23.27 -28.04
C LYS A 738 21.78 -22.28 -26.95
N GLN A 739 22.45 -22.39 -25.80
CA GLN A 739 22.24 -21.49 -24.67
C GLN A 739 20.77 -21.41 -24.25
N ARG A 740 20.08 -22.54 -24.26
CA ARG A 740 18.63 -22.55 -23.98
C ARG A 740 18.25 -22.07 -22.58
N TYR A 741 18.96 -22.53 -21.56
CA TYR A 741 18.73 -22.09 -20.19
C TYR A 741 18.89 -20.59 -20.08
N GLU A 742 20.00 -20.09 -20.62
CA GLU A 742 20.28 -18.67 -20.66
C GLU A 742 19.17 -17.88 -21.33
N LYS A 743 18.60 -18.46 -22.38
CA LYS A 743 17.58 -17.78 -23.17
C LYS A 743 16.25 -17.67 -22.42
N MET A 744 16.15 -18.33 -21.28
CA MET A 744 14.97 -18.24 -20.43
C MET A 744 15.21 -17.34 -19.23
N ILE A 745 16.41 -16.77 -19.15
CA ILE A 745 16.82 -16.00 -17.97
C ILE A 745 17.34 -14.57 -18.25
N SER A 746 18.24 -14.42 -19.23
CA SER A 746 19.01 -13.18 -19.37
C SER A 746 18.31 -12.04 -20.12
N GLY A 747 18.80 -10.82 -19.88
CA GLY A 747 18.21 -9.60 -20.42
C GLY A 747 18.17 -9.46 -21.92
N MET A 748 19.01 -10.19 -22.62
CA MET A 748 18.99 -10.13 -24.08
C MET A 748 17.77 -10.82 -24.63
N TYR A 749 17.19 -11.75 -23.86
CA TYR A 749 16.13 -12.61 -24.37
C TYR A 749 14.75 -12.44 -23.70
N LEU A 750 14.71 -12.02 -22.45
CA LEU A 750 13.43 -11.93 -21.75
C LEU A 750 12.43 -11.11 -22.55
N GLY A 751 12.88 -9.97 -23.07
CA GLY A 751 12.04 -9.09 -23.86
C GLY A 751 11.44 -9.79 -25.06
N GLU A 752 12.24 -10.59 -25.74
CA GLU A 752 11.79 -11.30 -26.92
C GLU A 752 10.70 -12.32 -26.58
N ILE A 753 10.84 -12.95 -25.42
CA ILE A 753 9.81 -13.87 -24.96
C ILE A 753 8.51 -13.09 -24.79
N VAL A 754 8.61 -11.96 -24.09
CA VAL A 754 7.44 -11.12 -23.85
C VAL A 754 6.84 -10.65 -25.16
N ARG A 755 7.69 -10.20 -26.07
CA ARG A 755 7.22 -9.69 -27.35
C ARG A 755 6.42 -10.76 -28.10
N ASN A 756 6.95 -11.98 -28.14
CA ASN A 756 6.27 -13.06 -28.83
C ASN A 756 4.92 -13.40 -28.18
N ILE A 757 4.87 -13.36 -26.86
CA ILE A 757 3.61 -13.57 -26.18
C ILE A 757 2.59 -12.49 -26.61
N LEU A 758 3.03 -11.23 -26.64
CA LEU A 758 2.15 -10.14 -27.01
C LEU A 758 1.67 -10.25 -28.46
N ILE A 759 2.57 -10.67 -29.35
CA ILE A 759 2.19 -10.85 -30.74
C ILE A 759 1.08 -11.90 -30.82
N ASP A 760 1.24 -12.98 -30.05
CA ASP A 760 0.24 -14.05 -30.01
C ASP A 760 -1.07 -13.54 -29.44
N PHE A 761 -1.00 -12.84 -28.31
CA PHE A 761 -2.22 -12.32 -27.66
C PHE A 761 -2.95 -11.32 -28.56
N THR A 762 -2.20 -10.50 -29.28
CA THR A 762 -2.80 -9.53 -30.19
C THR A 762 -3.55 -10.24 -31.32
N LYS A 763 -2.92 -11.27 -31.90
CA LYS A 763 -3.58 -12.06 -32.93
C LYS A 763 -4.87 -12.70 -32.40
N LYS A 764 -4.85 -13.10 -31.13
CA LYS A 764 -6.03 -13.70 -30.50
C LYS A 764 -7.08 -12.64 -30.26
N GLY A 765 -6.69 -11.38 -30.37
CA GLY A 765 -7.60 -10.26 -30.15
C GLY A 765 -7.74 -9.85 -28.70
N PHE A 766 -6.75 -10.21 -27.88
CA PHE A 766 -6.77 -9.84 -26.47
C PHE A 766 -6.11 -8.48 -26.23
N LEU A 767 -5.32 -8.02 -27.18
CA LEU A 767 -4.49 -6.82 -27.02
C LEU A 767 -4.49 -5.92 -28.24
N PHE A 768 -4.30 -4.62 -28.01
CA PHE A 768 -4.16 -3.64 -29.07
C PHE A 768 -5.19 -3.77 -30.20
N ARG A 769 -6.46 -3.93 -29.83
CA ARG A 769 -7.53 -4.06 -30.81
C ARG A 769 -7.29 -5.19 -31.80
N GLY A 770 -6.26 -5.99 -31.54
CA GLY A 770 -5.94 -7.12 -32.42
C GLY A 770 -5.15 -6.70 -33.64
N GLN A 771 -4.44 -5.57 -33.53
CA GLN A 771 -3.66 -5.06 -34.64
C GLN A 771 -2.19 -4.95 -34.29
N ILE A 772 -1.40 -5.85 -34.88
CA ILE A 772 0.04 -5.93 -34.62
C ILE A 772 0.80 -4.81 -35.30
N SER A 773 1.18 -3.79 -34.53
CA SER A 773 1.89 -2.64 -35.08
C SER A 773 3.28 -3.03 -35.56
N GLU A 774 3.85 -2.22 -36.44
CA GLU A 774 5.19 -2.47 -36.96
C GLU A 774 6.19 -2.49 -35.80
N THR A 775 5.87 -1.73 -34.76
CA THR A 775 6.73 -1.63 -33.59
C THR A 775 6.83 -2.98 -32.87
N LEU A 776 5.69 -3.63 -32.71
CA LEU A 776 5.63 -4.91 -32.02
C LEU A 776 6.38 -6.00 -32.78
N LYS A 777 6.66 -5.75 -34.05
CA LYS A 777 7.39 -6.71 -34.88
C LYS A 777 8.89 -6.45 -34.82
N THR A 778 9.26 -5.35 -34.17
CA THR A 778 10.67 -5.00 -34.05
C THR A 778 11.30 -5.78 -32.92
N ARG A 779 12.32 -6.57 -33.24
CA ARG A 779 12.97 -7.38 -32.22
C ARG A 779 13.90 -6.54 -31.35
N GLY A 780 13.93 -6.84 -30.06
CA GLY A 780 14.78 -6.12 -29.11
C GLY A 780 14.07 -4.93 -28.50
N ILE A 781 12.79 -4.79 -28.84
CA ILE A 781 12.00 -3.65 -28.40
C ILE A 781 11.88 -3.57 -26.88
N PHE A 782 11.74 -4.73 -26.23
CA PHE A 782 11.59 -4.76 -24.79
C PHE A 782 12.92 -5.00 -24.08
N GLU A 783 13.77 -3.97 -24.08
CA GLU A 783 15.06 -4.02 -23.44
C GLU A 783 14.94 -4.18 -21.92
N THR A 784 16.02 -4.67 -21.32
CA THR A 784 16.12 -4.84 -19.88
C THR A 784 15.57 -3.61 -19.14
N LYS A 785 15.93 -2.43 -19.63
CA LYS A 785 15.54 -1.16 -19.05
C LYS A 785 14.01 -0.99 -19.00
N PHE A 786 13.35 -1.33 -20.10
CA PHE A 786 11.90 -1.21 -20.17
C PHE A 786 11.22 -2.22 -19.25
N LEU A 787 11.65 -3.47 -19.33
CA LEU A 787 11.09 -4.52 -18.48
C LEU A 787 11.16 -4.13 -17.02
N SER A 788 12.28 -3.55 -16.62
CA SER A 788 12.47 -3.14 -15.23
C SER A 788 11.53 -2.00 -14.84
N GLN A 789 11.40 -0.99 -15.70
CA GLN A 789 10.48 0.12 -15.43
C GLN A 789 9.05 -0.38 -15.31
N ILE A 790 8.64 -1.18 -16.30
CA ILE A 790 7.28 -1.71 -16.37
C ILE A 790 6.83 -2.39 -15.09
N GLU A 791 7.76 -3.06 -14.42
CA GLU A 791 7.41 -3.90 -13.28
C GLU A 791 7.55 -3.22 -11.93
N SER A 792 8.08 -2.00 -11.92
CA SER A 792 8.22 -1.25 -10.68
C SER A 792 6.92 -1.32 -9.89
N ASP A 793 7.03 -1.44 -8.57
CA ASP A 793 5.87 -1.58 -7.70
C ASP A 793 5.06 -0.29 -7.57
N ARG A 794 3.80 -0.42 -7.17
CA ARG A 794 2.92 0.72 -6.96
C ARG A 794 3.05 1.73 -8.09
N LEU A 795 3.19 1.23 -9.31
CA LEU A 795 3.32 2.08 -10.48
C LEU A 795 1.95 2.30 -11.12
N ALA A 796 1.60 3.56 -11.34
CA ALA A 796 0.28 3.88 -11.91
C ALA A 796 0.15 3.38 -13.33
N LEU A 797 -0.98 2.72 -13.63
CA LEU A 797 -1.25 2.26 -14.98
C LEU A 797 -0.95 3.36 -15.98
N LEU A 798 -1.30 4.59 -15.60
CA LEU A 798 -1.07 5.76 -16.42
C LEU A 798 0.39 5.83 -16.85
N GLN A 799 1.29 5.57 -15.91
CA GLN A 799 2.72 5.57 -16.19
C GLN A 799 3.10 4.39 -17.09
N VAL A 800 2.55 3.22 -16.81
CA VAL A 800 2.77 2.05 -17.65
C VAL A 800 2.37 2.36 -19.10
N ARG A 801 1.15 2.85 -19.27
CA ARG A 801 0.67 3.23 -20.59
C ARG A 801 1.60 4.24 -21.26
N ALA A 802 2.19 5.13 -20.44
CA ALA A 802 3.12 6.12 -20.95
C ALA A 802 4.38 5.46 -21.52
N ILE A 803 4.96 4.55 -20.74
CA ILE A 803 6.13 3.80 -21.18
C ILE A 803 5.87 3.10 -22.51
N LEU A 804 4.76 2.39 -22.58
CA LEU A 804 4.42 1.63 -23.77
C LEU A 804 4.24 2.53 -24.99
N GLN A 805 3.39 3.53 -24.86
CA GLN A 805 3.16 4.47 -25.95
C GLN A 805 4.46 5.14 -26.38
N GLN A 806 5.38 5.27 -25.44
CA GLN A 806 6.68 5.88 -25.74
C GLN A 806 7.63 4.92 -26.44
N LEU A 807 7.26 3.64 -26.47
CA LEU A 807 8.02 2.65 -27.21
C LEU A 807 7.49 2.58 -28.63
N GLY A 808 6.19 2.86 -28.77
CA GLY A 808 5.52 2.81 -30.05
C GLY A 808 4.22 2.02 -29.97
N LEU A 809 3.92 1.50 -28.78
CA LEU A 809 2.73 0.70 -28.58
C LEU A 809 1.59 1.51 -27.98
N ASN A 810 0.58 1.79 -28.80
CA ASN A 810 -0.58 2.55 -28.35
C ASN A 810 -1.57 1.61 -27.65
N SER A 811 -1.57 1.62 -26.33
CA SER A 811 -2.38 0.69 -25.56
C SER A 811 -3.34 1.39 -24.62
N THR A 812 -4.37 0.66 -24.21
CA THR A 812 -5.36 1.16 -23.26
C THR A 812 -5.01 0.66 -21.87
N CYS A 813 -5.71 1.16 -20.86
CA CYS A 813 -5.47 0.72 -19.49
C CYS A 813 -5.49 -0.80 -19.39
N ASP A 814 -6.51 -1.42 -19.96
CA ASP A 814 -6.63 -2.88 -19.93
C ASP A 814 -5.40 -3.53 -20.54
N ASP A 815 -4.96 -3.00 -21.68
CA ASP A 815 -3.78 -3.52 -22.36
C ASP A 815 -2.54 -3.40 -21.48
N SER A 816 -2.36 -2.23 -20.88
CA SER A 816 -1.22 -1.98 -20.01
C SER A 816 -1.16 -2.99 -18.87
N ILE A 817 -2.34 -3.31 -18.32
CA ILE A 817 -2.42 -4.30 -17.26
C ILE A 817 -1.94 -5.66 -17.75
N LEU A 818 -2.46 -6.08 -18.89
CA LEU A 818 -2.12 -7.38 -19.44
C LEU A 818 -0.63 -7.47 -19.75
N VAL A 819 -0.10 -6.43 -20.38
CA VAL A 819 1.31 -6.39 -20.71
C VAL A 819 2.16 -6.51 -19.46
N LYS A 820 1.75 -5.83 -18.40
CA LYS A 820 2.48 -5.83 -17.15
C LYS A 820 2.45 -7.22 -16.52
N THR A 821 1.28 -7.84 -16.56
CA THR A 821 1.13 -9.20 -16.08
C THR A 821 2.06 -10.15 -16.82
N VAL A 822 2.21 -9.92 -18.12
CA VAL A 822 3.03 -10.79 -18.95
C VAL A 822 4.53 -10.64 -18.62
N CYS A 823 4.99 -9.40 -18.49
CA CYS A 823 6.37 -9.13 -18.12
C CYS A 823 6.70 -9.78 -16.78
N GLY A 824 5.78 -9.66 -15.83
CA GLY A 824 5.97 -10.20 -14.48
C GLY A 824 6.11 -11.71 -14.47
N VAL A 825 5.30 -12.38 -15.29
CA VAL A 825 5.34 -13.82 -15.37
C VAL A 825 6.63 -14.34 -16.00
N VAL A 826 7.13 -13.64 -17.01
CA VAL A 826 8.35 -14.05 -17.70
C VAL A 826 9.57 -13.83 -16.82
N SER A 827 9.63 -12.68 -16.16
CA SER A 827 10.77 -12.35 -15.32
C SER A 827 10.76 -13.15 -14.02
N ARG A 828 9.58 -13.41 -13.47
CA ARG A 828 9.46 -14.28 -12.32
C ARG A 828 10.03 -15.66 -12.61
N ARG A 829 9.66 -16.22 -13.76
CA ARG A 829 10.15 -17.54 -14.12
C ARG A 829 11.66 -17.52 -14.31
N ALA A 830 12.19 -16.42 -14.83
CA ALA A 830 13.62 -16.30 -15.03
C ALA A 830 14.36 -16.32 -13.69
N ALA A 831 13.78 -15.63 -12.70
CA ALA A 831 14.37 -15.58 -11.38
C ALA A 831 14.35 -16.95 -10.72
N GLN A 832 13.25 -17.67 -10.89
CA GLN A 832 13.12 -18.99 -10.27
C GLN A 832 14.07 -20.00 -10.90
N LEU A 833 14.16 -19.97 -12.23
CA LEU A 833 15.04 -20.90 -12.94
C LEU A 833 16.49 -20.66 -12.55
N CYS A 834 16.86 -19.39 -12.45
CA CYS A 834 18.19 -19.01 -12.04
C CYS A 834 18.48 -19.50 -10.64
N GLY A 835 17.50 -19.36 -9.75
CA GLY A 835 17.62 -19.84 -8.37
C GLY A 835 17.78 -21.35 -8.27
N ALA A 836 17.10 -22.08 -9.16
CA ALA A 836 17.20 -23.53 -9.16
C ALA A 836 18.63 -23.94 -9.51
N GLY A 837 19.24 -23.19 -10.41
CA GLY A 837 20.62 -23.46 -10.81
C GLY A 837 21.57 -23.16 -9.67
N MET A 838 21.47 -21.96 -9.12
CA MET A 838 22.28 -21.57 -7.99
C MET A 838 22.10 -22.54 -6.82
N ALA A 839 20.86 -23.00 -6.63
CA ALA A 839 20.57 -23.97 -5.57
C ALA A 839 21.41 -25.22 -5.74
N ALA A 840 21.48 -25.73 -6.96
CA ALA A 840 22.29 -26.91 -7.24
C ALA A 840 23.74 -26.65 -6.88
N VAL A 841 24.24 -25.48 -7.27
CA VAL A 841 25.62 -25.09 -7.04
C VAL A 841 26.03 -25.07 -5.55
N VAL A 842 25.31 -24.29 -4.76
CA VAL A 842 25.66 -24.15 -3.35
C VAL A 842 25.54 -25.49 -2.63
N ASP A 843 24.55 -26.28 -3.01
CA ASP A 843 24.35 -27.57 -2.35
C ASP A 843 25.52 -28.50 -2.66
N LYS A 844 26.08 -28.39 -3.87
CA LYS A 844 27.25 -29.18 -4.21
C LYS A 844 28.44 -28.77 -3.35
N ILE A 845 28.62 -27.45 -3.20
CA ILE A 845 29.69 -26.92 -2.36
C ILE A 845 29.55 -27.42 -0.94
N ARG A 846 28.34 -27.31 -0.40
CA ARG A 846 28.05 -27.79 0.94
C ARG A 846 28.51 -29.24 1.11
N GLU A 847 28.19 -30.09 0.14
CA GLU A 847 28.55 -31.50 0.20
C GLU A 847 30.05 -31.75 0.07
N ASN A 848 30.70 -31.00 -0.83
CA ASN A 848 32.14 -31.11 -1.00
C ASN A 848 32.86 -30.84 0.30
N ARG A 849 32.19 -30.11 1.18
CA ARG A 849 32.77 -29.65 2.43
C ARG A 849 32.28 -30.51 3.58
N GLY A 850 31.38 -31.45 3.25
CA GLY A 850 30.80 -32.35 4.26
C GLY A 850 30.10 -31.61 5.38
N LEU A 851 29.29 -30.62 5.04
CA LEU A 851 28.59 -29.83 6.04
C LEU A 851 27.10 -30.15 6.12
N ASP A 852 26.51 -29.88 7.28
CA ASP A 852 25.06 -29.98 7.45
C ASP A 852 24.42 -28.66 7.03
N ARG A 853 25.10 -27.57 7.36
CA ARG A 853 24.69 -26.23 6.96
C ARG A 853 25.86 -25.49 6.34
N LEU A 854 25.58 -24.70 5.30
CA LEU A 854 26.64 -23.96 4.63
C LEU A 854 26.31 -22.48 4.51
N ASN A 855 27.21 -21.64 4.99
CA ASN A 855 27.15 -20.21 4.72
C ASN A 855 28.11 -19.89 3.61
N VAL A 856 27.61 -19.28 2.55
CA VAL A 856 28.45 -18.94 1.41
C VAL A 856 27.93 -17.69 0.74
N THR A 857 28.82 -16.84 0.24
CA THR A 857 28.36 -15.66 -0.46
C THR A 857 28.64 -15.75 -1.95
N VAL A 858 27.71 -15.21 -2.73
CA VAL A 858 27.82 -15.18 -4.18
C VAL A 858 28.11 -13.75 -4.61
N GLY A 859 29.15 -13.56 -5.41
CA GLY A 859 29.42 -12.27 -6.01
C GLY A 859 28.66 -12.13 -7.32
N VAL A 860 27.83 -11.10 -7.42
CA VAL A 860 26.92 -10.95 -8.57
C VAL A 860 27.12 -9.67 -9.38
N ASP A 861 26.82 -9.76 -10.67
CA ASP A 861 26.82 -8.58 -11.54
C ASP A 861 25.87 -8.83 -12.72
N GLY A 862 25.52 -7.77 -13.43
CA GLY A 862 24.59 -7.88 -14.55
C GLY A 862 23.54 -6.79 -14.50
N THR A 863 23.22 -6.22 -15.66
CA THR A 863 22.27 -5.12 -15.73
C THR A 863 20.85 -5.54 -15.33
N LEU A 864 20.42 -6.70 -15.80
CA LEU A 864 19.10 -7.21 -15.41
C LEU A 864 19.00 -7.42 -13.90
N TYR A 865 20.05 -7.99 -13.31
CA TYR A 865 20.07 -8.22 -11.87
C TYR A 865 20.01 -6.91 -11.10
N LYS A 866 20.72 -5.89 -11.60
CA LYS A 866 20.80 -4.61 -10.90
C LYS A 866 19.56 -3.76 -11.07
N LEU A 867 18.97 -3.80 -12.26
CA LEU A 867 17.86 -2.91 -12.58
C LEU A 867 16.48 -3.46 -12.22
N HIS A 868 16.30 -4.76 -12.37
CA HIS A 868 14.98 -5.36 -12.18
C HIS A 868 14.52 -5.26 -10.73
N PRO A 869 13.26 -4.87 -10.53
CA PRO A 869 12.74 -4.64 -9.18
C PRO A 869 12.33 -5.92 -8.44
N HIS A 870 12.29 -7.05 -9.13
CA HIS A 870 11.86 -8.28 -8.48
C HIS A 870 12.81 -9.46 -8.67
N PHE A 871 13.58 -9.44 -9.75
CA PHE A 871 14.41 -10.60 -10.08
C PHE A 871 15.27 -11.08 -8.92
N SER A 872 16.14 -10.21 -8.40
CA SER A 872 17.05 -10.61 -7.33
C SER A 872 16.27 -11.10 -6.11
N ARG A 873 15.19 -10.41 -5.75
CA ARG A 873 14.39 -10.82 -4.60
C ARG A 873 13.87 -12.24 -4.77
N ILE A 874 13.19 -12.50 -5.89
CA ILE A 874 12.60 -13.80 -6.15
C ILE A 874 13.66 -14.88 -6.30
N MET A 875 14.79 -14.51 -6.89
CA MET A 875 15.88 -15.46 -7.07
C MET A 875 16.41 -15.88 -5.69
N HIS A 876 16.63 -14.91 -4.82
CA HIS A 876 17.10 -15.21 -3.46
C HIS A 876 16.12 -16.12 -2.71
N GLN A 877 14.85 -15.75 -2.69
CA GLN A 877 13.81 -16.55 -2.02
C GLN A 877 13.82 -17.99 -2.55
N THR A 878 14.01 -18.14 -3.85
CA THR A 878 14.04 -19.46 -4.48
C THR A 878 15.22 -20.30 -3.99
N VAL A 879 16.41 -19.71 -3.99
CA VAL A 879 17.60 -20.40 -3.54
C VAL A 879 17.46 -20.86 -2.08
N LYS A 880 16.92 -19.99 -1.24
CA LYS A 880 16.69 -20.36 0.16
C LYS A 880 15.70 -21.51 0.28
N GLU A 881 14.65 -21.46 -0.54
CA GLU A 881 13.60 -22.46 -0.53
C GLU A 881 14.09 -23.82 -1.02
N LEU A 882 14.93 -23.82 -2.04
CA LEU A 882 15.37 -25.06 -2.68
C LEU A 882 16.58 -25.71 -2.01
N SER A 883 17.41 -24.90 -1.37
CA SER A 883 18.57 -25.42 -0.64
C SER A 883 18.58 -24.92 0.81
N PRO A 884 17.59 -25.35 1.60
CA PRO A 884 17.38 -24.89 2.97
C PRO A 884 18.56 -25.17 3.90
N LYS A 885 19.47 -26.03 3.49
CA LYS A 885 20.65 -26.31 4.31
C LYS A 885 21.77 -25.30 4.03
N CYS A 886 21.54 -24.38 3.10
CA CYS A 886 22.50 -23.34 2.79
C CYS A 886 21.95 -21.96 3.12
N ASN A 887 22.81 -21.12 3.70
CA ASN A 887 22.49 -19.71 3.90
C ASN A 887 23.34 -18.90 2.94
N VAL A 888 22.76 -18.52 1.81
CA VAL A 888 23.50 -17.84 0.77
C VAL A 888 23.37 -16.33 0.88
N SER A 889 24.51 -15.64 0.81
CA SER A 889 24.53 -14.18 0.77
C SER A 889 24.93 -13.72 -0.62
N PHE A 890 24.13 -12.84 -1.21
CA PHE A 890 24.45 -12.30 -2.52
C PHE A 890 25.09 -10.94 -2.38
N LEU A 891 26.30 -10.80 -2.89
CA LEU A 891 27.05 -9.56 -2.77
C LEU A 891 27.19 -8.89 -4.14
N LEU A 892 26.70 -7.66 -4.23
CA LEU A 892 26.72 -6.92 -5.49
C LEU A 892 28.13 -6.43 -5.85
N SER A 893 28.57 -6.72 -7.06
CA SER A 893 29.85 -6.20 -7.54
C SER A 893 29.67 -4.78 -8.06
N GLU A 894 30.39 -3.83 -7.49
CA GLU A 894 30.29 -2.44 -7.93
C GLU A 894 31.57 -1.93 -8.57
N ASP A 895 32.53 -2.82 -8.80
CA ASP A 895 33.81 -2.42 -9.40
C ASP A 895 34.01 -3.02 -10.79
N GLY A 896 33.13 -3.92 -11.19
CA GLY A 896 33.26 -4.60 -12.48
C GLY A 896 34.23 -5.75 -12.37
N SER A 897 34.31 -6.57 -13.43
CA SER A 897 35.17 -7.74 -13.45
C SER A 897 36.67 -7.40 -13.46
N GLY A 898 37.00 -6.20 -13.95
CA GLY A 898 38.40 -5.79 -14.11
C GLY A 898 39.24 -5.92 -12.85
N LYS A 899 38.68 -5.49 -11.72
CA LYS A 899 39.37 -5.61 -10.45
C LYS A 899 39.82 -7.04 -10.22
N GLY A 900 38.87 -7.98 -10.31
CA GLY A 900 39.17 -9.39 -10.12
C GLY A 900 40.16 -9.90 -11.15
N ALA A 901 39.98 -9.47 -12.40
CA ALA A 901 40.89 -9.88 -13.47
C ALA A 901 42.31 -9.45 -13.16
N ALA A 902 42.44 -8.26 -12.58
CA ALA A 902 43.74 -7.72 -12.19
C ALA A 902 44.32 -8.53 -11.04
N LEU A 903 43.47 -8.84 -10.06
CA LEU A 903 43.88 -9.66 -8.92
C LEU A 903 44.35 -11.02 -9.40
N ILE A 904 43.68 -11.54 -10.42
CA ILE A 904 44.04 -12.82 -11.00
C ILE A 904 45.35 -12.70 -11.77
N THR A 905 45.56 -11.57 -12.43
CA THR A 905 46.77 -11.35 -13.21
C THR A 905 47.99 -11.24 -12.30
N ALA A 906 47.79 -10.72 -11.10
CA ALA A 906 48.87 -10.57 -10.14
C ALA A 906 49.43 -11.93 -9.75
N VAL A 907 48.55 -12.83 -9.30
CA VAL A 907 48.95 -14.18 -8.94
C VAL A 907 49.56 -14.87 -10.15
N GLY A 908 49.05 -14.54 -11.34
CA GLY A 908 49.56 -15.10 -12.57
C GLY A 908 51.02 -14.75 -12.80
N VAL A 909 51.36 -13.47 -12.56
CA VAL A 909 52.73 -13.00 -12.74
C VAL A 909 53.68 -13.64 -11.75
N ARG A 910 53.24 -13.76 -10.49
CA ARG A 910 54.07 -14.41 -9.48
C ARG A 910 54.33 -15.87 -9.85
N LEU A 911 53.26 -16.64 -9.97
CA LEU A 911 53.39 -18.07 -10.23
C LEU A 911 54.35 -18.32 -11.37
N ARG A 912 54.11 -17.65 -12.49
CA ARG A 912 54.99 -17.76 -13.64
C ARG A 912 56.42 -17.50 -13.21
N THR A 913 56.61 -16.40 -12.48
CA THR A 913 57.94 -16.04 -12.00
C THR A 913 58.45 -17.06 -11.00
N GLU A 914 58.51 -18.31 -11.48
CA GLU A 914 58.93 -19.46 -10.68
C GLU A 914 59.19 -20.60 -11.65
N ASP B 16 40.60 37.69 -35.60
CA ASP B 16 39.20 37.60 -36.12
C ASP B 16 39.02 36.36 -36.98
N ASP B 17 39.90 36.21 -37.97
CA ASP B 17 39.88 35.05 -38.85
C ASP B 17 39.93 33.77 -38.02
N GLN B 18 40.67 33.81 -36.93
CA GLN B 18 40.82 32.67 -36.03
C GLN B 18 39.49 32.35 -35.34
N VAL B 19 39.00 33.30 -34.55
CA VAL B 19 37.75 33.14 -33.82
C VAL B 19 36.63 32.65 -34.73
N LYS B 20 36.68 33.05 -35.99
CA LYS B 20 35.69 32.65 -36.97
C LYS B 20 35.73 31.14 -37.19
N LYS B 21 36.94 30.62 -37.45
CA LYS B 21 37.11 29.20 -37.71
C LYS B 21 36.63 28.35 -36.54
N ILE B 22 37.21 28.59 -35.37
CA ILE B 22 36.83 27.85 -34.16
C ILE B 22 35.32 27.89 -33.96
N ASP B 23 34.72 29.04 -34.20
CA ASP B 23 33.30 29.25 -33.96
C ASP B 23 32.45 28.28 -34.77
N LYS B 24 32.87 28.02 -36.00
CA LYS B 24 32.10 27.14 -36.89
C LYS B 24 32.44 25.67 -36.66
N TYR B 25 33.58 25.42 -36.04
CA TYR B 25 34.01 24.06 -35.73
C TYR B 25 33.27 23.53 -34.51
N LEU B 26 32.98 24.43 -33.57
CA LEU B 26 32.28 24.07 -32.33
C LEU B 26 30.88 24.68 -32.30
N TYR B 27 30.27 24.77 -33.47
CA TYR B 27 28.95 25.39 -33.61
C TYR B 27 27.90 24.72 -32.74
N ALA B 28 28.05 23.40 -32.55
CA ALA B 28 27.08 22.62 -31.78
C ALA B 28 27.03 23.05 -30.32
N MET B 29 28.06 23.76 -29.85
CA MET B 29 28.12 24.19 -28.45
C MET B 29 27.78 25.66 -28.25
N ARG B 30 27.49 26.36 -29.34
CA ARG B 30 27.06 27.75 -29.26
C ARG B 30 25.54 27.76 -29.16
N LEU B 31 25.03 27.92 -27.94
CA LEU B 31 23.59 27.79 -27.71
C LEU B 31 22.83 29.10 -27.89
N SER B 32 21.87 29.09 -28.80
CA SER B 32 21.04 30.27 -29.05
C SER B 32 20.01 30.43 -27.93
N ASP B 33 19.44 31.62 -27.83
CA ASP B 33 18.41 31.87 -26.82
C ASP B 33 17.16 31.03 -27.07
N GLU B 34 16.85 30.80 -28.34
CA GLU B 34 15.72 29.95 -28.70
C GLU B 34 15.91 28.54 -28.14
N THR B 35 17.12 28.02 -28.32
CA THR B 35 17.46 26.70 -27.80
C THR B 35 17.36 26.69 -26.28
N LEU B 36 18.00 27.68 -25.64
CA LEU B 36 17.94 27.82 -24.20
C LEU B 36 16.50 27.79 -23.69
N ILE B 37 15.64 28.63 -24.28
CA ILE B 37 14.24 28.65 -23.89
C ILE B 37 13.62 27.26 -24.03
N ASP B 38 14.01 26.56 -25.08
CA ASP B 38 13.58 25.18 -25.28
C ASP B 38 14.03 24.32 -24.11
N ILE B 39 15.34 24.28 -23.88
CA ILE B 39 15.89 23.53 -22.76
C ILE B 39 15.18 23.88 -21.46
N MET B 40 14.91 25.16 -21.27
CA MET B 40 14.24 25.63 -20.05
C MET B 40 12.85 25.03 -19.92
N THR B 41 12.12 25.00 -21.03
CA THR B 41 10.79 24.40 -21.04
C THR B 41 10.90 22.91 -20.73
N ARG B 42 11.94 22.28 -21.26
CA ARG B 42 12.20 20.88 -20.98
C ARG B 42 12.38 20.65 -19.49
N PHE B 43 13.24 21.44 -18.85
CA PHE B 43 13.44 21.28 -17.43
C PHE B 43 12.14 21.51 -16.67
N ARG B 44 11.38 22.50 -17.14
CA ARG B 44 10.07 22.81 -16.58
C ARG B 44 9.26 21.52 -16.42
N LYS B 45 9.14 20.78 -17.52
CA LYS B 45 8.36 19.55 -17.53
C LYS B 45 8.99 18.47 -16.64
N GLU B 46 10.31 18.39 -16.65
CA GLU B 46 11.03 17.42 -15.81
C GLU B 46 10.74 17.64 -14.32
N MET B 47 10.58 18.91 -13.92
CA MET B 47 10.26 19.23 -12.54
C MET B 47 8.87 18.72 -12.19
N LYS B 48 7.94 18.93 -13.11
CA LYS B 48 6.56 18.47 -12.93
C LYS B 48 6.52 16.95 -12.80
N ASN B 49 7.34 16.26 -13.59
CA ASN B 49 7.40 14.81 -13.55
C ASN B 49 8.00 14.30 -12.25
N GLY B 50 9.06 14.95 -11.78
CA GLY B 50 9.70 14.53 -10.54
C GLY B 50 8.78 14.70 -9.34
N LEU B 51 7.89 15.67 -9.42
CA LEU B 51 7.00 16.00 -8.31
C LEU B 51 5.72 15.18 -8.32
N SER B 52 5.35 14.69 -9.50
CA SER B 52 4.14 13.88 -9.67
C SER B 52 4.31 12.48 -9.09
N ARG B 53 3.29 12.00 -8.38
CA ARG B 53 3.34 10.67 -7.79
C ARG B 53 3.29 9.59 -8.87
N ASP B 54 2.76 9.96 -10.04
CA ASP B 54 2.61 9.03 -11.15
C ASP B 54 3.89 8.90 -11.96
N PHE B 55 4.52 10.04 -12.26
CA PHE B 55 5.68 10.04 -13.16
C PHE B 55 7.03 9.94 -12.45
N ASN B 56 7.06 10.25 -11.16
CA ASN B 56 8.32 10.26 -10.42
C ASN B 56 9.18 9.01 -10.60
N PRO B 57 8.56 7.82 -10.52
CA PRO B 57 9.41 6.63 -10.61
C PRO B 57 10.23 6.55 -11.91
N THR B 58 9.84 7.32 -12.93
CA THR B 58 10.58 7.32 -14.19
C THR B 58 11.28 8.64 -14.51
N ALA B 59 11.07 9.65 -13.68
CA ALA B 59 11.68 10.95 -13.90
C ALA B 59 13.17 10.90 -13.52
N THR B 60 14.01 11.55 -14.32
CA THR B 60 15.44 11.57 -14.01
C THR B 60 15.78 12.73 -13.08
N VAL B 61 14.91 13.74 -13.07
CA VAL B 61 15.03 14.85 -12.13
C VAL B 61 14.16 14.52 -10.93
N LYS B 62 14.80 14.14 -9.83
CA LYS B 62 14.09 13.47 -8.73
C LYS B 62 13.28 14.36 -7.79
N MET B 63 13.55 15.66 -7.78
CA MET B 63 12.77 16.59 -6.97
C MET B 63 12.56 16.04 -5.55
N LEU B 64 13.66 15.73 -4.87
CA LEU B 64 13.63 15.10 -3.57
C LEU B 64 13.23 16.05 -2.43
N PRO B 65 12.29 15.62 -1.59
CA PRO B 65 11.94 16.40 -0.39
C PRO B 65 13.09 16.42 0.60
N THR B 66 13.26 17.55 1.29
CA THR B 66 14.39 17.75 2.19
C THR B 66 13.94 17.82 3.65
N PHE B 67 12.63 18.01 3.84
CA PHE B 67 12.05 18.16 5.18
C PHE B 67 12.51 19.40 5.92
N VAL B 68 12.91 20.40 5.14
CA VAL B 68 13.17 21.74 5.66
C VAL B 68 12.02 22.64 5.25
N ARG B 69 11.24 23.08 6.24
CA ARG B 69 10.00 23.81 5.98
C ARG B 69 10.23 25.28 5.61
N SER B 70 11.36 25.85 6.02
CA SER B 70 11.65 27.24 5.70
C SER B 70 13.07 27.66 6.06
N ILE B 71 13.50 28.80 5.55
CA ILE B 71 14.79 29.37 5.91
C ILE B 71 14.74 29.89 7.34
N PRO B 72 15.90 30.15 7.95
CA PRO B 72 15.95 30.53 9.36
C PRO B 72 14.95 31.63 9.73
N ASP B 73 14.34 31.50 10.90
CA ASP B 73 13.36 32.48 11.38
C ASP B 73 13.91 33.26 12.58
N GLY B 74 15.19 33.07 12.88
CA GLY B 74 15.86 33.82 13.94
C GLY B 74 15.76 33.23 15.34
N SER B 75 14.90 32.23 15.51
CA SER B 75 14.72 31.61 16.83
C SER B 75 15.77 30.52 17.10
N GLU B 76 16.62 30.27 16.12
CA GLU B 76 17.64 29.24 16.25
C GLU B 76 18.75 29.65 17.21
N LYS B 77 19.18 28.73 18.06
CA LYS B 77 20.28 28.99 18.97
C LYS B 77 20.78 27.71 19.62
N GLY B 78 22.07 27.66 19.90
CA GLY B 78 22.67 26.48 20.49
C GLY B 78 24.09 26.30 20.00
N ASP B 79 24.70 25.19 20.39
CA ASP B 79 26.05 24.86 20.00
C ASP B 79 25.97 23.63 19.12
N PHE B 80 26.45 23.72 17.87
CA PHE B 80 26.29 22.62 16.93
C PHE B 80 27.59 22.21 16.25
N ILE B 81 27.64 20.94 15.85
CA ILE B 81 28.73 20.43 15.03
C ILE B 81 28.18 20.09 13.65
N ALA B 82 28.93 20.41 12.61
CA ALA B 82 28.46 20.16 11.26
C ALA B 82 29.52 19.47 10.41
N LEU B 83 29.09 18.47 9.64
CA LEU B 83 29.98 17.76 8.73
C LEU B 83 29.67 18.18 7.31
N ASP B 84 30.70 18.22 6.47
CA ASP B 84 30.52 18.61 5.08
C ASP B 84 31.34 17.69 4.18
N LEU B 85 30.65 16.81 3.46
CA LEU B 85 31.31 15.82 2.62
C LEU B 85 30.67 15.77 1.24
N GLY B 86 31.49 15.71 0.20
CA GLY B 86 30.98 15.64 -1.17
C GLY B 86 31.47 16.77 -2.03
N GLY B 87 31.83 17.89 -1.40
CA GLY B 87 32.46 19.00 -2.10
C GLY B 87 33.93 18.70 -2.33
N SER B 88 34.71 19.72 -2.67
CA SER B 88 36.12 19.52 -2.94
C SER B 88 36.93 19.27 -1.66
N SER B 89 36.32 19.55 -0.52
CA SER B 89 37.01 19.38 0.77
C SER B 89 36.10 18.76 1.83
N PHE B 90 36.57 17.68 2.46
CA PHE B 90 35.88 17.14 3.62
C PHE B 90 36.13 18.08 4.79
N ARG B 91 35.05 18.64 5.34
CA ARG B 91 35.19 19.68 6.34
C ARG B 91 34.28 19.43 7.54
N ILE B 92 34.81 19.69 8.73
CA ILE B 92 34.02 19.58 9.95
C ILE B 92 34.02 20.93 10.65
N LEU B 93 32.85 21.34 11.13
CA LEU B 93 32.73 22.67 11.72
C LEU B 93 32.03 22.65 13.07
N ARG B 94 32.18 23.76 13.79
CA ARG B 94 31.41 24.00 15.00
C ARG B 94 30.76 25.36 14.88
N VAL B 95 29.44 25.39 15.02
CA VAL B 95 28.71 26.64 14.87
C VAL B 95 27.99 26.99 16.15
N GLN B 96 28.15 28.24 16.58
CA GLN B 96 27.49 28.73 17.76
C GLN B 96 26.59 29.90 17.39
N VAL B 97 25.35 29.81 17.85
CA VAL B 97 24.36 30.84 17.60
C VAL B 97 23.68 31.16 18.92
N ASN B 98 23.85 32.38 19.41
CA ASN B 98 23.18 32.80 20.65
C ASN B 98 22.98 34.32 20.68
N HIS B 99 22.01 34.75 21.49
CA HIS B 99 21.35 36.06 21.23
C HIS B 99 21.83 37.38 21.88
N GLU B 100 22.10 37.49 23.19
CA GLU B 100 22.63 36.46 24.10
C GLU B 100 24.13 36.71 24.14
N LYS B 101 24.76 36.48 23.00
CA LYS B 101 26.15 36.84 22.75
C LYS B 101 26.13 37.21 21.28
N ASN B 102 27.15 37.91 20.78
CA ASN B 102 27.06 38.45 19.42
C ASN B 102 28.33 39.09 18.86
N GLN B 103 28.87 38.61 17.73
CA GLN B 103 28.96 37.20 17.31
C GLN B 103 27.75 36.28 17.13
N ASN B 104 26.55 36.85 17.14
CA ASN B 104 25.38 36.07 16.76
C ASN B 104 25.76 34.73 16.12
N VAL B 105 26.49 34.76 15.01
CA VAL B 105 26.98 33.51 14.42
C VAL B 105 28.52 33.42 14.46
N HIS B 106 29.01 32.45 15.20
CA HIS B 106 30.44 32.17 15.28
C HIS B 106 30.69 30.74 14.84
N MET B 107 31.75 30.53 14.05
CA MET B 107 32.05 29.20 13.58
C MET B 107 33.54 28.98 13.32
N GLU B 108 34.01 27.80 13.70
CA GLU B 108 35.38 27.37 13.43
C GLU B 108 35.33 26.06 12.66
N SER B 109 36.24 25.89 11.71
CA SER B 109 36.23 24.68 10.90
C SER B 109 37.62 24.11 10.68
N GLU B 110 37.65 22.89 10.15
CA GLU B 110 38.90 22.22 9.83
C GLU B 110 38.66 21.30 8.64
N VAL B 111 39.63 21.26 7.73
CA VAL B 111 39.52 20.42 6.55
C VAL B 111 40.42 19.21 6.67
N TYR B 112 39.83 18.02 6.68
CA TYR B 112 40.60 16.79 6.82
C TYR B 112 40.96 16.20 5.46
N ASP B 113 42.21 15.80 5.31
CA ASP B 113 42.66 15.22 4.06
C ASP B 113 41.86 13.96 3.76
N THR B 114 41.42 13.83 2.51
CA THR B 114 40.61 12.70 2.10
C THR B 114 41.05 12.19 0.74
N PRO B 115 42.09 11.34 0.73
CA PRO B 115 42.70 10.82 -0.49
C PRO B 115 41.74 10.02 -1.37
N GLU B 116 42.07 9.89 -2.63
CA GLU B 116 41.24 9.19 -3.60
C GLU B 116 40.91 7.76 -3.16
N ASN B 117 41.86 7.12 -2.49
CA ASN B 117 41.67 5.76 -1.99
C ASN B 117 40.44 5.64 -1.10
N ILE B 118 40.19 6.67 -0.28
CA ILE B 118 39.06 6.67 0.63
C ILE B 118 37.77 6.94 -0.13
N VAL B 119 37.85 7.79 -1.14
CA VAL B 119 36.69 8.20 -1.90
C VAL B 119 36.25 7.12 -2.89
N HIS B 120 37.15 6.20 -3.22
CA HIS B 120 36.84 5.16 -4.18
C HIS B 120 36.85 3.74 -3.60
N GLY B 121 37.12 3.63 -2.30
CA GLY B 121 37.17 2.32 -1.65
C GLY B 121 35.83 1.87 -1.09
N SER B 122 35.87 1.12 0.00
CA SER B 122 34.66 0.61 0.63
C SER B 122 33.93 1.71 1.41
N GLY B 123 32.62 1.54 1.56
CA GLY B 123 31.83 2.48 2.35
C GLY B 123 32.23 2.44 3.81
N SER B 124 32.55 1.24 4.29
CA SER B 124 33.02 1.05 5.66
C SER B 124 34.24 1.91 5.90
N GLN B 125 35.19 1.85 4.98
CA GLN B 125 36.42 2.61 5.09
C GLN B 125 36.16 4.11 5.03
N LEU B 126 35.21 4.51 4.19
CA LEU B 126 34.89 5.93 4.02
C LEU B 126 34.32 6.53 5.30
N PHE B 127 33.35 5.85 5.89
CA PHE B 127 32.70 6.36 7.08
C PHE B 127 33.55 6.17 8.34
N ASP B 128 34.41 5.15 8.34
CA ASP B 128 35.38 5.01 9.41
C ASP B 128 36.26 6.24 9.41
N HIS B 129 36.76 6.59 8.22
CA HIS B 129 37.56 7.79 8.05
C HIS B 129 36.85 9.02 8.58
N VAL B 130 35.57 9.16 8.23
CA VAL B 130 34.76 10.28 8.69
C VAL B 130 34.61 10.26 10.21
N ALA B 131 34.35 9.08 10.76
CA ALA B 131 34.17 8.91 12.21
C ALA B 131 35.46 9.22 12.96
N GLU B 132 36.59 8.83 12.38
CA GLU B 132 37.89 9.10 12.96
C GLU B 132 38.13 10.61 13.03
N CYS B 133 37.98 11.27 11.89
CA CYS B 133 38.14 12.72 11.81
C CYS B 133 37.24 13.45 12.80
N LEU B 134 35.98 13.04 12.85
CA LEU B 134 35.05 13.67 13.77
C LEU B 134 35.55 13.51 15.21
N GLY B 135 36.20 12.37 15.46
CA GLY B 135 36.79 12.12 16.77
C GLY B 135 37.94 13.07 17.05
N ASP B 136 38.89 13.14 16.12
CA ASP B 136 40.02 14.04 16.27
C ASP B 136 39.55 15.47 16.51
N PHE B 137 38.59 15.90 15.69
CA PHE B 137 38.02 17.23 15.79
C PHE B 137 37.45 17.51 17.17
N MET B 138 36.73 16.54 17.73
CA MET B 138 36.11 16.69 19.04
C MET B 138 37.14 16.63 20.17
N GLU B 139 38.22 15.89 19.94
CA GLU B 139 39.29 15.75 20.92
C GLU B 139 39.98 17.09 21.16
N LYS B 140 40.45 17.71 20.08
CA LYS B 140 41.15 18.98 20.18
C LYS B 140 40.31 20.05 20.88
N ARG B 141 39.03 20.16 20.49
CA ARG B 141 38.14 21.14 21.12
C ARG B 141 37.63 20.64 22.47
N LYS B 142 38.06 19.45 22.86
CA LYS B 142 37.62 18.84 24.12
C LYS B 142 36.13 19.06 24.33
N ILE B 143 35.34 18.75 23.30
CA ILE B 143 33.89 18.90 23.38
C ILE B 143 33.19 17.55 23.37
N LYS B 144 33.97 16.48 23.44
CA LYS B 144 33.43 15.12 23.44
C LYS B 144 32.35 14.91 24.49
N ASP B 145 32.43 15.69 25.57
CA ASP B 145 31.52 15.51 26.70
C ASP B 145 30.22 16.30 26.56
N LYS B 146 30.24 17.32 25.70
CA LYS B 146 29.05 18.12 25.47
C LYS B 146 28.05 17.32 24.64
N LYS B 147 26.79 17.76 24.63
CA LYS B 147 25.75 17.06 23.89
C LYS B 147 25.49 17.74 22.55
N LEU B 148 26.55 18.18 21.89
CA LEU B 148 26.43 18.97 20.67
C LEU B 148 25.73 18.22 19.54
N PRO B 149 24.55 18.70 19.14
CA PRO B 149 23.85 18.07 18.03
C PRO B 149 24.66 18.17 16.74
N VAL B 150 24.63 17.11 15.95
CA VAL B 150 25.40 17.06 14.71
C VAL B 150 24.49 17.14 13.48
N GLY B 151 24.79 18.09 12.59
CA GLY B 151 24.14 18.18 11.30
C GLY B 151 25.11 17.70 10.26
N PHE B 152 24.60 17.12 9.17
CA PHE B 152 25.46 16.47 8.20
C PHE B 152 25.14 16.88 6.76
N THR B 153 26.01 17.70 6.19
CA THR B 153 25.91 18.07 4.78
C THR B 153 26.54 16.99 3.92
N PHE B 154 25.71 16.29 3.16
CA PHE B 154 26.14 15.17 2.34
C PHE B 154 25.64 15.46 0.93
N SER B 155 26.54 15.91 0.05
CA SER B 155 26.13 16.44 -1.26
C SER B 155 25.94 15.37 -2.34
N PHE B 156 24.93 14.53 -2.14
CA PHE B 156 24.58 13.46 -3.06
C PHE B 156 23.08 13.22 -2.96
N PRO B 157 22.46 12.73 -4.04
CA PRO B 157 21.01 12.57 -3.99
C PRO B 157 20.60 11.47 -3.01
N CYS B 158 19.69 11.81 -2.09
CA CYS B 158 19.26 10.88 -1.06
C CYS B 158 17.75 10.76 -0.93
N GLN B 159 17.30 9.55 -0.61
CA GLN B 159 15.91 9.29 -0.32
C GLN B 159 15.67 9.59 1.16
N GLN B 160 14.81 10.55 1.46
CA GLN B 160 14.57 10.93 2.84
C GLN B 160 13.08 10.94 3.20
N SER B 161 12.72 10.19 4.23
CA SER B 161 11.36 10.20 4.75
C SER B 161 11.28 11.10 5.98
N LYS B 162 12.44 11.36 6.57
CA LYS B 162 12.58 12.30 7.67
C LYS B 162 13.97 12.93 7.62
N ILE B 163 14.12 14.09 8.22
CA ILE B 163 15.36 14.88 8.13
C ILE B 163 16.60 14.17 8.64
N ASP B 164 16.42 13.21 9.56
CA ASP B 164 17.57 12.50 10.12
C ASP B 164 17.78 11.14 9.47
N GLU B 165 17.33 11.02 8.23
CA GLU B 165 17.52 9.81 7.44
C GLU B 165 18.04 10.22 6.07
N ALA B 166 18.94 9.44 5.51
CA ALA B 166 19.50 9.74 4.19
C ALA B 166 19.98 8.49 3.46
N ILE B 167 19.12 7.94 2.63
CA ILE B 167 19.45 6.75 1.86
C ILE B 167 20.03 7.14 0.52
N LEU B 168 21.33 6.92 0.36
CA LEU B 168 22.03 7.24 -0.88
C LEU B 168 21.38 6.60 -2.10
N ILE B 169 20.91 7.42 -3.02
CA ILE B 169 20.34 6.91 -4.25
C ILE B 169 21.45 6.53 -5.21
N THR B 170 22.45 7.38 -5.35
CA THR B 170 23.56 7.11 -6.24
C THR B 170 24.72 8.05 -5.95
N TRP B 171 25.95 7.55 -6.12
CA TRP B 171 27.13 8.40 -6.00
C TRP B 171 27.23 9.27 -7.25
N THR B 172 27.82 10.45 -7.10
CA THR B 172 28.08 11.32 -8.24
C THR B 172 29.46 11.96 -8.05
N LYS B 173 29.87 12.75 -9.04
CA LYS B 173 31.15 13.44 -8.94
C LYS B 173 32.31 12.47 -8.78
N ARG B 174 33.11 12.69 -7.73
CA ARG B 174 34.36 11.93 -7.56
C ARG B 174 34.23 10.71 -6.68
N PHE B 175 33.07 10.53 -6.06
CA PHE B 175 32.89 9.47 -5.09
C PHE B 175 32.37 8.19 -5.71
N LYS B 176 32.96 7.07 -5.32
CA LYS B 176 32.40 5.77 -5.65
C LYS B 176 32.82 4.78 -4.57
N ALA B 177 32.00 4.66 -3.53
CA ALA B 177 32.34 3.79 -2.40
C ALA B 177 31.35 2.63 -2.34
N SER B 178 31.87 1.41 -2.34
CA SER B 178 31.01 0.22 -2.37
C SER B 178 30.20 0.05 -1.08
N GLY B 179 29.03 -0.56 -1.22
CA GLY B 179 28.17 -0.86 -0.09
C GLY B 179 27.46 0.34 0.53
N VAL B 180 27.28 1.41 -0.25
CA VAL B 180 26.61 2.60 0.26
C VAL B 180 25.29 2.92 -0.42
N GLU B 181 25.27 2.85 -1.75
CA GLU B 181 24.03 3.09 -2.47
C GLU B 181 22.91 2.19 -1.95
N GLY B 182 21.76 2.77 -1.68
CA GLY B 182 20.62 2.00 -1.17
C GLY B 182 20.63 1.87 0.35
N ALA B 183 21.64 2.45 0.98
CA ALA B 183 21.74 2.39 2.44
C ALA B 183 21.58 3.77 3.08
N ASP B 184 21.10 3.78 4.32
CA ASP B 184 20.95 5.00 5.08
C ASP B 184 22.31 5.43 5.63
N VAL B 185 22.86 6.52 5.09
CA VAL B 185 24.19 6.97 5.48
C VAL B 185 24.25 7.40 6.94
N VAL B 186 23.09 7.73 7.51
CA VAL B 186 23.04 8.07 8.92
C VAL B 186 23.36 6.83 9.76
N LYS B 187 22.75 5.71 9.40
CA LYS B 187 23.03 4.45 10.09
C LYS B 187 24.48 4.02 9.88
N LEU B 188 24.95 4.13 8.64
CA LEU B 188 26.32 3.73 8.32
C LEU B 188 27.33 4.52 9.15
N LEU B 189 27.05 5.80 9.35
CA LEU B 189 27.95 6.66 10.10
C LEU B 189 27.89 6.34 11.60
N ASN B 190 26.69 6.19 12.14
CA ASN B 190 26.55 5.79 13.53
C ASN B 190 27.30 4.48 13.73
N LYS B 191 27.09 3.54 12.81
CA LYS B 191 27.76 2.25 12.85
C LYS B 191 29.27 2.42 12.99
N ALA B 192 29.86 3.24 12.14
CA ALA B 192 31.30 3.48 12.19
C ALA B 192 31.70 4.17 13.49
N ILE B 193 30.83 5.01 14.00
CA ILE B 193 31.09 5.73 15.25
C ILE B 193 31.07 4.78 16.44
N LYS B 194 30.09 3.88 16.46
CA LYS B 194 30.00 2.94 17.57
C LYS B 194 31.15 1.94 17.54
N LYS B 195 31.68 1.66 16.35
CA LYS B 195 32.81 0.77 16.24
C LYS B 195 34.03 1.34 16.95
N ARG B 196 34.18 2.67 16.87
CA ARG B 196 35.32 3.34 17.49
C ARG B 196 35.21 3.38 19.01
N GLY B 197 33.99 3.37 19.53
CA GLY B 197 33.77 3.44 20.97
C GLY B 197 34.51 4.62 21.59
N ASP B 198 34.81 5.61 20.75
CA ASP B 198 35.61 6.76 21.13
C ASP B 198 34.75 7.86 21.77
N TYR B 199 33.52 8.01 21.29
CA TYR B 199 32.66 9.11 21.72
C TYR B 199 31.21 8.88 21.29
N ASP B 200 30.33 9.83 21.64
CA ASP B 200 28.95 9.79 21.19
C ASP B 200 28.70 10.88 20.15
N ALA B 201 27.69 10.67 19.31
CA ALA B 201 27.35 11.64 18.27
C ALA B 201 25.86 11.59 17.94
N ASN B 202 25.15 12.66 18.29
CA ASN B 202 23.73 12.76 18.01
C ASN B 202 23.47 13.42 16.66
N ILE B 203 23.57 12.64 15.59
CA ILE B 203 23.29 13.14 14.25
C ILE B 203 21.78 13.36 14.09
N VAL B 204 21.36 14.62 13.98
CA VAL B 204 19.93 14.92 13.95
C VAL B 204 19.41 15.34 12.57
N ALA B 205 20.31 15.59 11.63
CA ALA B 205 19.87 16.07 10.32
C ALA B 205 20.90 15.85 9.23
N VAL B 206 20.40 15.54 8.03
CA VAL B 206 21.22 15.42 6.83
C VAL B 206 20.68 16.37 5.78
N VAL B 207 21.57 17.16 5.18
CA VAL B 207 21.14 18.09 4.14
C VAL B 207 22.07 18.05 2.94
N ASN B 208 21.50 18.38 1.79
CA ASN B 208 22.27 18.56 0.57
C ASN B 208 23.01 19.90 0.64
N ASP B 209 24.06 20.07 -0.15
CA ASP B 209 24.81 21.31 -0.09
C ASP B 209 24.03 22.50 -0.66
N THR B 210 23.11 22.22 -1.57
CA THR B 210 22.23 23.27 -2.07
C THR B 210 21.36 23.81 -0.94
N VAL B 211 20.83 22.91 -0.14
CA VAL B 211 19.99 23.27 0.99
C VAL B 211 20.77 24.08 2.03
N GLY B 212 21.98 23.62 2.35
CA GLY B 212 22.83 24.32 3.29
C GLY B 212 23.11 25.72 2.79
N THR B 213 23.40 25.84 1.50
CA THR B 213 23.64 27.12 0.87
C THR B 213 22.41 28.02 0.96
N MET B 214 21.23 27.48 0.67
CA MET B 214 20.01 28.26 0.75
C MET B 214 19.75 28.75 2.16
N MET B 215 20.05 27.90 3.14
CA MET B 215 19.81 28.26 4.53
C MET B 215 20.84 29.27 5.03
N THR B 216 22.07 29.16 4.56
CA THR B 216 23.11 30.09 4.96
C THR B 216 22.80 31.48 4.44
N CYS B 217 22.44 31.57 3.16
CA CYS B 217 22.07 32.84 2.56
C CYS B 217 20.74 33.34 3.11
N GLY B 218 19.83 32.41 3.36
CA GLY B 218 18.51 32.77 3.89
C GLY B 218 18.66 33.41 5.25
N TYR B 219 19.77 33.14 5.91
CA TYR B 219 20.03 33.70 7.22
C TYR B 219 20.20 35.22 7.14
N ASP B 220 20.82 35.69 6.06
CA ASP B 220 21.08 37.12 5.87
C ASP B 220 20.03 37.81 5.00
N ASP B 221 19.32 37.02 4.19
CA ASP B 221 18.35 37.56 3.25
C ASP B 221 17.04 36.76 3.29
N GLN B 222 15.99 37.38 3.83
CA GLN B 222 14.72 36.69 4.04
C GLN B 222 13.94 36.46 2.74
N HIS B 223 14.54 36.85 1.63
CA HIS B 223 13.93 36.62 0.31
C HIS B 223 14.55 35.40 -0.37
N CYS B 224 15.53 34.80 0.28
CA CYS B 224 16.22 33.66 -0.31
C CYS B 224 15.29 32.47 -0.45
N GLU B 225 15.13 31.97 -1.68
CA GLU B 225 14.24 30.86 -1.94
C GLU B 225 14.90 29.79 -2.79
N VAL B 226 16.18 29.95 -3.07
CA VAL B 226 16.90 29.00 -3.91
C VAL B 226 18.33 28.83 -3.42
N GLY B 227 18.79 27.59 -3.44
CA GLY B 227 20.20 27.30 -3.16
C GLY B 227 20.82 26.72 -4.41
N LEU B 228 21.96 27.26 -4.81
CA LEU B 228 22.57 26.85 -6.08
C LEU B 228 24.04 26.50 -5.91
N ILE B 229 24.44 25.38 -6.51
CA ILE B 229 25.83 24.98 -6.50
C ILE B 229 26.36 24.82 -7.92
N ILE B 230 27.50 25.44 -8.19
CA ILE B 230 28.21 25.28 -9.43
C ILE B 230 29.69 25.15 -9.09
N GLY B 231 30.09 23.97 -8.65
CA GLY B 231 31.46 23.67 -8.27
C GLY B 231 31.89 22.35 -8.89
N THR B 232 32.37 21.43 -8.06
CA THR B 232 32.71 20.10 -8.55
C THR B 232 31.53 19.56 -9.32
N GLY B 233 30.36 19.60 -8.69
CA GLY B 233 29.11 19.21 -9.34
C GLY B 233 28.19 20.40 -9.44
N THR B 234 27.01 20.18 -10.01
CA THR B 234 26.03 21.26 -10.12
C THR B 234 24.62 20.80 -9.75
N ASN B 235 23.94 21.61 -8.96
CA ASN B 235 22.58 21.28 -8.53
C ASN B 235 21.89 22.52 -7.97
N ALA B 236 20.60 22.39 -7.64
CA ALA B 236 19.85 23.49 -7.07
C ALA B 236 18.63 23.01 -6.29
N CYS B 237 18.29 23.75 -5.24
CA CYS B 237 17.08 23.48 -4.48
C CYS B 237 16.24 24.75 -4.42
N TYR B 238 14.99 24.63 -4.01
CA TYR B 238 14.11 25.79 -3.92
C TYR B 238 12.89 25.48 -3.07
N MET B 239 12.27 26.52 -2.53
CA MET B 239 11.07 26.37 -1.72
C MET B 239 9.86 26.06 -2.60
N GLU B 240 9.26 24.89 -2.39
CA GLU B 240 8.11 24.46 -3.18
C GLU B 240 6.89 24.35 -2.27
N GLU B 241 5.71 24.59 -2.84
CA GLU B 241 4.47 24.48 -2.08
C GLU B 241 4.17 23.01 -1.79
N LEU B 242 3.67 22.73 -0.59
CA LEU B 242 3.42 21.35 -0.21
C LEU B 242 2.31 20.74 -1.06
N ARG B 243 1.40 21.58 -1.54
CA ARG B 243 0.29 21.12 -2.38
C ARG B 243 0.79 20.60 -3.74
N HIS B 244 2.06 20.88 -4.04
CA HIS B 244 2.65 20.43 -5.30
C HIS B 244 3.55 19.21 -5.08
N ILE B 245 3.85 18.92 -3.82
CA ILE B 245 4.72 17.79 -3.49
C ILE B 245 3.90 16.53 -3.24
N ASP B 246 3.68 15.75 -4.29
CA ASP B 246 2.85 14.56 -4.20
C ASP B 246 3.37 13.51 -3.23
N LEU B 247 4.69 13.42 -3.10
CA LEU B 247 5.29 12.36 -2.30
C LEU B 247 5.34 12.66 -0.81
N VAL B 248 4.87 13.85 -0.42
CA VAL B 248 4.74 14.18 0.98
C VAL B 248 3.32 14.62 1.30
N GLU B 249 2.59 13.79 2.02
CA GLU B 249 1.21 14.11 2.39
C GLU B 249 1.16 15.48 3.05
N GLY B 250 0.26 16.33 2.58
CA GLY B 250 0.11 17.65 3.15
C GLY B 250 -0.07 18.73 2.10
N ASP B 251 -0.75 19.80 2.49
CA ASP B 251 -1.02 20.91 1.61
C ASP B 251 -0.69 22.21 2.33
N GLU B 252 -0.27 22.07 3.59
CA GLU B 252 0.03 23.22 4.43
C GLU B 252 1.47 23.67 4.29
N GLY B 253 1.67 24.91 3.85
CA GLY B 253 3.00 25.52 3.80
C GLY B 253 3.87 25.09 2.63
N ARG B 254 5.17 25.12 2.86
CA ARG B 254 6.15 24.81 1.82
C ARG B 254 7.25 23.92 2.36
N MET B 255 8.00 23.28 1.46
CA MET B 255 9.16 22.49 1.83
C MET B 255 10.23 22.68 0.78
N CYS B 256 11.49 22.68 1.19
CA CYS B 256 12.59 22.78 0.24
C CYS B 256 12.66 21.52 -0.61
N ILE B 257 12.83 21.70 -1.91
CA ILE B 257 12.95 20.58 -2.83
C ILE B 257 14.34 20.55 -3.45
N ASN B 258 15.01 19.40 -3.32
CA ASN B 258 16.31 19.20 -3.92
C ASN B 258 16.11 18.60 -5.31
N THR B 259 16.31 19.41 -6.34
CA THR B 259 15.99 18.98 -7.69
C THR B 259 16.91 17.89 -8.23
N GLU B 260 18.16 17.90 -7.81
CA GLU B 260 19.18 17.01 -8.37
C GLU B 260 19.19 17.11 -9.90
N TRP B 261 19.36 18.33 -10.40
CA TRP B 261 19.23 18.59 -11.83
C TRP B 261 20.43 18.13 -12.66
N GLY B 262 21.44 17.56 -11.99
CA GLY B 262 22.57 17.00 -12.70
C GLY B 262 22.17 15.85 -13.61
N ALA B 263 21.12 15.13 -13.20
CA ALA B 263 20.66 13.93 -13.92
C ALA B 263 19.65 14.25 -15.02
N PHE B 264 19.43 15.54 -15.24
CA PHE B 264 18.64 16.05 -16.35
C PHE B 264 19.22 15.48 -17.64
N GLY B 265 18.39 14.78 -18.41
CA GLY B 265 18.82 14.22 -19.69
C GLY B 265 19.33 12.79 -19.67
N ASP B 266 19.42 12.19 -18.49
CA ASP B 266 19.92 10.82 -18.36
C ASP B 266 19.06 9.80 -19.12
N ASP B 267 17.86 10.22 -19.50
CA ASP B 267 16.96 9.36 -20.26
C ASP B 267 17.05 9.65 -21.77
N GLY B 268 17.99 10.51 -22.15
CA GLY B 268 18.18 10.87 -23.55
C GLY B 268 17.48 12.15 -23.98
N SER B 269 16.88 12.85 -23.03
CA SER B 269 16.11 14.06 -23.33
C SER B 269 16.97 15.20 -23.87
N LEU B 270 18.28 15.07 -23.72
CA LEU B 270 19.20 16.13 -24.12
C LEU B 270 20.18 15.68 -25.19
N GLU B 271 19.89 14.56 -25.85
CA GLU B 271 20.82 14.02 -26.83
C GLU B 271 21.03 14.96 -28.01
N ASP B 272 20.03 15.80 -28.29
CA ASP B 272 20.15 16.77 -29.37
C ASP B 272 21.03 17.95 -28.95
N ILE B 273 21.37 18.02 -27.67
CA ILE B 273 22.22 19.08 -27.15
C ILE B 273 23.64 18.59 -26.91
N ARG B 274 23.78 17.33 -26.51
CA ARG B 274 25.09 16.75 -26.22
C ARG B 274 25.91 16.50 -27.48
N THR B 275 27.22 16.76 -27.40
CA THR B 275 28.10 16.58 -28.55
C THR B 275 28.99 15.35 -28.39
N GLU B 276 29.73 15.05 -29.45
CA GLU B 276 30.66 13.93 -29.44
C GLU B 276 31.61 14.04 -28.26
N PHE B 277 31.97 15.27 -27.92
CA PHE B 277 32.91 15.52 -26.84
C PHE B 277 32.29 15.18 -25.48
N ASP B 278 31.00 15.50 -25.35
CA ASP B 278 30.28 15.17 -24.13
C ASP B 278 30.18 13.66 -23.99
N ARG B 279 29.98 12.97 -25.10
CA ARG B 279 29.87 11.51 -25.09
C ARG B 279 31.18 10.84 -24.72
N GLU B 280 32.30 11.40 -25.16
CA GLU B 280 33.60 10.82 -24.83
C GLU B 280 33.97 11.08 -23.37
N ILE B 281 33.68 12.29 -22.89
CA ILE B 281 33.88 12.61 -21.49
C ILE B 281 33.17 11.58 -20.62
N ASP B 282 31.97 11.20 -21.05
CA ASP B 282 31.15 10.26 -20.31
C ASP B 282 31.78 8.88 -20.27
N ARG B 283 32.27 8.41 -21.42
CA ARG B 283 32.82 7.05 -21.51
C ARG B 283 34.05 6.85 -20.62
N GLY B 284 34.70 7.94 -20.26
CA GLY B 284 35.85 7.87 -19.37
C GLY B 284 35.49 8.27 -17.95
N SER B 285 34.21 8.50 -17.69
CA SER B 285 33.77 8.98 -16.39
C SER B 285 33.60 7.86 -15.36
N LEU B 286 33.51 8.27 -14.10
CA LEU B 286 33.35 7.37 -12.99
C LEU B 286 31.92 6.83 -12.96
N ASN B 287 31.00 7.57 -13.58
CA ASN B 287 29.58 7.21 -13.58
C ASN B 287 28.94 7.27 -14.97
N PRO B 288 29.37 6.36 -15.87
CA PRO B 288 28.95 6.36 -17.26
C PRO B 288 27.43 6.38 -17.40
N GLY B 289 26.92 7.27 -18.25
CA GLY B 289 25.50 7.34 -18.52
C GLY B 289 24.70 8.14 -17.52
N LYS B 290 25.36 8.64 -16.48
CA LYS B 290 24.67 9.41 -15.44
C LYS B 290 25.14 10.86 -15.31
N GLN B 291 24.26 11.72 -14.79
CA GLN B 291 24.59 13.13 -14.59
C GLN B 291 25.09 13.81 -15.87
N LEU B 292 24.44 13.52 -16.99
CA LEU B 292 24.87 14.04 -18.28
C LEU B 292 24.77 15.57 -18.36
N PHE B 293 23.72 16.13 -17.77
CA PHE B 293 23.59 17.58 -17.73
C PHE B 293 24.74 18.17 -16.94
N GLU B 294 24.98 17.60 -15.77
CA GLU B 294 26.07 18.03 -14.90
C GLU B 294 27.41 18.00 -15.63
N LYS B 295 27.59 17.00 -16.49
CA LYS B 295 28.86 16.80 -17.18
C LYS B 295 29.13 17.83 -18.29
N MET B 296 28.12 18.65 -18.59
CA MET B 296 28.31 19.75 -19.53
C MET B 296 28.51 21.07 -18.78
N VAL B 297 28.49 21.01 -17.45
CA VAL B 297 28.45 22.23 -16.64
C VAL B 297 29.57 22.39 -15.61
N SER B 298 29.67 21.44 -14.67
CA SER B 298 30.48 21.63 -13.46
C SER B 298 32.00 21.64 -13.65
N GLY B 299 32.69 22.13 -12.62
CA GLY B 299 34.14 22.32 -12.66
C GLY B 299 34.94 21.04 -12.83
N MET B 300 34.37 19.92 -12.42
CA MET B 300 35.05 18.64 -12.53
C MET B 300 35.28 18.28 -13.99
N TYR B 301 34.44 18.80 -14.88
CA TYR B 301 34.44 18.36 -16.28
C TYR B 301 34.87 19.40 -17.33
N LEU B 302 34.69 20.68 -17.03
CA LEU B 302 34.94 21.72 -18.05
C LEU B 302 36.33 21.64 -18.66
N GLY B 303 37.35 21.51 -17.81
CA GLY B 303 38.73 21.41 -18.28
C GLY B 303 38.96 20.20 -19.17
N GLU B 304 38.60 19.02 -18.67
CA GLU B 304 38.77 17.78 -19.40
C GLU B 304 38.06 17.89 -20.73
N LEU B 305 36.88 18.49 -20.71
CA LEU B 305 36.09 18.70 -21.91
C LEU B 305 36.88 19.54 -22.92
N VAL B 306 37.59 20.55 -22.41
CA VAL B 306 38.44 21.37 -23.26
C VAL B 306 39.58 20.55 -23.86
N ARG B 307 40.26 19.77 -23.02
CA ARG B 307 41.37 18.96 -23.47
C ARG B 307 40.98 18.04 -24.64
N LEU B 308 39.83 17.38 -24.50
CA LEU B 308 39.35 16.48 -25.54
C LEU B 308 39.21 17.20 -26.88
N ILE B 309 38.82 18.47 -26.83
CA ILE B 309 38.64 19.26 -28.03
C ILE B 309 39.97 19.68 -28.64
N LEU B 310 40.92 20.04 -27.79
CA LEU B 310 42.25 20.40 -28.27
C LEU B 310 42.88 19.22 -29.00
N VAL B 311 42.68 18.02 -28.45
CA VAL B 311 43.20 16.80 -29.05
C VAL B 311 42.60 16.57 -30.44
N LYS B 312 41.28 16.71 -30.54
CA LYS B 312 40.59 16.54 -31.81
C LYS B 312 41.10 17.53 -32.85
N MET B 313 41.36 18.76 -32.41
CA MET B 313 41.84 19.81 -33.30
C MET B 313 43.29 19.59 -33.71
N ALA B 314 44.14 19.34 -32.72
CA ALA B 314 45.55 19.07 -32.98
C ALA B 314 45.69 17.98 -34.04
N LYS B 315 44.91 16.92 -33.89
CA LYS B 315 44.93 15.80 -34.82
C LYS B 315 44.50 16.23 -36.23
N GLU B 316 43.52 17.12 -36.29
CA GLU B 316 42.99 17.57 -37.57
C GLU B 316 43.80 18.74 -38.13
N GLY B 317 44.88 19.10 -37.46
CA GLY B 317 45.79 20.13 -37.95
C GLY B 317 45.42 21.55 -37.55
N LEU B 318 44.22 21.71 -37.00
CA LEU B 318 43.72 23.04 -36.64
C LEU B 318 44.49 23.71 -35.50
N LEU B 319 45.40 22.98 -34.88
CA LEU B 319 46.17 23.54 -33.76
C LEU B 319 47.60 23.02 -33.72
N PHE B 320 48.53 23.93 -33.41
CA PHE B 320 49.95 23.59 -33.23
C PHE B 320 50.61 22.88 -34.40
N GLU B 321 50.26 23.23 -35.63
CA GLU B 321 50.91 22.60 -36.76
C GLU B 321 50.54 21.13 -36.83
N GLY B 322 49.57 20.72 -36.02
CA GLY B 322 49.11 19.34 -35.98
C GLY B 322 49.86 18.51 -34.95
N ARG B 323 50.69 19.19 -34.16
CA ARG B 323 51.55 18.55 -33.16
C ARG B 323 50.74 17.91 -32.03
N ILE B 324 51.24 16.83 -31.47
CA ILE B 324 50.58 16.17 -30.35
C ILE B 324 51.60 15.58 -29.38
N THR B 325 51.36 15.75 -28.09
CA THR B 325 52.27 15.26 -27.07
C THR B 325 51.58 14.29 -26.12
N PRO B 326 52.37 13.46 -25.43
CA PRO B 326 51.79 12.52 -24.46
C PRO B 326 51.00 13.25 -23.37
N GLU B 327 51.52 14.39 -22.92
CA GLU B 327 50.86 15.17 -21.89
C GLU B 327 49.51 15.68 -22.35
N LEU B 328 49.41 16.06 -23.63
CA LEU B 328 48.17 16.57 -24.17
C LEU B 328 47.10 15.48 -24.23
N LEU B 329 47.54 14.25 -24.48
CA LEU B 329 46.62 13.13 -24.62
C LEU B 329 46.21 12.53 -23.28
N THR B 330 46.84 12.98 -22.21
CA THR B 330 46.62 12.40 -20.89
C THR B 330 45.40 12.97 -20.18
N ARG B 331 44.66 12.09 -19.52
CA ARG B 331 43.48 12.47 -18.77
C ARG B 331 43.84 13.40 -17.63
N GLY B 332 43.11 14.51 -17.52
CA GLY B 332 43.25 15.42 -16.38
C GLY B 332 44.34 16.48 -16.50
N LYS B 333 45.10 16.45 -17.59
CA LYS B 333 46.20 17.41 -17.76
C LYS B 333 45.71 18.85 -17.96
N PHE B 334 44.45 19.00 -18.39
CA PHE B 334 43.89 20.33 -18.60
C PHE B 334 42.76 20.59 -17.61
N ASN B 335 43.09 21.20 -16.48
CA ASN B 335 42.11 21.45 -15.44
C ASN B 335 41.24 22.68 -15.72
N THR B 336 40.04 22.68 -15.16
CA THR B 336 39.14 23.82 -15.25
C THR B 336 39.80 25.06 -14.67
N SER B 337 40.85 24.82 -13.89
CA SER B 337 41.62 25.90 -13.30
C SER B 337 42.38 26.64 -14.40
N ASP B 338 42.87 25.88 -15.38
CA ASP B 338 43.55 26.46 -16.53
C ASP B 338 42.53 27.17 -17.42
N VAL B 339 41.32 26.63 -17.48
CA VAL B 339 40.26 27.25 -18.24
C VAL B 339 39.95 28.65 -17.69
N SER B 340 39.92 28.77 -16.37
CA SER B 340 39.67 30.06 -15.72
C SER B 340 40.79 31.03 -16.00
N ALA B 341 42.01 30.63 -15.64
CA ALA B 341 43.19 31.46 -15.82
C ALA B 341 43.28 31.99 -17.25
N ILE B 342 43.07 31.09 -18.21
CA ILE B 342 43.18 31.44 -19.62
C ILE B 342 42.07 32.40 -20.07
N GLU B 343 41.03 32.55 -19.26
CA GLU B 343 39.96 33.48 -19.57
C GLU B 343 40.12 34.79 -18.80
N LYS B 344 41.26 34.94 -18.12
CA LYS B 344 41.59 36.18 -17.43
C LYS B 344 41.64 37.34 -18.41
N ASN B 345 41.44 38.56 -17.90
CA ASN B 345 41.23 39.71 -18.78
C ASN B 345 42.42 40.38 -19.50
N LYS B 346 43.48 40.85 -18.83
CA LYS B 346 44.25 40.18 -17.75
C LYS B 346 45.44 39.43 -18.40
N GLU B 347 45.77 38.26 -17.87
CA GLU B 347 46.91 37.48 -18.33
C GLU B 347 46.45 36.38 -19.27
N GLY B 348 45.19 36.49 -19.70
CA GLY B 348 44.53 35.43 -20.47
C GLY B 348 45.38 34.75 -21.52
N LEU B 349 45.71 35.48 -22.58
CA LEU B 349 46.55 34.91 -23.63
C LEU B 349 47.93 34.58 -23.07
N HIS B 350 48.37 35.34 -22.08
CA HIS B 350 49.65 35.08 -21.44
C HIS B 350 49.62 33.73 -20.71
N ASN B 351 48.60 33.54 -19.87
CA ASN B 351 48.44 32.29 -19.15
C ASN B 351 48.37 31.10 -20.09
N ALA B 352 47.59 31.25 -21.15
CA ALA B 352 47.47 30.19 -22.15
C ALA B 352 48.83 29.79 -22.69
N LYS B 353 49.69 30.78 -22.89
CA LYS B 353 51.03 30.53 -23.39
C LYS B 353 51.76 29.54 -22.48
N GLU B 354 51.74 29.81 -21.18
CA GLU B 354 52.44 28.96 -20.22
C GLU B 354 51.82 27.58 -20.05
N ILE B 355 50.49 27.53 -19.96
CA ILE B 355 49.80 26.25 -19.80
C ILE B 355 50.12 25.32 -20.95
N LEU B 356 49.95 25.83 -22.18
CA LEU B 356 50.20 25.05 -23.38
C LEU B 356 51.67 24.69 -23.54
N THR B 357 52.55 25.52 -22.99
CA THR B 357 53.98 25.29 -23.09
C THR B 357 54.43 24.18 -22.16
N ARG B 358 53.67 23.98 -21.08
CA ARG B 358 53.96 22.89 -20.14
C ARG B 358 53.45 21.57 -20.69
N LEU B 359 52.47 21.64 -21.59
CA LEU B 359 51.90 20.45 -22.18
C LEU B 359 52.77 19.89 -23.30
N GLY B 360 54.00 20.40 -23.40
CA GLY B 360 54.96 19.91 -24.38
C GLY B 360 54.73 20.41 -25.79
N VAL B 361 53.54 20.95 -26.05
CA VAL B 361 53.21 21.47 -27.36
C VAL B 361 54.00 22.74 -27.65
N GLU B 362 54.13 23.08 -28.93
CA GLU B 362 54.84 24.28 -29.34
C GLU B 362 53.82 25.37 -29.70
N PRO B 363 53.31 26.08 -28.68
CA PRO B 363 52.22 27.03 -28.86
C PRO B 363 52.62 28.32 -29.58
N SER B 364 51.93 28.61 -30.69
CA SER B 364 52.10 29.87 -31.38
C SER B 364 51.08 30.85 -30.83
N ASP B 365 51.38 32.15 -30.94
CA ASP B 365 50.49 33.16 -30.39
C ASP B 365 49.05 32.96 -30.85
N ASP B 366 48.87 32.37 -32.03
CA ASP B 366 47.53 32.11 -32.54
C ASP B 366 46.90 30.91 -31.82
N ASP B 367 47.73 29.93 -31.49
CA ASP B 367 47.28 28.78 -30.73
C ASP B 367 46.67 29.28 -29.42
N CYS B 368 47.38 30.16 -28.75
CA CYS B 368 46.91 30.73 -27.50
C CYS B 368 45.57 31.42 -27.66
N VAL B 369 45.36 32.08 -28.80
CA VAL B 369 44.10 32.74 -29.08
C VAL B 369 43.00 31.72 -29.38
N SER B 370 43.34 30.72 -30.18
CA SER B 370 42.40 29.66 -30.51
C SER B 370 41.95 28.94 -29.25
N VAL B 371 42.93 28.50 -28.46
CA VAL B 371 42.65 27.80 -27.20
C VAL B 371 41.72 28.63 -26.31
N GLN B 372 42.07 29.90 -26.11
CA GLN B 372 41.28 30.78 -25.26
C GLN B 372 39.83 30.82 -25.70
N HIS B 373 39.60 30.90 -27.00
CA HIS B 373 38.24 30.97 -27.53
C HIS B 373 37.50 29.65 -27.34
N VAL B 374 38.25 28.55 -27.29
CA VAL B 374 37.66 27.25 -26.98
C VAL B 374 37.14 27.26 -25.55
N CYS B 375 38.01 27.62 -24.61
CA CYS B 375 37.62 27.75 -23.22
C CYS B 375 36.38 28.64 -23.09
N THR B 376 36.29 29.64 -23.96
CA THR B 376 35.17 30.58 -23.94
C THR B 376 33.87 29.88 -24.30
N ILE B 377 33.88 29.11 -25.39
CA ILE B 377 32.68 28.40 -25.82
C ILE B 377 32.22 27.40 -24.76
N VAL B 378 33.15 26.61 -24.25
CA VAL B 378 32.84 25.58 -23.26
C VAL B 378 32.24 26.17 -21.99
N SER B 379 32.94 27.14 -21.41
CA SER B 379 32.52 27.74 -20.15
C SER B 379 31.24 28.55 -20.33
N PHE B 380 31.07 29.15 -21.49
CA PHE B 380 29.88 29.95 -21.77
C PHE B 380 28.67 29.03 -21.89
N ARG B 381 28.84 27.89 -22.53
CA ARG B 381 27.75 26.93 -22.67
C ARG B 381 27.29 26.49 -21.28
N SER B 382 28.25 26.25 -20.41
CA SER B 382 27.95 25.86 -19.03
C SER B 382 27.03 26.89 -18.38
N ALA B 383 27.48 28.14 -18.36
CA ALA B 383 26.71 29.21 -17.75
C ALA B 383 25.32 29.35 -18.38
N ASN B 384 25.24 29.19 -19.69
CA ASN B 384 23.95 29.27 -20.37
C ASN B 384 22.99 28.14 -19.99
N LEU B 385 23.53 26.92 -19.90
CA LEU B 385 22.73 25.77 -19.50
C LEU B 385 22.13 25.98 -18.12
N VAL B 386 22.97 26.41 -17.18
CA VAL B 386 22.54 26.66 -15.82
C VAL B 386 21.47 27.75 -15.78
N ALA B 387 21.62 28.76 -16.63
CA ALA B 387 20.67 29.85 -16.67
C ALA B 387 19.30 29.37 -17.15
N ALA B 388 19.30 28.41 -18.06
CA ALA B 388 18.03 27.87 -18.56
C ALA B 388 17.30 27.08 -17.48
N THR B 389 18.02 26.24 -16.76
CA THR B 389 17.42 25.42 -15.71
C THR B 389 17.02 26.26 -14.51
N LEU B 390 17.86 27.20 -14.13
CA LEU B 390 17.54 28.11 -13.03
C LEU B 390 16.31 28.94 -13.42
N GLY B 391 16.26 29.35 -14.68
CA GLY B 391 15.13 30.11 -15.19
C GLY B 391 13.84 29.34 -15.01
N ALA B 392 13.89 28.06 -15.33
CA ALA B 392 12.73 27.20 -15.14
C ALA B 392 12.27 27.26 -13.69
N ILE B 393 13.22 27.24 -12.77
CA ILE B 393 12.91 27.30 -11.34
C ILE B 393 12.30 28.65 -10.99
N LEU B 394 12.91 29.73 -11.48
CA LEU B 394 12.39 31.06 -11.21
C LEU B 394 10.95 31.18 -11.70
N ASN B 395 10.72 30.76 -12.94
CA ASN B 395 9.37 30.77 -13.50
C ASN B 395 8.42 29.95 -12.64
N ARG B 396 8.95 28.84 -12.11
CA ARG B 396 8.16 27.97 -11.25
C ARG B 396 7.75 28.69 -9.98
N LEU B 397 8.71 29.36 -9.34
CA LEU B 397 8.45 30.11 -8.13
C LEU B 397 7.37 31.16 -8.35
N ARG B 398 7.41 31.81 -9.50
CA ARG B 398 6.47 32.88 -9.82
C ARG B 398 5.04 32.37 -9.97
N ASP B 399 4.87 31.30 -10.74
CA ASP B 399 3.54 30.72 -10.92
C ASP B 399 2.95 30.32 -9.57
N ASN B 400 3.79 29.81 -8.68
CA ASN B 400 3.34 29.43 -7.35
C ASN B 400 2.79 30.62 -6.58
N LYS B 401 3.35 31.80 -6.83
CA LYS B 401 2.88 33.03 -6.19
C LYS B 401 1.63 33.56 -6.88
N GLY B 402 1.56 33.38 -8.20
CA GLY B 402 0.41 33.85 -8.97
C GLY B 402 0.45 35.34 -9.25
N THR B 403 1.65 35.92 -9.16
CA THR B 403 1.85 37.35 -9.40
C THR B 403 2.59 37.55 -10.73
N PRO B 404 2.48 38.76 -11.31
CA PRO B 404 3.13 39.00 -12.60
C PRO B 404 4.65 39.15 -12.50
N ARG B 405 5.14 39.68 -11.39
CA ARG B 405 6.58 39.86 -11.20
C ARG B 405 7.10 38.94 -10.10
N LEU B 406 8.41 38.69 -10.10
CA LEU B 406 9.02 37.85 -9.09
C LEU B 406 10.28 38.51 -8.51
N ARG B 407 10.35 38.58 -7.19
CA ARG B 407 11.54 39.08 -6.53
C ARG B 407 12.09 38.02 -5.59
N THR B 408 13.32 37.57 -5.83
CA THR B 408 13.89 36.54 -5.00
C THR B 408 15.41 36.58 -4.97
N THR B 409 15.98 35.94 -3.95
CA THR B 409 17.41 35.85 -3.78
C THR B 409 17.87 34.41 -3.98
N VAL B 410 18.90 34.23 -4.78
CA VAL B 410 19.45 32.91 -5.04
C VAL B 410 20.79 32.76 -4.32
N GLY B 411 20.83 31.85 -3.34
CA GLY B 411 22.07 31.52 -2.67
C GLY B 411 22.96 30.72 -3.59
N VAL B 412 24.24 31.04 -3.63
CA VAL B 412 25.16 30.36 -4.55
C VAL B 412 26.48 30.01 -3.89
N ASN B 413 27.09 28.94 -4.38
CA ASN B 413 28.40 28.52 -3.93
C ASN B 413 29.00 27.56 -4.96
N GLY B 414 30.30 27.29 -4.82
CA GLY B 414 30.98 26.45 -5.79
C GLY B 414 32.22 27.12 -6.36
N SER B 415 33.30 26.36 -6.46
CA SER B 415 34.60 26.88 -6.88
C SER B 415 34.60 27.50 -8.27
N LEU B 416 33.93 26.87 -9.21
CA LEU B 416 33.87 27.38 -10.58
C LEU B 416 33.27 28.78 -10.61
N TYR B 417 32.15 28.94 -9.92
CA TYR B 417 31.43 30.19 -9.89
C TYR B 417 32.21 31.26 -9.13
N LYS B 418 33.00 30.82 -8.15
CA LYS B 418 33.76 31.75 -7.31
C LYS B 418 35.06 32.21 -7.96
N THR B 419 35.64 31.38 -8.83
CA THR B 419 36.99 31.66 -9.34
C THR B 419 37.06 32.05 -10.81
N HIS B 420 36.08 31.64 -11.62
CA HIS B 420 36.11 31.95 -13.04
C HIS B 420 35.93 33.46 -13.25
N PRO B 421 36.77 34.05 -14.11
CA PRO B 421 36.75 35.50 -14.36
C PRO B 421 35.59 36.00 -15.23
N GLN B 422 34.81 35.11 -15.84
CA GLN B 422 33.74 35.54 -16.74
C GLN B 422 32.39 34.90 -16.43
N TYR B 423 32.44 33.68 -15.90
CA TYR B 423 31.26 32.84 -15.69
C TYR B 423 30.09 33.54 -14.98
N SER B 424 30.32 34.02 -13.76
CA SER B 424 29.27 34.66 -12.98
C SER B 424 28.54 35.71 -13.81
N ARG B 425 29.32 36.60 -14.43
CA ARG B 425 28.78 37.69 -15.22
C ARG B 425 27.89 37.18 -16.37
N ARG B 426 28.41 36.22 -17.12
CA ARG B 426 27.67 35.66 -18.26
C ARG B 426 26.42 34.91 -17.82
N PHE B 427 26.56 34.10 -16.77
CA PHE B 427 25.46 33.32 -16.24
C PHE B 427 24.33 34.25 -15.82
N HIS B 428 24.67 35.32 -15.12
CA HIS B 428 23.67 36.28 -14.66
C HIS B 428 22.99 36.99 -15.82
N LYS B 429 23.77 37.49 -16.76
CA LYS B 429 23.20 38.23 -17.88
C LYS B 429 22.18 37.36 -18.62
N THR B 430 22.59 36.17 -19.00
CA THR B 430 21.71 35.27 -19.72
C THR B 430 20.48 34.90 -18.88
N LEU B 431 20.69 34.60 -17.61
CA LEU B 431 19.57 34.25 -16.75
C LEU B 431 18.50 35.34 -16.77
N ARG B 432 18.93 36.56 -16.45
CA ARG B 432 18.03 37.69 -16.37
C ARG B 432 17.34 37.96 -17.70
N ARG B 433 18.01 37.64 -18.80
CA ARG B 433 17.41 37.77 -20.12
C ARG B 433 16.33 36.72 -20.35
N LEU B 434 16.55 35.51 -19.84
CA LEU B 434 15.59 34.41 -20.01
C LEU B 434 14.34 34.60 -19.15
N VAL B 435 14.51 35.21 -17.99
CA VAL B 435 13.39 35.46 -17.09
C VAL B 435 13.19 36.97 -16.90
N PRO B 436 12.46 37.59 -17.84
CA PRO B 436 12.27 39.04 -17.95
C PRO B 436 11.70 39.72 -16.70
N ASP B 437 10.48 39.34 -16.30
CA ASP B 437 9.79 40.05 -15.22
C ASP B 437 10.18 39.55 -13.83
N SER B 438 11.46 39.60 -13.53
CA SER B 438 11.95 39.13 -12.24
C SER B 438 13.20 39.87 -11.80
N ASP B 439 13.23 40.26 -10.54
CA ASP B 439 14.40 40.88 -9.95
C ASP B 439 15.12 39.83 -9.12
N VAL B 440 16.33 39.48 -9.52
CA VAL B 440 17.04 38.39 -8.89
C VAL B 440 18.37 38.82 -8.28
N ARG B 441 18.51 38.58 -6.98
CA ARG B 441 19.77 38.84 -6.31
C ARG B 441 20.53 37.52 -6.17
N PHE B 442 21.80 37.54 -6.59
CA PHE B 442 22.68 36.39 -6.38
C PHE B 442 23.57 36.66 -5.18
N LEU B 443 23.29 35.99 -4.07
CA LEU B 443 24.07 36.19 -2.85
C LEU B 443 25.05 35.04 -2.64
N LEU B 444 26.34 35.34 -2.77
CA LEU B 444 27.37 34.34 -2.62
C LEU B 444 27.55 33.95 -1.15
N SER B 445 27.45 32.65 -0.88
CA SER B 445 27.66 32.13 0.46
C SER B 445 29.16 32.07 0.78
N GLU B 446 29.64 33.05 1.52
CA GLU B 446 31.07 33.13 1.84
C GLU B 446 31.46 32.20 2.98
N SER B 447 30.56 32.03 3.93
CA SER B 447 30.82 31.16 5.07
C SER B 447 30.67 29.66 4.75
N GLY B 448 29.97 29.37 3.66
CA GLY B 448 29.76 27.98 3.24
C GLY B 448 28.45 27.40 3.72
N SER B 449 28.35 26.07 3.72
CA SER B 449 27.11 25.39 4.07
C SER B 449 26.94 25.24 5.58
N GLY B 450 28.04 25.28 6.31
CA GLY B 450 28.03 25.07 7.76
C GLY B 450 26.99 25.86 8.53
N LYS B 451 26.93 27.17 8.30
CA LYS B 451 26.00 28.02 9.03
C LYS B 451 24.55 27.63 8.77
N GLY B 452 24.23 27.34 7.51
CA GLY B 452 22.90 26.91 7.14
C GLY B 452 22.59 25.53 7.71
N ALA B 453 23.60 24.66 7.69
CA ALA B 453 23.45 23.31 8.23
C ALA B 453 23.13 23.38 9.72
N ALA B 454 23.83 24.25 10.41
CA ALA B 454 23.60 24.44 11.85
C ALA B 454 22.18 24.93 12.07
N MET B 455 21.72 25.83 11.20
CA MET B 455 20.36 26.35 11.29
C MET B 455 19.35 25.21 11.18
N VAL B 456 19.59 24.29 10.27
CA VAL B 456 18.73 23.12 10.11
C VAL B 456 18.83 22.24 11.35
N THR B 457 20.05 22.06 11.82
CA THR B 457 20.29 21.23 13.00
C THR B 457 19.53 21.72 14.22
N ALA B 458 19.45 23.04 14.37
CA ALA B 458 18.74 23.63 15.52
C ALA B 458 17.27 23.23 15.54
N VAL B 459 16.61 23.36 14.40
CA VAL B 459 15.19 23.02 14.30
C VAL B 459 14.99 21.52 14.39
N ALA B 460 15.87 20.77 13.75
CA ALA B 460 15.78 19.31 13.76
C ALA B 460 15.91 18.80 15.20
N TYR B 461 16.89 19.31 15.91
CA TYR B 461 17.13 18.91 17.29
C TYR B 461 15.92 19.22 18.16
N ARG B 462 15.49 20.47 18.12
CA ARG B 462 14.30 20.90 18.83
C ARG B 462 13.16 19.92 18.61
N LEU B 463 12.98 19.50 17.36
CA LEU B 463 11.92 18.56 17.01
C LEU B 463 12.20 17.15 17.53
N ALA B 464 13.44 16.70 17.36
CA ALA B 464 13.83 15.39 17.86
C ALA B 464 13.57 15.27 19.35
N GLU B 465 13.81 16.36 20.09
CA GLU B 465 13.54 16.39 21.52
C GLU B 465 12.07 16.14 21.84
N GLN B 466 11.19 16.77 21.07
CA GLN B 466 9.76 16.54 21.21
C GLN B 466 9.41 15.08 20.94
N HIS B 467 9.99 14.53 19.87
CA HIS B 467 9.73 13.14 19.52
C HIS B 467 10.19 12.23 20.66
N ARG B 468 11.35 12.54 21.22
CA ARG B 468 11.90 11.72 22.28
C ARG B 468 10.94 11.67 23.46
N GLN B 469 10.39 12.83 23.82
CA GLN B 469 9.48 12.92 24.95
C GLN B 469 8.18 12.16 24.67
N ILE B 470 7.67 12.32 23.45
CA ILE B 470 6.48 11.62 23.03
C ILE B 470 6.70 10.11 23.06
N GLU B 471 7.84 9.66 22.54
CA GLU B 471 8.16 8.23 22.52
C GLU B 471 8.34 7.66 23.92
N GLU B 472 8.90 8.48 24.82
CA GLU B 472 9.06 8.07 26.22
C GLU B 472 7.70 7.81 26.84
N THR B 473 6.82 8.79 26.73
CA THR B 473 5.47 8.66 27.26
C THR B 473 4.76 7.43 26.70
N LEU B 474 4.65 7.34 25.38
CA LEU B 474 3.95 6.22 24.76
C LEU B 474 4.58 4.87 25.10
N ALA B 475 5.88 4.86 25.35
CA ALA B 475 6.59 3.61 25.66
C ALA B 475 6.00 2.89 26.89
N HIS B 476 5.36 3.65 27.77
CA HIS B 476 4.74 3.04 28.95
C HIS B 476 3.51 2.23 28.58
N PHE B 477 3.02 2.38 27.36
CA PHE B 477 1.88 1.60 26.89
C PHE B 477 2.33 0.37 26.13
N HIS B 478 3.62 0.30 25.82
CA HIS B 478 4.17 -0.88 25.17
C HIS B 478 4.31 -2.00 26.19
N LEU B 479 3.81 -3.18 25.83
CA LEU B 479 3.95 -4.35 26.69
C LEU B 479 4.71 -5.44 25.96
N THR B 480 5.77 -5.94 26.58
CA THR B 480 6.59 -6.98 25.97
C THR B 480 5.95 -8.34 26.13
N LYS B 481 6.36 -9.26 25.26
CA LYS B 481 5.89 -10.65 25.32
C LYS B 481 5.94 -11.11 26.78
N ASP B 482 7.07 -10.84 27.43
CA ASP B 482 7.28 -11.25 28.82
C ASP B 482 6.33 -10.59 29.82
N MET B 483 6.05 -9.30 29.63
CA MET B 483 5.10 -8.61 30.49
C MET B 483 3.73 -9.26 30.36
N LEU B 484 3.33 -9.53 29.12
CA LEU B 484 2.03 -10.09 28.83
C LEU B 484 1.87 -11.47 29.47
N LEU B 485 2.96 -12.22 29.53
CA LEU B 485 2.95 -13.53 30.17
C LEU B 485 2.73 -13.37 31.67
N GLU B 486 3.29 -12.32 32.24
CA GLU B 486 3.06 -12.00 33.64
C GLU B 486 1.59 -11.67 33.91
N VAL B 487 1.02 -10.82 33.06
CA VAL B 487 -0.39 -10.47 33.22
C VAL B 487 -1.22 -11.75 33.22
N LYS B 488 -0.95 -12.63 32.27
CA LYS B 488 -1.62 -13.92 32.20
C LYS B 488 -1.49 -14.67 33.51
N LYS B 489 -0.24 -14.83 33.96
CA LYS B 489 0.06 -15.50 35.21
C LYS B 489 -0.73 -14.90 36.38
N ARG B 490 -0.74 -13.57 36.48
CA ARG B 490 -1.46 -12.90 37.55
C ARG B 490 -2.97 -13.13 37.44
N MET B 491 -3.47 -13.14 36.20
CA MET B 491 -4.88 -13.41 35.97
C MET B 491 -5.24 -14.80 36.49
N ARG B 492 -4.36 -15.76 36.22
CA ARG B 492 -4.59 -17.13 36.66
C ARG B 492 -4.71 -17.21 38.18
N ALA B 493 -3.76 -16.60 38.88
CA ALA B 493 -3.77 -16.58 40.34
C ALA B 493 -5.07 -15.97 40.85
N GLU B 494 -5.50 -14.88 40.24
CA GLU B 494 -6.72 -14.20 40.65
C GLU B 494 -7.94 -15.10 40.49
N MET B 495 -7.93 -15.89 39.42
CA MET B 495 -9.01 -16.84 39.19
C MET B 495 -9.10 -17.85 40.32
N GLU B 496 -7.95 -18.35 40.76
CA GLU B 496 -7.89 -19.30 41.86
C GLU B 496 -8.50 -18.69 43.11
N LEU B 497 -8.02 -17.50 43.47
CA LEU B 497 -8.53 -16.79 44.64
C LEU B 497 -10.05 -16.66 44.61
N GLY B 498 -10.60 -16.38 43.45
CA GLY B 498 -12.04 -16.18 43.31
C GLY B 498 -12.84 -17.47 43.44
N LEU B 499 -12.18 -18.60 43.14
CA LEU B 499 -12.85 -19.90 43.17
C LEU B 499 -12.79 -20.57 44.55
N ARG B 500 -11.65 -20.48 45.21
CA ARG B 500 -11.49 -21.05 46.55
C ARG B 500 -12.21 -20.18 47.60
N LYS B 501 -13.09 -20.80 48.38
CA LYS B 501 -13.93 -20.05 49.32
C LYS B 501 -13.16 -19.39 50.45
N GLN B 502 -11.96 -19.89 50.73
CA GLN B 502 -11.16 -19.34 51.80
C GLN B 502 -10.48 -18.02 51.43
N THR B 503 -10.40 -17.73 50.14
CA THR B 503 -9.79 -16.49 49.65
C THR B 503 -10.80 -15.65 48.88
N HIS B 504 -11.98 -16.22 48.64
CA HIS B 504 -13.01 -15.58 47.83
C HIS B 504 -13.36 -14.18 48.30
N ASN B 505 -13.78 -14.06 49.56
CA ASN B 505 -14.24 -12.79 50.11
C ASN B 505 -13.29 -11.61 49.82
N ASN B 506 -12.00 -11.90 49.80
CA ASN B 506 -10.99 -10.87 49.56
C ASN B 506 -10.52 -10.80 48.10
N ALA B 507 -11.00 -11.73 47.28
CA ALA B 507 -10.61 -11.79 45.88
C ALA B 507 -11.29 -10.71 45.05
N VAL B 508 -10.54 -10.11 44.13
CA VAL B 508 -11.08 -9.04 43.28
C VAL B 508 -11.79 -9.59 42.06
N VAL B 509 -11.25 -10.65 41.48
CA VAL B 509 -11.92 -11.36 40.40
C VAL B 509 -12.83 -12.40 41.03
N LYS B 510 -14.13 -12.13 41.01
CA LYS B 510 -15.09 -12.88 41.82
C LYS B 510 -15.44 -14.29 41.32
N MET B 511 -15.27 -14.54 40.03
CA MET B 511 -15.60 -15.86 39.50
C MET B 511 -16.98 -16.27 40.01
N LEU B 512 -17.99 -15.46 39.73
CA LEU B 512 -19.33 -15.72 40.24
C LEU B 512 -19.99 -16.90 39.53
N PRO B 513 -20.77 -17.69 40.28
CA PRO B 513 -21.49 -18.79 39.67
C PRO B 513 -22.76 -18.31 38.98
N SER B 514 -23.05 -18.85 37.80
CA SER B 514 -24.21 -18.46 37.01
C SER B 514 -25.33 -19.48 37.13
N PHE B 515 -24.99 -20.64 37.67
CA PHE B 515 -25.94 -21.74 37.83
C PHE B 515 -26.47 -22.24 36.49
N VAL B 516 -25.61 -22.16 35.48
CA VAL B 516 -25.84 -22.76 34.18
C VAL B 516 -24.81 -23.87 34.06
N ARG B 517 -25.25 -25.12 34.05
CA ARG B 517 -24.33 -26.24 34.16
C ARG B 517 -23.94 -26.88 32.83
N ARG B 518 -24.73 -26.64 31.79
CA ARG B 518 -24.40 -27.19 30.49
C ARG B 518 -24.86 -26.32 29.32
N THR B 519 -24.05 -26.33 28.26
CA THR B 519 -24.39 -25.65 27.02
C THR B 519 -25.64 -26.29 26.44
N PRO B 520 -26.30 -25.62 25.49
CA PRO B 520 -27.54 -26.18 24.96
C PRO B 520 -27.34 -27.62 24.49
N ASP B 521 -28.30 -28.48 24.79
CA ASP B 521 -28.24 -29.88 24.38
C ASP B 521 -29.01 -30.09 23.07
N GLY B 522 -29.62 -29.03 22.57
CA GLY B 522 -30.34 -29.10 21.30
C GLY B 522 -31.82 -29.33 21.44
N THR B 523 -32.27 -29.66 22.66
CA THR B 523 -33.69 -29.96 22.90
C THR B 523 -34.49 -28.76 23.37
N GLU B 524 -33.82 -27.64 23.63
CA GLU B 524 -34.51 -26.42 24.04
C GLU B 524 -35.72 -26.18 23.15
N ASN B 525 -36.84 -25.80 23.75
CA ASN B 525 -38.08 -25.65 22.99
C ASN B 525 -39.10 -24.72 23.66
N GLY B 526 -39.72 -23.85 22.87
CA GLY B 526 -40.81 -22.99 23.37
C GLY B 526 -40.67 -21.50 23.08
N ASP B 527 -41.58 -20.73 23.66
CA ASP B 527 -41.55 -19.26 23.54
C ASP B 527 -40.94 -18.64 24.79
N PHE B 528 -40.14 -17.60 24.61
CA PHE B 528 -39.50 -16.96 25.76
C PHE B 528 -39.40 -15.44 25.59
N LEU B 529 -39.59 -14.72 26.69
CA LEU B 529 -39.33 -13.30 26.74
C LEU B 529 -37.89 -13.10 27.19
N ALA B 530 -37.27 -12.03 26.72
CA ALA B 530 -35.89 -11.74 27.14
C ALA B 530 -35.69 -10.24 27.37
N LEU B 531 -34.74 -9.93 28.24
CA LEU B 531 -34.41 -8.56 28.55
C LEU B 531 -32.91 -8.39 28.37
N ASP B 532 -32.52 -7.25 27.80
CA ASP B 532 -31.11 -6.97 27.55
C ASP B 532 -30.75 -5.59 28.11
N LEU B 533 -30.21 -5.57 29.32
CA LEU B 533 -29.88 -4.32 30.01
C LEU B 533 -28.43 -4.31 30.48
N GLY B 534 -27.72 -3.23 30.16
CA GLY B 534 -26.33 -3.10 30.59
C GLY B 534 -25.37 -2.74 29.47
N GLY B 535 -25.79 -2.98 28.23
CA GLY B 535 -25.01 -2.61 27.06
C GLY B 535 -25.40 -1.23 26.58
N THR B 536 -24.97 -0.86 25.37
CA THR B 536 -25.30 0.45 24.81
C THR B 536 -26.78 0.56 24.47
N ASN B 537 -27.46 -0.59 24.41
CA ASN B 537 -28.87 -0.60 24.04
C ASN B 537 -29.72 -1.44 24.98
N PHE B 538 -30.73 -0.82 25.56
CA PHE B 538 -31.73 -1.56 26.33
C PHE B 538 -32.79 -2.07 25.38
N ARG B 539 -33.12 -3.35 25.47
CA ARG B 539 -34.12 -3.92 24.58
C ARG B 539 -34.89 -5.10 25.19
N VAL B 540 -36.06 -5.37 24.63
CA VAL B 540 -36.89 -6.50 25.03
C VAL B 540 -37.08 -7.41 23.83
N LEU B 541 -36.85 -8.70 24.02
CA LEU B 541 -36.90 -9.64 22.90
C LEU B 541 -37.92 -10.75 23.08
N LEU B 542 -38.38 -11.27 21.95
CA LEU B 542 -39.30 -12.39 21.90
C LEU B 542 -38.60 -13.52 21.15
N VAL B 543 -38.35 -14.63 21.84
CA VAL B 543 -37.59 -15.73 21.25
C VAL B 543 -38.37 -17.03 21.20
N LYS B 544 -38.50 -17.59 20.01
CA LYS B 544 -39.22 -18.85 19.81
C LYS B 544 -38.25 -19.94 19.37
N ILE B 545 -38.05 -20.93 20.23
CA ILE B 545 -37.11 -22.00 19.94
C ILE B 545 -37.83 -23.32 19.67
N ARG B 546 -37.86 -23.72 18.41
CA ARG B 546 -38.44 -25.01 18.05
C ARG B 546 -37.31 -26.02 17.91
N SER B 547 -37.44 -27.13 18.64
CA SER B 547 -36.42 -28.16 18.59
C SER B 547 -36.95 -29.42 17.95
N GLY B 548 -36.35 -30.55 18.31
CA GLY B 548 -36.70 -31.84 17.74
C GLY B 548 -36.22 -31.96 16.30
N LYS B 549 -36.98 -32.72 15.51
CA LYS B 549 -36.59 -32.98 14.12
C LYS B 549 -36.12 -31.71 13.42
N LYS B 550 -36.94 -30.67 13.47
CA LYS B 550 -36.56 -29.38 12.91
C LYS B 550 -36.37 -28.34 14.00
N ARG B 551 -35.19 -27.73 14.02
CA ARG B 551 -34.89 -26.71 15.00
C ARG B 551 -34.67 -25.34 14.37
N THR B 552 -35.47 -24.39 14.81
CA THR B 552 -35.42 -23.03 14.30
C THR B 552 -35.47 -22.06 15.48
N VAL B 553 -35.08 -20.82 15.23
CA VAL B 553 -35.10 -19.79 16.26
C VAL B 553 -35.56 -18.47 15.64
N GLU B 554 -36.82 -18.12 15.87
CA GLU B 554 -37.36 -16.85 15.40
C GLU B 554 -37.37 -15.86 16.54
N MET B 555 -36.77 -14.69 16.32
CA MET B 555 -36.75 -13.68 17.37
C MET B 555 -36.95 -12.26 16.86
N HIS B 556 -37.69 -11.47 17.63
CA HIS B 556 -37.87 -10.05 17.36
C HIS B 556 -37.48 -9.29 18.61
N ASN B 557 -37.34 -7.99 18.48
CA ASN B 557 -37.03 -7.15 19.63
C ASN B 557 -37.21 -5.68 19.31
N LYS B 558 -37.32 -4.88 20.36
CA LYS B 558 -37.43 -3.44 20.19
C LYS B 558 -36.47 -2.76 21.14
N ILE B 559 -35.90 -1.65 20.70
CA ILE B 559 -34.97 -0.89 21.52
C ILE B 559 -35.70 0.26 22.19
N TYR B 560 -35.52 0.37 23.50
CA TYR B 560 -36.11 1.45 24.26
C TYR B 560 -35.01 2.29 24.91
N ALA B 561 -35.16 3.61 24.86
CA ALA B 561 -34.21 4.50 25.49
C ALA B 561 -34.43 4.51 27.00
N ILE B 562 -33.37 4.76 27.75
CA ILE B 562 -33.47 4.95 29.18
C ILE B 562 -32.86 6.29 29.54
N PRO B 563 -33.71 7.30 29.79
CA PRO B 563 -33.27 8.66 30.06
C PRO B 563 -32.31 8.73 31.23
N ILE B 564 -31.21 9.45 31.05
CA ILE B 564 -30.06 9.37 31.95
C ILE B 564 -30.39 9.56 33.42
N GLU B 565 -31.17 10.60 33.74
CA GLU B 565 -31.61 10.79 35.11
C GLU B 565 -32.08 9.47 35.67
N ILE B 566 -32.96 8.80 34.93
CA ILE B 566 -33.53 7.53 35.35
C ILE B 566 -32.46 6.48 35.58
N MET B 567 -31.51 6.43 34.66
CA MET B 567 -30.38 5.52 34.76
C MET B 567 -29.68 5.74 36.10
N GLN B 568 -29.81 6.95 36.64
CA GLN B 568 -29.17 7.28 37.91
C GLN B 568 -30.14 7.81 38.97
N GLY B 569 -31.42 7.46 38.83
CA GLY B 569 -32.42 7.80 39.83
C GLY B 569 -32.54 6.72 40.88
N THR B 570 -33.72 6.11 40.97
CA THR B 570 -34.01 5.14 42.01
C THR B 570 -34.38 3.78 41.42
N GLY B 571 -33.92 2.72 42.06
CA GLY B 571 -34.30 1.38 41.63
C GLY B 571 -35.79 1.31 41.35
N GLU B 572 -36.56 2.11 42.07
CA GLU B 572 -38.01 2.16 41.89
C GLU B 572 -38.35 2.65 40.49
N GLU B 573 -37.78 3.78 40.11
CA GLU B 573 -38.03 4.37 38.81
C GLU B 573 -37.45 3.51 37.67
N LEU B 574 -36.22 3.05 37.86
CA LEU B 574 -35.56 2.23 36.84
C LEU B 574 -36.43 1.04 36.46
N PHE B 575 -36.78 0.23 37.45
CA PHE B 575 -37.54 -0.99 37.19
C PHE B 575 -38.99 -0.74 36.81
N ASP B 576 -39.51 0.42 37.17
CA ASP B 576 -40.85 0.80 36.73
C ASP B 576 -40.82 1.05 35.23
N HIS B 577 -39.76 1.74 34.79
CA HIS B 577 -39.54 2.01 33.39
C HIS B 577 -39.36 0.71 32.63
N ILE B 578 -38.41 -0.11 33.10
CA ILE B 578 -38.17 -1.42 32.52
C ILE B 578 -39.48 -2.15 32.27
N VAL B 579 -40.37 -2.13 33.26
CA VAL B 579 -41.64 -2.83 33.16
C VAL B 579 -42.62 -2.09 32.26
N SER B 580 -42.53 -0.76 32.26
CA SER B 580 -43.33 0.06 31.37
C SER B 580 -43.04 -0.38 29.94
N CYS B 581 -41.76 -0.65 29.66
CA CYS B 581 -41.34 -1.07 28.33
C CYS B 581 -41.76 -2.50 28.03
N ILE B 582 -41.52 -3.39 28.98
CA ILE B 582 -41.89 -4.79 28.80
C ILE B 582 -43.35 -4.90 28.39
N SER B 583 -44.18 -4.02 28.95
CA SER B 583 -45.60 -4.01 28.64
C SER B 583 -45.84 -3.53 27.22
N ASP B 584 -45.16 -2.44 26.86
CA ASP B 584 -45.28 -1.89 25.51
C ASP B 584 -44.90 -2.93 24.47
N PHE B 585 -43.89 -3.73 24.79
CA PHE B 585 -43.41 -4.76 23.87
C PHE B 585 -44.41 -5.90 23.72
N LEU B 586 -45.02 -6.29 24.84
CA LEU B 586 -46.05 -7.32 24.82
C LEU B 586 -47.17 -6.94 23.85
N ASP B 587 -47.52 -5.64 23.86
CA ASP B 587 -48.50 -5.12 22.90
C ASP B 587 -47.94 -5.20 21.49
N TYR B 588 -46.69 -4.81 21.35
CA TYR B 588 -45.99 -4.81 20.06
C TYR B 588 -46.06 -6.18 19.41
N MET B 589 -45.74 -7.21 20.19
CA MET B 589 -45.83 -8.58 19.71
C MET B 589 -47.27 -9.06 19.80
N GLY B 590 -48.14 -8.18 20.29
CA GLY B 590 -49.55 -8.47 20.40
C GLY B 590 -49.86 -9.71 21.23
N ILE B 591 -49.14 -9.87 22.34
CA ILE B 591 -49.37 -11.04 23.18
C ILE B 591 -49.29 -10.76 24.68
N LYS B 592 -50.20 -9.94 25.19
CA LYS B 592 -50.26 -9.78 26.63
C LYS B 592 -51.49 -10.46 27.23
N GLY B 593 -51.25 -11.51 28.00
CA GLY B 593 -52.29 -12.19 28.75
C GLY B 593 -51.65 -13.29 29.57
N PRO B 594 -50.95 -14.20 28.86
CA PRO B 594 -50.27 -15.35 29.46
C PRO B 594 -49.05 -14.97 30.28
N ARG B 595 -48.75 -15.79 31.29
CA ARG B 595 -47.57 -15.60 32.13
C ARG B 595 -46.36 -16.25 31.47
N MET B 596 -45.79 -15.59 30.47
CA MET B 596 -44.64 -16.12 29.74
C MET B 596 -43.36 -16.13 30.58
N PRO B 597 -42.51 -17.14 30.35
CA PRO B 597 -41.22 -17.25 31.04
C PRO B 597 -40.23 -16.26 30.45
N LEU B 598 -39.48 -15.57 31.30
CA LEU B 598 -38.59 -14.53 30.82
C LEU B 598 -37.14 -14.70 31.25
N GLY B 599 -36.23 -14.41 30.32
CA GLY B 599 -34.80 -14.43 30.58
C GLY B 599 -34.28 -13.03 30.74
N PHE B 600 -33.64 -12.77 31.88
CA PHE B 600 -33.21 -11.43 32.24
C PHE B 600 -31.70 -11.28 32.12
N THR B 601 -31.26 -10.55 31.09
CA THR B 601 -29.84 -10.25 30.94
C THR B 601 -29.52 -8.93 31.62
N PHE B 602 -28.84 -9.05 32.74
CA PHE B 602 -28.45 -7.93 33.58
C PHE B 602 -26.94 -8.06 33.66
N SER B 603 -26.21 -7.13 33.05
CA SER B 603 -24.77 -7.29 32.96
C SER B 603 -23.99 -6.48 33.98
N PHE B 604 -24.13 -6.87 35.24
CA PHE B 604 -23.42 -6.26 36.34
C PHE B 604 -23.13 -7.40 37.29
N PRO B 605 -22.12 -7.23 38.15
CA PRO B 605 -21.82 -8.37 39.02
C PRO B 605 -23.02 -8.73 39.90
N CYS B 606 -23.44 -9.98 39.83
CA CYS B 606 -24.54 -10.46 40.67
C CYS B 606 -24.16 -11.71 41.45
N GLN B 607 -24.39 -11.65 42.76
CA GLN B 607 -24.20 -12.81 43.62
C GLN B 607 -25.48 -13.64 43.53
N GLN B 608 -25.37 -14.86 43.04
CA GLN B 608 -26.54 -15.70 42.82
C GLN B 608 -26.54 -16.96 43.67
N THR B 609 -27.72 -17.37 44.10
CA THR B 609 -27.88 -18.60 44.89
C THR B 609 -28.62 -19.62 44.04
N SER B 610 -29.35 -19.12 43.05
CA SER B 610 -30.09 -19.94 42.12
C SER B 610 -30.03 -19.29 40.75
N LEU B 611 -30.71 -19.87 39.78
CA LEU B 611 -30.73 -19.32 38.43
C LEU B 611 -31.60 -18.05 38.38
N ASP B 612 -32.59 -17.98 39.26
CA ASP B 612 -33.52 -16.85 39.26
C ASP B 612 -33.32 -15.92 40.45
N ALA B 613 -32.13 -15.91 41.02
CA ALA B 613 -31.81 -15.03 42.14
C ALA B 613 -30.50 -14.30 41.86
N GLY B 614 -30.57 -12.97 41.76
CA GLY B 614 -29.39 -12.18 41.42
C GLY B 614 -29.25 -10.89 42.23
N ILE B 615 -28.31 -10.90 43.16
CA ILE B 615 -28.10 -9.74 44.02
C ILE B 615 -27.01 -8.83 43.45
N LEU B 616 -27.41 -7.65 42.97
CA LEU B 616 -26.48 -6.66 42.48
C LEU B 616 -25.39 -6.38 43.52
N ILE B 617 -24.16 -6.78 43.22
CA ILE B 617 -23.03 -6.54 44.11
C ILE B 617 -22.58 -5.09 44.05
N THR B 618 -22.44 -4.56 42.84
CA THR B 618 -22.02 -3.18 42.64
C THR B 618 -22.40 -2.74 41.24
N TRP B 619 -22.57 -1.44 41.05
CA TRP B 619 -22.80 -0.89 39.72
C TRP B 619 -21.47 -0.80 38.99
N THR B 620 -21.52 -0.91 37.67
CA THR B 620 -20.33 -0.74 36.84
C THR B 620 -20.69 0.09 35.62
N LYS B 621 -19.69 0.59 34.90
CA LYS B 621 -19.94 1.46 33.77
C LYS B 621 -20.63 2.75 34.21
N GLY B 622 -21.73 3.11 33.54
CA GLY B 622 -22.38 4.40 33.77
C GLY B 622 -23.64 4.37 34.63
N PHE B 623 -23.94 3.21 35.20
CA PHE B 623 -25.14 3.03 36.00
C PHE B 623 -24.93 3.39 37.47
N LYS B 624 -25.92 4.07 38.04
CA LYS B 624 -25.93 4.30 39.48
C LYS B 624 -27.32 4.63 40.00
N ALA B 625 -28.30 3.78 39.70
CA ALA B 625 -29.62 3.97 40.27
C ALA B 625 -29.55 3.63 41.76
N THR B 626 -30.25 4.40 42.59
CA THR B 626 -30.16 4.20 44.02
C THR B 626 -31.01 3.04 44.52
N ASP B 627 -30.59 2.47 45.64
CA ASP B 627 -31.31 1.37 46.25
C ASP B 627 -31.47 0.21 45.28
N CYS B 628 -30.38 -0.15 44.62
CA CYS B 628 -30.36 -1.32 43.75
C CYS B 628 -29.29 -2.26 44.27
N VAL B 629 -28.08 -1.73 44.44
CA VAL B 629 -26.99 -2.50 45.01
C VAL B 629 -27.44 -3.18 46.29
N GLY B 630 -27.13 -4.46 46.44
CA GLY B 630 -27.52 -5.21 47.63
C GLY B 630 -28.87 -5.90 47.52
N HIS B 631 -29.67 -5.49 46.53
CA HIS B 631 -30.96 -6.12 46.27
C HIS B 631 -30.83 -7.26 45.29
N ASP B 632 -31.88 -8.08 45.21
CA ASP B 632 -32.00 -9.12 44.20
C ASP B 632 -32.74 -8.53 43.01
N VAL B 633 -32.03 -8.33 41.90
CA VAL B 633 -32.61 -7.66 40.74
C VAL B 633 -33.88 -8.33 40.25
N VAL B 634 -34.03 -9.62 40.52
CA VAL B 634 -35.24 -10.34 40.16
C VAL B 634 -36.39 -9.90 41.05
N THR B 635 -36.10 -9.72 42.34
CA THR B 635 -37.10 -9.25 43.29
C THR B 635 -37.55 -7.85 42.90
N LEU B 636 -36.60 -7.02 42.47
CA LEU B 636 -36.88 -5.66 42.04
C LEU B 636 -37.80 -5.64 40.82
N LEU B 637 -37.56 -6.55 39.89
CA LEU B 637 -38.35 -6.64 38.66
C LEU B 637 -39.74 -7.18 38.97
N ARG B 638 -39.80 -8.25 39.76
CA ARG B 638 -41.08 -8.85 40.14
C ARG B 638 -41.97 -7.84 40.87
N ASP B 639 -41.34 -6.93 41.61
CA ASP B 639 -42.08 -5.88 42.30
C ASP B 639 -42.67 -4.89 41.29
N ALA B 640 -41.78 -4.29 40.49
CA ALA B 640 -42.20 -3.31 39.49
C ALA B 640 -43.35 -3.83 38.65
N ILE B 641 -43.34 -5.14 38.39
CA ILE B 641 -44.41 -5.78 37.64
C ILE B 641 -45.69 -5.81 38.46
N LYS B 642 -45.54 -6.16 39.74
CA LYS B 642 -46.68 -6.29 40.64
C LYS B 642 -47.34 -4.93 40.92
N ARG B 643 -46.53 -3.88 40.89
CA ARG B 643 -47.06 -2.54 41.16
C ARG B 643 -47.99 -2.04 40.04
N ARG B 644 -47.57 -2.20 38.80
CA ARG B 644 -48.40 -1.79 37.67
C ARG B 644 -49.66 -2.62 37.60
N GLU B 645 -49.54 -3.89 37.99
CA GLU B 645 -50.68 -4.78 38.17
C GLU B 645 -51.36 -5.10 36.84
N GLU B 646 -50.78 -4.61 35.75
CA GLU B 646 -51.36 -4.72 34.43
C GLU B 646 -51.39 -6.17 33.94
N PHE B 647 -50.31 -6.89 34.21
CA PHE B 647 -50.13 -8.23 33.67
C PHE B 647 -49.19 -8.96 34.60
N ASP B 648 -48.65 -10.09 34.14
CA ASP B 648 -47.76 -10.88 34.98
C ASP B 648 -46.87 -11.79 34.14
N LEU B 649 -45.65 -11.99 34.61
CA LEU B 649 -44.70 -12.87 33.91
C LEU B 649 -43.93 -13.75 34.89
N ASP B 650 -43.22 -14.74 34.35
CA ASP B 650 -42.48 -15.69 35.16
C ASP B 650 -40.97 -15.60 34.91
N VAL B 651 -40.30 -14.72 35.64
CA VAL B 651 -38.85 -14.56 35.50
C VAL B 651 -38.13 -15.83 35.92
N VAL B 652 -37.60 -16.55 34.94
CA VAL B 652 -36.96 -17.84 35.21
C VAL B 652 -35.47 -17.70 35.54
N ALA B 653 -34.84 -16.63 35.07
CA ALA B 653 -33.40 -16.52 35.23
C ALA B 653 -32.84 -15.11 35.03
N VAL B 654 -31.72 -14.86 35.69
CA VAL B 654 -30.96 -13.63 35.51
C VAL B 654 -29.58 -14.03 35.02
N VAL B 655 -29.19 -13.48 33.87
CA VAL B 655 -27.95 -13.88 33.22
C VAL B 655 -27.06 -12.69 32.89
N ASN B 656 -25.74 -12.90 32.98
CA ASN B 656 -24.78 -11.90 32.56
C ASN B 656 -24.60 -11.97 31.05
N ASP B 657 -24.26 -10.86 30.42
CA ASP B 657 -24.18 -10.84 28.97
C ASP B 657 -23.10 -11.77 28.42
N THR B 658 -22.08 -12.05 29.23
CA THR B 658 -21.04 -12.98 28.80
C THR B 658 -21.59 -14.41 28.73
N VAL B 659 -22.37 -14.78 29.73
CA VAL B 659 -23.00 -16.09 29.76
C VAL B 659 -24.03 -16.23 28.63
N GLY B 660 -24.83 -15.19 28.43
CA GLY B 660 -25.82 -15.20 27.37
C GLY B 660 -25.14 -15.31 26.01
N THR B 661 -24.10 -14.51 25.82
CA THR B 661 -23.35 -14.54 24.57
C THR B 661 -22.73 -15.91 24.32
N MET B 662 -22.18 -16.51 25.37
CA MET B 662 -21.59 -17.84 25.22
C MET B 662 -22.64 -18.84 24.75
N MET B 663 -23.83 -18.75 25.34
CA MET B 663 -24.90 -19.68 25.03
C MET B 663 -25.46 -19.45 23.63
N THR B 664 -25.54 -18.20 23.21
CA THR B 664 -25.98 -17.90 21.85
C THR B 664 -25.06 -18.53 20.83
N CYS B 665 -23.75 -18.44 21.07
CA CYS B 665 -22.75 -18.97 20.15
C CYS B 665 -22.54 -20.47 20.31
N ALA B 666 -22.88 -21.00 21.48
CA ALA B 666 -22.72 -22.44 21.73
C ALA B 666 -23.95 -23.21 21.26
N TYR B 667 -25.00 -22.49 20.88
CA TYR B 667 -26.19 -23.10 20.30
C TYR B 667 -25.79 -23.85 19.05
N GLU B 668 -24.92 -23.22 18.26
CA GLU B 668 -24.40 -23.80 17.04
C GLU B 668 -23.12 -24.58 17.30
N GLU B 669 -22.19 -23.96 18.00
CA GLU B 669 -20.88 -24.56 18.23
C GLU B 669 -20.80 -25.26 19.59
N PRO B 670 -20.58 -26.58 19.59
CA PRO B 670 -20.49 -27.39 20.80
C PRO B 670 -19.17 -27.24 21.53
N THR B 671 -18.18 -26.63 20.89
CA THR B 671 -16.89 -26.39 21.56
C THR B 671 -16.83 -24.97 22.13
N CYS B 672 -17.93 -24.24 21.98
CA CYS B 672 -18.01 -22.88 22.50
C CYS B 672 -18.29 -22.91 24.00
N GLU B 673 -17.22 -22.92 24.79
CA GLU B 673 -17.34 -22.99 26.24
C GLU B 673 -16.83 -21.73 26.92
N VAL B 674 -16.76 -20.64 26.17
CA VAL B 674 -16.25 -19.40 26.72
C VAL B 674 -16.93 -18.19 26.11
N GLY B 675 -17.20 -17.18 26.94
CA GLY B 675 -17.82 -15.95 26.49
C GLY B 675 -16.94 -14.74 26.72
N LEU B 676 -16.99 -13.79 25.79
CA LEU B 676 -16.19 -12.58 25.90
C LEU B 676 -16.98 -11.37 25.43
N ILE B 677 -16.92 -10.30 26.20
CA ILE B 677 -17.53 -9.04 25.79
C ILE B 677 -16.50 -7.93 25.84
N VAL B 678 -16.30 -7.26 24.71
CA VAL B 678 -15.44 -6.09 24.66
C VAL B 678 -16.27 -4.99 24.02
N GLY B 679 -17.08 -4.31 24.83
CA GLY B 679 -17.93 -3.22 24.38
C GLY B 679 -17.85 -2.08 25.37
N THR B 680 -19.00 -1.55 25.78
CA THR B 680 -18.99 -0.53 26.82
C THR B 680 -18.08 -1.01 27.95
N GLY B 681 -18.35 -2.22 28.44
CA GLY B 681 -17.51 -2.83 29.47
C GLY B 681 -16.80 -4.04 28.89
N SER B 682 -15.96 -4.67 29.69
CA SER B 682 -15.29 -5.89 29.26
C SER B 682 -15.37 -6.96 30.32
N ASN B 683 -15.69 -8.18 29.92
CA ASN B 683 -15.82 -9.28 30.86
C ASN B 683 -15.77 -10.62 30.13
N ALA B 684 -15.68 -11.71 30.89
CA ALA B 684 -15.63 -13.03 30.28
C ALA B 684 -16.13 -14.13 31.23
N CYS B 685 -16.70 -15.17 30.64
CA CYS B 685 -17.17 -16.33 31.39
C CYS B 685 -16.67 -17.60 30.73
N TYR B 686 -16.78 -18.72 31.42
CA TYR B 686 -16.39 -20.00 30.85
C TYR B 686 -16.96 -21.17 31.66
N MET B 687 -16.95 -22.36 31.07
CA MET B 687 -17.45 -23.55 31.75
C MET B 687 -16.36 -24.14 32.65
N GLU B 688 -16.59 -24.06 33.97
CA GLU B 688 -15.64 -24.57 34.94
C GLU B 688 -16.16 -25.85 35.57
N GLU B 689 -15.25 -26.63 36.18
CA GLU B 689 -15.62 -27.88 36.82
C GLU B 689 -16.04 -27.65 38.27
N MET B 690 -17.18 -28.20 38.65
CA MET B 690 -17.71 -28.02 40.01
C MET B 690 -16.69 -28.28 41.11
N LYS B 691 -15.77 -29.20 40.85
CA LYS B 691 -14.72 -29.52 41.81
C LYS B 691 -13.93 -28.27 42.18
N ASN B 692 -13.97 -27.28 41.30
CA ASN B 692 -13.21 -26.04 41.49
C ASN B 692 -14.09 -24.87 41.95
N VAL B 693 -15.39 -25.00 41.74
CA VAL B 693 -16.34 -23.99 42.18
C VAL B 693 -16.63 -24.13 43.67
N GLU B 694 -15.57 -24.03 44.48
CA GLU B 694 -15.66 -24.23 45.93
C GLU B 694 -16.82 -23.48 46.59
N MET B 695 -17.32 -22.44 45.93
CA MET B 695 -18.35 -21.58 46.52
C MET B 695 -19.76 -22.15 46.36
N VAL B 696 -19.90 -23.20 45.56
CA VAL B 696 -21.19 -23.86 45.40
C VAL B 696 -21.07 -25.36 45.68
N GLU B 697 -21.93 -25.85 46.56
CA GLU B 697 -21.89 -27.24 47.01
C GLU B 697 -21.91 -28.25 45.85
N GLY B 698 -21.01 -29.23 45.93
CA GLY B 698 -20.96 -30.29 44.93
C GLY B 698 -19.68 -30.28 44.11
N ASP B 699 -19.42 -31.39 43.43
CA ASP B 699 -18.24 -31.51 42.59
C ASP B 699 -18.56 -32.33 41.34
N GLN B 700 -19.84 -32.40 41.01
CA GLN B 700 -20.28 -33.16 39.85
C GLN B 700 -20.76 -32.25 38.73
N GLY B 701 -20.24 -32.47 37.53
CA GLY B 701 -20.63 -31.69 36.37
C GLY B 701 -19.92 -30.35 36.31
N GLN B 702 -20.36 -29.49 35.40
CA GLN B 702 -19.73 -28.20 35.19
C GLN B 702 -20.64 -27.06 35.60
N MET B 703 -20.07 -25.85 35.62
CA MET B 703 -20.79 -24.65 35.99
C MET B 703 -20.19 -23.44 35.27
N CYS B 704 -21.03 -22.65 34.61
CA CYS B 704 -20.53 -21.47 33.93
C CYS B 704 -20.23 -20.37 34.95
N ILE B 705 -19.00 -19.87 34.92
CA ILE B 705 -18.55 -18.86 35.84
C ILE B 705 -18.43 -17.50 35.16
N ASN B 706 -19.18 -16.53 35.67
CA ASN B 706 -19.01 -15.15 35.25
C ASN B 706 -17.84 -14.57 36.02
N MET B 707 -16.72 -14.37 35.34
CA MET B 707 -15.50 -13.91 36.00
C MET B 707 -15.63 -12.52 36.60
N GLU B 708 -16.36 -11.63 35.93
CA GLU B 708 -16.30 -10.22 36.27
C GLU B 708 -14.83 -9.85 36.34
N TRP B 709 -14.13 -10.08 35.24
CA TRP B 709 -12.68 -9.87 35.22
C TRP B 709 -12.28 -8.40 35.14
N GLY B 710 -13.26 -7.53 34.94
CA GLY B 710 -12.99 -6.10 34.85
C GLY B 710 -12.34 -5.58 36.12
N ALA B 711 -12.68 -6.20 37.24
CA ALA B 711 -12.18 -5.78 38.55
C ALA B 711 -10.75 -6.23 38.75
N PHE B 712 -10.27 -7.06 37.84
CA PHE B 712 -8.87 -7.46 37.83
C PHE B 712 -8.03 -6.20 38.01
N GLY B 713 -7.10 -6.23 38.97
CA GLY B 713 -6.23 -5.09 39.22
C GLY B 713 -6.72 -4.16 40.32
N ASP B 714 -7.96 -4.36 40.78
CA ASP B 714 -8.52 -3.51 41.83
C ASP B 714 -7.81 -3.66 43.18
N ASN B 715 -6.97 -4.70 43.29
CA ASN B 715 -6.17 -4.88 44.50
C ASN B 715 -4.73 -4.42 44.28
N GLY B 716 -4.51 -3.67 43.20
CA GLY B 716 -3.21 -3.10 42.89
C GLY B 716 -2.29 -3.98 42.07
N CYS B 717 -2.75 -5.17 41.69
CA CYS B 717 -1.89 -6.13 40.99
C CYS B 717 -1.47 -5.71 39.58
N LEU B 718 -1.97 -4.57 39.13
CA LEU B 718 -1.61 -4.05 37.80
C LEU B 718 -0.96 -2.68 37.89
N ASP B 719 -0.82 -2.17 39.11
CA ASP B 719 -0.17 -0.87 39.32
C ASP B 719 1.16 -0.85 38.60
N ASP B 720 1.65 -2.04 38.29
CA ASP B 720 2.91 -2.24 37.61
C ASP B 720 2.87 -1.67 36.19
N ILE B 721 1.72 -1.75 35.54
CA ILE B 721 1.63 -1.32 34.14
C ILE B 721 0.66 -0.16 33.91
N ARG B 722 -0.11 0.19 34.94
CA ARG B 722 -1.02 1.33 34.83
C ARG B 722 -0.24 2.63 34.75
N THR B 723 -0.67 3.53 33.86
CA THR B 723 0.06 4.76 33.63
C THR B 723 -0.64 5.94 34.28
N HIS B 724 0.08 7.07 34.35
CA HIS B 724 -0.47 8.31 34.85
C HIS B 724 -1.85 8.60 34.26
N TYR B 725 -2.05 8.26 32.98
CA TYR B 725 -3.30 8.51 32.30
C TYR B 725 -4.39 7.53 32.70
N ASP B 726 -3.99 6.28 32.97
CA ASP B 726 -4.94 5.30 33.48
C ASP B 726 -5.48 5.78 34.82
N ARG B 727 -4.58 6.32 35.64
CA ARG B 727 -4.97 6.78 36.97
C ARG B 727 -5.91 7.97 36.93
N LEU B 728 -5.70 8.88 35.98
CA LEU B 728 -6.57 10.03 35.83
C LEU B 728 -7.97 9.58 35.40
N VAL B 729 -8.02 8.69 34.41
CA VAL B 729 -9.28 8.16 33.94
C VAL B 729 -10.03 7.48 35.08
N ASP B 730 -9.33 6.66 35.85
CA ASP B 730 -9.96 5.96 36.96
C ASP B 730 -10.43 6.95 38.01
N GLU B 731 -9.55 7.87 38.37
CA GLU B 731 -9.84 8.79 39.47
C GLU B 731 -11.03 9.72 39.17
N TYR B 732 -11.31 9.95 37.89
CA TYR B 732 -12.44 10.81 37.51
C TYR B 732 -13.71 10.04 37.14
N SER B 733 -13.67 8.72 37.27
CA SER B 733 -14.81 7.90 36.88
C SER B 733 -15.89 7.85 37.97
N LEU B 734 -17.03 7.25 37.63
CA LEU B 734 -18.14 7.08 38.56
C LEU B 734 -17.84 6.04 39.62
N ASN B 735 -16.86 5.19 39.35
CA ASN B 735 -16.51 4.11 40.27
C ASN B 735 -15.01 4.05 40.51
N ALA B 736 -14.48 5.13 41.07
CA ALA B 736 -13.03 5.26 41.28
C ALA B 736 -12.46 4.08 42.05
N GLY B 737 -11.42 3.46 41.49
CA GLY B 737 -10.73 2.36 42.17
C GLY B 737 -11.23 0.98 41.79
N LYS B 738 -12.30 0.93 41.00
CA LYS B 738 -12.88 -0.34 40.59
C LYS B 738 -12.83 -0.54 39.08
N GLN B 739 -12.96 -1.78 38.64
CA GLN B 739 -12.96 -2.13 37.22
C GLN B 739 -11.73 -1.59 36.50
N ARG B 740 -10.57 -1.66 37.14
CA ARG B 740 -9.34 -1.10 36.59
C ARG B 740 -8.89 -1.73 35.28
N TYR B 741 -8.91 -3.06 35.23
CA TYR B 741 -8.56 -3.80 34.03
C TYR B 741 -9.49 -3.40 32.90
N GLU B 742 -10.77 -3.37 33.18
CA GLU B 742 -11.77 -2.98 32.20
C GLU B 742 -11.49 -1.58 31.67
N LYS B 743 -10.97 -0.72 32.53
CA LYS B 743 -10.71 0.67 32.18
C LYS B 743 -9.53 0.84 31.22
N MET B 744 -8.80 -0.25 31.01
CA MET B 744 -7.68 -0.25 30.07
C MET B 744 -8.06 -0.97 28.79
N ILE B 745 -9.30 -1.39 28.68
CA ILE B 745 -9.75 -2.21 27.56
C ILE B 745 -10.98 -1.70 26.80
N SER B 746 -12.08 -1.43 27.51
CA SER B 746 -13.39 -1.25 26.86
C SER B 746 -13.65 0.13 26.24
N GLY B 747 -14.69 0.19 25.42
CA GLY B 747 -15.01 1.37 24.62
C GLY B 747 -15.42 2.61 25.40
N MET B 748 -15.94 2.42 26.61
CA MET B 748 -16.34 3.55 27.42
C MET B 748 -15.12 4.30 27.94
N TYR B 749 -13.97 3.63 27.96
CA TYR B 749 -12.78 4.20 28.59
C TYR B 749 -11.62 4.54 27.66
N LEU B 750 -11.35 3.70 26.66
CA LEU B 750 -10.17 3.93 25.82
C LEU B 750 -10.10 5.36 25.33
N GLY B 751 -11.23 5.90 24.91
CA GLY B 751 -11.29 7.27 24.41
C GLY B 751 -10.78 8.25 25.45
N GLU B 752 -11.11 7.99 26.71
CA GLU B 752 -10.71 8.90 27.79
C GLU B 752 -9.21 8.81 28.07
N ILE B 753 -8.64 7.63 27.89
CA ILE B 753 -7.20 7.50 28.05
C ILE B 753 -6.52 8.37 27.01
N VAL B 754 -6.95 8.24 25.77
CA VAL B 754 -6.41 9.02 24.66
C VAL B 754 -6.58 10.51 24.93
N ARG B 755 -7.77 10.90 25.38
CA ARG B 755 -8.04 12.31 25.60
C ARG B 755 -7.07 12.89 26.61
N ASN B 756 -6.84 12.18 27.70
CA ASN B 756 -5.93 12.67 28.74
C ASN B 756 -4.49 12.74 28.26
N ILE B 757 -4.09 11.83 27.39
CA ILE B 757 -2.76 11.90 26.81
C ILE B 757 -2.65 13.15 25.93
N LEU B 758 -3.70 13.43 25.19
CA LEU B 758 -3.70 14.56 24.26
C LEU B 758 -3.64 15.89 24.99
N ILE B 759 -4.42 16.01 26.05
CA ILE B 759 -4.35 17.18 26.90
C ILE B 759 -2.92 17.38 27.38
N ASP B 760 -2.31 16.29 27.84
CA ASP B 760 -0.93 16.34 28.33
C ASP B 760 0.03 16.86 27.26
N PHE B 761 -0.01 16.24 26.07
CA PHE B 761 0.85 16.64 24.98
C PHE B 761 0.61 18.10 24.59
N THR B 762 -0.64 18.53 24.70
CA THR B 762 -1.00 19.88 24.32
C THR B 762 -0.39 20.90 25.27
N LYS B 763 -0.38 20.60 26.56
CA LYS B 763 0.27 21.47 27.53
C LYS B 763 1.76 21.54 27.24
N LYS B 764 2.38 20.40 26.97
CA LYS B 764 3.80 20.34 26.66
C LYS B 764 4.09 21.15 25.39
N GLY B 765 3.03 21.40 24.62
CA GLY B 765 3.16 22.15 23.37
C GLY B 765 3.48 21.30 22.16
N PHE B 766 3.19 20.00 22.24
CA PHE B 766 3.40 19.10 21.11
C PHE B 766 2.21 19.09 20.14
N LEU B 767 1.05 19.54 20.63
CA LEU B 767 -0.20 19.44 19.87
C LEU B 767 -1.03 20.71 19.89
N PHE B 768 -1.82 20.90 18.83
CA PHE B 768 -2.78 22.00 18.73
C PHE B 768 -2.21 23.36 19.15
N ARG B 769 -1.01 23.68 18.69
CA ARG B 769 -0.35 24.93 19.06
C ARG B 769 -0.41 25.19 20.56
N GLY B 770 -0.46 24.12 21.34
CA GLY B 770 -0.46 24.24 22.79
C GLY B 770 -1.73 24.85 23.37
N GLN B 771 -2.81 24.83 22.59
CA GLN B 771 -4.08 25.38 23.04
C GLN B 771 -5.10 24.29 23.38
N ILE B 772 -5.30 24.07 24.66
CA ILE B 772 -6.31 23.11 25.13
C ILE B 772 -7.70 23.67 24.87
N SER B 773 -8.36 23.15 23.84
CA SER B 773 -9.67 23.64 23.45
C SER B 773 -10.74 23.20 24.45
N GLU B 774 -11.89 23.85 24.38
CA GLU B 774 -13.04 23.49 25.20
C GLU B 774 -13.49 22.09 24.83
N THR B 775 -13.38 21.77 23.55
CA THR B 775 -13.72 20.45 23.05
C THR B 775 -12.86 19.38 23.72
N LEU B 776 -11.54 19.58 23.70
CA LEU B 776 -10.61 18.61 24.26
C LEU B 776 -10.88 18.37 25.75
N LYS B 777 -11.55 19.34 26.38
CA LYS B 777 -11.86 19.25 27.80
C LYS B 777 -13.20 18.54 28.03
N THR B 778 -13.86 18.16 26.94
CA THR B 778 -15.13 17.47 27.03
C THR B 778 -14.92 15.96 27.05
N ARG B 779 -15.49 15.29 28.05
CA ARG B 779 -15.31 13.86 28.17
C ARG B 779 -16.31 13.09 27.33
N GLY B 780 -15.87 11.98 26.75
CA GLY B 780 -16.71 11.17 25.87
C GLY B 780 -16.43 11.44 24.41
N ILE B 781 -15.71 12.53 24.16
CA ILE B 781 -15.38 12.98 22.81
C ILE B 781 -14.84 11.88 21.89
N PHE B 782 -14.03 10.98 22.42
CA PHE B 782 -13.43 9.93 21.62
C PHE B 782 -14.16 8.61 21.76
N GLU B 783 -15.42 8.61 21.33
CA GLU B 783 -16.25 7.41 21.42
C GLU B 783 -15.67 6.29 20.57
N THR B 784 -16.13 5.08 20.84
CA THR B 784 -15.71 3.90 20.10
C THR B 784 -15.78 4.10 18.58
N LYS B 785 -16.86 4.72 18.12
CA LYS B 785 -17.08 4.97 16.71
C LYS B 785 -15.94 5.78 16.08
N PHE B 786 -15.53 6.85 16.75
CA PHE B 786 -14.47 7.71 16.25
C PHE B 786 -13.11 7.02 16.31
N LEU B 787 -12.82 6.38 17.44
CA LEU B 787 -11.57 5.65 17.59
C LEU B 787 -11.38 4.66 16.45
N SER B 788 -12.48 4.07 16.00
CA SER B 788 -12.43 3.08 14.93
C SER B 788 -12.26 3.69 13.54
N GLN B 789 -12.89 4.84 13.29
CA GLN B 789 -12.72 5.52 12.01
C GLN B 789 -11.27 5.98 11.82
N ILE B 790 -10.76 6.66 12.83
CA ILE B 790 -9.45 7.28 12.79
C ILE B 790 -8.30 6.28 12.59
N GLU B 791 -8.48 5.05 13.05
CA GLU B 791 -7.43 4.04 12.94
C GLU B 791 -7.59 3.14 11.72
N SER B 792 -8.63 3.40 10.93
CA SER B 792 -8.92 2.61 9.75
C SER B 792 -7.69 2.54 8.83
N ASP B 793 -7.43 1.36 8.27
CA ASP B 793 -6.25 1.13 7.45
C ASP B 793 -6.18 1.97 6.18
N ARG B 794 -4.96 2.29 5.77
CA ARG B 794 -4.69 3.07 4.57
C ARG B 794 -5.64 4.26 4.39
N LEU B 795 -6.12 4.78 5.52
CA LEU B 795 -6.95 5.97 5.52
C LEU B 795 -6.09 7.18 5.22
N ALA B 796 -6.66 8.17 4.53
CA ALA B 796 -5.90 9.36 4.18
C ALA B 796 -5.73 10.28 5.38
N LEU B 797 -4.53 10.86 5.50
CA LEU B 797 -4.24 11.80 6.56
C LEU B 797 -5.26 12.94 6.51
N LEU B 798 -5.62 13.33 5.30
CA LEU B 798 -6.63 14.34 5.07
C LEU B 798 -7.94 13.93 5.74
N GLN B 799 -8.28 12.64 5.61
CA GLN B 799 -9.49 12.09 6.22
C GLN B 799 -9.42 12.19 7.75
N VAL B 800 -8.25 11.86 8.31
CA VAL B 800 -8.05 11.94 9.74
C VAL B 800 -8.25 13.36 10.24
N ARG B 801 -7.64 14.31 9.55
CA ARG B 801 -7.77 15.72 9.94
C ARG B 801 -9.23 16.17 9.84
N ALA B 802 -9.95 15.60 8.87
CA ALA B 802 -11.35 15.94 8.68
C ALA B 802 -12.19 15.48 9.88
N ILE B 803 -12.05 14.22 10.24
CA ILE B 803 -12.75 13.67 11.40
C ILE B 803 -12.49 14.47 12.67
N LEU B 804 -11.22 14.79 12.92
CA LEU B 804 -10.84 15.54 14.11
C LEU B 804 -11.44 16.93 14.08
N GLN B 805 -11.38 17.54 12.90
CA GLN B 805 -11.87 18.90 12.72
C GLN B 805 -13.37 18.92 12.95
N GLN B 806 -14.05 17.85 12.56
CA GLN B 806 -15.48 17.75 12.73
C GLN B 806 -15.87 17.51 14.19
N LEU B 807 -14.88 17.19 15.02
CA LEU B 807 -15.12 17.01 16.44
C LEU B 807 -15.05 18.33 17.19
N GLY B 808 -14.33 19.28 16.59
CA GLY B 808 -14.13 20.59 17.20
C GLY B 808 -12.66 20.90 17.40
N LEU B 809 -11.81 19.96 17.02
CA LEU B 809 -10.36 20.13 17.19
C LEU B 809 -9.67 20.61 15.91
N ASN B 810 -9.18 21.85 15.94
CA ASN B 810 -8.39 22.37 14.83
C ASN B 810 -7.06 21.65 14.78
N SER B 811 -6.88 20.78 13.78
CA SER B 811 -5.66 19.98 13.69
C SER B 811 -4.94 20.18 12.37
N THR B 812 -3.63 20.36 12.44
CA THR B 812 -2.79 20.36 11.27
C THR B 812 -2.57 18.91 10.88
N CYS B 813 -1.84 18.67 9.80
CA CYS B 813 -1.57 17.31 9.38
C CYS B 813 -0.66 16.60 10.38
N ASP B 814 0.30 17.34 10.94
CA ASP B 814 1.18 16.78 11.96
C ASP B 814 0.38 16.34 13.18
N ASP B 815 -0.48 17.23 13.66
CA ASP B 815 -1.35 16.91 14.78
C ASP B 815 -2.06 15.59 14.51
N SER B 816 -2.66 15.48 13.34
CA SER B 816 -3.41 14.29 12.97
C SER B 816 -2.55 13.05 13.05
N ILE B 817 -1.29 13.18 12.69
CA ILE B 817 -0.36 12.06 12.75
C ILE B 817 -0.22 11.58 14.20
N LEU B 818 -0.01 12.53 15.10
CA LEU B 818 0.21 12.21 16.50
C LEU B 818 -1.02 11.59 17.15
N VAL B 819 -2.18 12.21 16.93
CA VAL B 819 -3.44 11.71 17.47
C VAL B 819 -3.72 10.28 17.01
N LYS B 820 -3.48 10.01 15.73
CA LYS B 820 -3.64 8.67 15.20
C LYS B 820 -2.68 7.70 15.91
N THR B 821 -1.43 8.09 16.01
CA THR B 821 -0.43 7.27 16.68
C THR B 821 -0.86 6.96 18.10
N VAL B 822 -1.32 7.99 18.82
CA VAL B 822 -1.77 7.82 20.19
C VAL B 822 -2.93 6.83 20.28
N CYS B 823 -3.97 7.03 19.48
CA CYS B 823 -5.11 6.10 19.46
C CYS B 823 -4.66 4.67 19.24
N GLY B 824 -3.71 4.49 18.33
CA GLY B 824 -3.19 3.16 17.99
C GLY B 824 -2.45 2.51 19.13
N VAL B 825 -1.68 3.30 19.87
CA VAL B 825 -0.95 2.76 21.00
C VAL B 825 -1.91 2.29 22.08
N VAL B 826 -2.97 3.06 22.30
CA VAL B 826 -3.94 2.74 23.33
C VAL B 826 -4.78 1.51 22.99
N SER B 827 -5.28 1.45 21.76
CA SER B 827 -6.09 0.31 21.35
C SER B 827 -5.27 -0.96 21.28
N ARG B 828 -4.02 -0.84 20.85
CA ARG B 828 -3.12 -1.99 20.81
C ARG B 828 -2.90 -2.60 22.20
N ARG B 829 -2.64 -1.75 23.18
CA ARG B 829 -2.42 -2.26 24.53
C ARG B 829 -3.70 -2.92 25.04
N ALA B 830 -4.84 -2.31 24.75
CA ALA B 830 -6.13 -2.86 25.15
C ALA B 830 -6.32 -4.26 24.57
N ALA B 831 -6.01 -4.42 23.29
CA ALA B 831 -6.16 -5.71 22.64
C ALA B 831 -5.23 -6.76 23.26
N GLN B 832 -4.00 -6.37 23.56
CA GLN B 832 -3.04 -7.29 24.14
C GLN B 832 -3.42 -7.68 25.58
N LEU B 833 -3.80 -6.70 26.39
CA LEU B 833 -4.19 -6.98 27.76
C LEU B 833 -5.38 -7.93 27.80
N CYS B 834 -6.34 -7.68 26.91
CA CYS B 834 -7.49 -8.56 26.77
C CYS B 834 -7.01 -9.96 26.40
N GLY B 835 -6.05 -10.02 25.48
CA GLY B 835 -5.50 -11.28 25.02
C GLY B 835 -4.82 -12.08 26.11
N ALA B 836 -4.14 -11.38 27.02
CA ALA B 836 -3.46 -12.06 28.11
C ALA B 836 -4.49 -12.65 29.07
N GLY B 837 -5.64 -11.99 29.16
CA GLY B 837 -6.72 -12.48 30.00
C GLY B 837 -7.32 -13.75 29.46
N MET B 838 -7.66 -13.74 28.17
CA MET B 838 -8.21 -14.93 27.54
C MET B 838 -7.19 -16.07 27.55
N ALA B 839 -5.94 -15.75 27.27
CA ALA B 839 -4.87 -16.75 27.31
C ALA B 839 -4.83 -17.46 28.66
N ALA B 840 -5.04 -16.71 29.74
CA ALA B 840 -5.07 -17.29 31.07
C ALA B 840 -6.26 -18.24 31.20
N VAL B 841 -7.41 -17.81 30.69
CA VAL B 841 -8.62 -18.60 30.80
C VAL B 841 -8.51 -19.94 30.08
N VAL B 842 -8.30 -19.88 28.78
CA VAL B 842 -8.23 -21.10 27.97
C VAL B 842 -7.17 -22.05 28.49
N ASP B 843 -6.02 -21.52 28.87
CA ASP B 843 -4.93 -22.36 29.35
C ASP B 843 -5.29 -23.03 30.66
N LYS B 844 -6.22 -22.45 31.40
CA LYS B 844 -6.70 -23.09 32.63
C LYS B 844 -7.56 -24.29 32.26
N ILE B 845 -8.49 -24.10 31.34
CA ILE B 845 -9.33 -25.19 30.87
C ILE B 845 -8.43 -26.37 30.49
N ARG B 846 -7.47 -26.10 29.60
CA ARG B 846 -6.55 -27.12 29.14
C ARG B 846 -5.89 -27.87 30.30
N GLU B 847 -5.27 -27.12 31.21
CA GLU B 847 -4.56 -27.73 32.34
C GLU B 847 -5.51 -28.51 33.24
N ASN B 848 -6.70 -27.96 33.47
CA ASN B 848 -7.69 -28.65 34.29
C ASN B 848 -8.12 -29.96 33.67
N ARG B 849 -8.24 -29.98 32.35
CA ARG B 849 -8.64 -31.19 31.64
C ARG B 849 -7.43 -32.02 31.23
N GLY B 850 -6.33 -31.83 31.97
CA GLY B 850 -5.08 -32.56 31.69
C GLY B 850 -4.82 -32.82 30.22
N LEU B 851 -4.95 -31.76 29.41
CA LEU B 851 -4.69 -31.89 27.98
C LEU B 851 -3.33 -31.31 27.61
N ASP B 852 -2.75 -31.80 26.52
CA ASP B 852 -1.50 -31.27 26.01
C ASP B 852 -1.79 -30.20 24.97
N ARG B 853 -2.99 -30.27 24.42
CA ARG B 853 -3.49 -29.27 23.48
C ARG B 853 -5.00 -29.20 23.62
N LEU B 854 -5.56 -28.00 23.50
CA LEU B 854 -6.99 -27.82 23.64
C LEU B 854 -7.56 -27.00 22.48
N ASN B 855 -8.72 -27.42 21.99
CA ASN B 855 -9.42 -26.68 20.97
C ASN B 855 -10.75 -26.19 21.54
N VAL B 856 -10.90 -24.87 21.58
CA VAL B 856 -12.10 -24.26 22.11
C VAL B 856 -12.44 -23.01 21.32
N THR B 857 -13.73 -22.71 21.21
CA THR B 857 -14.15 -21.50 20.56
C THR B 857 -14.75 -20.54 21.58
N VAL B 858 -14.62 -19.25 21.33
CA VAL B 858 -15.12 -18.23 22.24
C VAL B 858 -16.19 -17.40 21.57
N GLY B 859 -17.35 -17.28 22.22
CA GLY B 859 -18.41 -16.40 21.72
C GLY B 859 -18.12 -14.97 22.09
N VAL B 860 -18.13 -14.09 21.10
CA VAL B 860 -17.73 -12.70 21.32
C VAL B 860 -18.84 -11.73 20.93
N ASP B 861 -18.94 -10.63 21.67
CA ASP B 861 -19.85 -9.56 21.32
C ASP B 861 -19.31 -8.26 21.90
N GLY B 862 -19.83 -7.13 21.41
CA GLY B 862 -19.41 -5.83 21.91
C GLY B 862 -19.08 -4.90 20.77
N THR B 863 -19.48 -3.64 20.91
CA THR B 863 -19.32 -2.67 19.83
C THR B 863 -17.85 -2.38 19.51
N LEU B 864 -17.02 -2.15 20.52
CA LEU B 864 -15.61 -1.91 20.28
C LEU B 864 -15.03 -3.06 19.48
N TYR B 865 -15.37 -4.28 19.87
CA TYR B 865 -14.83 -5.47 19.22
C TYR B 865 -15.31 -5.58 17.77
N LYS B 866 -16.54 -5.16 17.50
CA LYS B 866 -17.10 -5.27 16.16
C LYS B 866 -16.64 -4.14 15.25
N LEU B 867 -16.41 -2.96 15.82
CA LEU B 867 -16.14 -1.77 15.00
C LEU B 867 -14.66 -1.47 14.80
N HIS B 868 -13.82 -1.88 15.75
CA HIS B 868 -12.40 -1.53 15.68
C HIS B 868 -11.64 -2.30 14.60
N PRO B 869 -10.88 -1.57 13.77
CA PRO B 869 -10.12 -2.17 12.67
C PRO B 869 -8.97 -3.12 13.07
N HIS B 870 -8.47 -3.02 14.30
CA HIS B 870 -7.31 -3.85 14.69
C HIS B 870 -7.51 -4.67 15.96
N PHE B 871 -8.40 -4.22 16.84
CA PHE B 871 -8.54 -4.84 18.15
C PHE B 871 -8.61 -6.37 18.07
N SER B 872 -9.62 -6.87 17.37
CA SER B 872 -9.83 -8.32 17.30
C SER B 872 -8.60 -9.03 16.75
N ARG B 873 -8.01 -8.50 15.69
CA ARG B 873 -6.86 -9.13 15.07
C ARG B 873 -5.71 -9.26 16.07
N ILE B 874 -5.37 -8.16 16.72
CA ILE B 874 -4.27 -8.14 17.68
C ILE B 874 -4.56 -9.03 18.87
N MET B 875 -5.78 -8.96 19.37
CA MET B 875 -6.19 -9.79 20.49
C MET B 875 -5.97 -11.27 20.16
N HIS B 876 -6.57 -11.72 19.06
CA HIS B 876 -6.40 -13.10 18.62
C HIS B 876 -4.93 -13.51 18.57
N GLN B 877 -4.09 -12.66 17.99
CA GLN B 877 -2.65 -12.90 17.91
C GLN B 877 -2.03 -13.14 19.27
N THR B 878 -2.44 -12.35 20.25
CA THR B 878 -1.89 -12.45 21.60
C THR B 878 -2.31 -13.75 22.26
N VAL B 879 -3.58 -14.10 22.11
CA VAL B 879 -4.06 -15.37 22.61
C VAL B 879 -3.21 -16.51 22.06
N LYS B 880 -3.00 -16.50 20.75
CA LYS B 880 -2.24 -17.56 20.10
C LYS B 880 -0.77 -17.59 20.52
N GLU B 881 -0.20 -16.42 20.81
CA GLU B 881 1.19 -16.33 21.23
C GLU B 881 1.42 -16.75 22.69
N LEU B 882 0.49 -16.37 23.57
CA LEU B 882 0.66 -16.60 25.00
C LEU B 882 0.20 -17.99 25.46
N SER B 883 -0.74 -18.57 24.72
CA SER B 883 -1.21 -19.91 25.02
C SER B 883 -1.08 -20.81 23.79
N PRO B 884 0.17 -21.17 23.45
CA PRO B 884 0.48 -21.98 22.27
C PRO B 884 -0.24 -23.32 22.28
N LYS B 885 -0.25 -23.99 23.44
CA LYS B 885 -0.89 -25.30 23.56
C LYS B 885 -2.41 -25.21 23.39
N CYS B 886 -2.90 -24.03 23.06
CA CYS B 886 -4.33 -23.83 22.85
C CYS B 886 -4.63 -23.35 21.44
N ASN B 887 -5.71 -23.87 20.86
CA ASN B 887 -6.19 -23.38 19.57
C ASN B 887 -7.57 -22.79 19.76
N VAL B 888 -7.64 -21.46 19.82
CA VAL B 888 -8.90 -20.80 20.13
C VAL B 888 -9.54 -20.21 18.88
N SER B 889 -10.83 -20.49 18.70
CA SER B 889 -11.60 -19.92 17.61
C SER B 889 -12.53 -18.85 18.16
N PHE B 890 -12.64 -17.74 17.46
CA PHE B 890 -13.51 -16.66 17.91
C PHE B 890 -14.75 -16.53 17.05
N LEU B 891 -15.86 -17.05 17.56
CA LEU B 891 -17.13 -16.97 16.88
C LEU B 891 -17.84 -15.69 17.29
N LEU B 892 -18.15 -14.85 16.31
CA LEU B 892 -18.79 -13.57 16.59
C LEU B 892 -20.29 -13.74 16.72
N SER B 893 -20.86 -13.20 17.80
CA SER B 893 -22.30 -13.24 18.02
C SER B 893 -23.00 -12.13 17.28
N GLU B 894 -23.94 -12.50 16.41
CA GLU B 894 -24.69 -11.51 15.64
C GLU B 894 -26.16 -11.49 16.05
N ASP B 895 -26.52 -12.37 16.98
CA ASP B 895 -27.91 -12.49 17.44
C ASP B 895 -28.17 -11.68 18.71
N GLY B 896 -27.12 -11.40 19.46
CA GLY B 896 -27.26 -10.70 20.74
C GLY B 896 -27.32 -11.71 21.86
N SER B 897 -27.35 -11.21 23.09
CA SER B 897 -27.36 -12.11 24.24
C SER B 897 -28.74 -12.72 24.49
N GLY B 898 -29.78 -12.03 24.02
CA GLY B 898 -31.15 -12.50 24.22
C GLY B 898 -31.34 -13.97 23.89
N LYS B 899 -30.81 -14.38 22.74
CA LYS B 899 -30.94 -15.76 22.28
C LYS B 899 -30.39 -16.74 23.31
N GLY B 900 -29.18 -16.48 23.78
CA GLY B 900 -28.54 -17.33 24.78
C GLY B 900 -29.32 -17.33 26.08
N ALA B 901 -29.95 -16.20 26.39
CA ALA B 901 -30.75 -16.09 27.59
C ALA B 901 -31.96 -17.01 27.50
N ALA B 902 -32.61 -16.99 26.34
CA ALA B 902 -33.78 -17.83 26.10
C ALA B 902 -33.41 -19.31 26.20
N LEU B 903 -32.21 -19.64 25.75
CA LEU B 903 -31.73 -21.02 25.84
C LEU B 903 -31.52 -21.43 27.28
N ILE B 904 -31.19 -20.46 28.12
CA ILE B 904 -30.99 -20.72 29.54
C ILE B 904 -32.35 -20.85 30.23
N THR B 905 -33.26 -19.96 29.86
CA THR B 905 -34.62 -20.02 30.38
C THR B 905 -35.21 -21.40 30.12
N ALA B 906 -35.13 -21.84 28.87
CA ALA B 906 -35.66 -23.14 28.49
C ALA B 906 -35.25 -24.22 29.47
N VAL B 907 -33.95 -24.50 29.55
CA VAL B 907 -33.43 -25.50 30.47
C VAL B 907 -33.92 -25.25 31.89
N GLY B 908 -34.10 -23.99 32.25
CA GLY B 908 -34.58 -23.62 33.59
C GLY B 908 -36.02 -24.03 33.82
N VAL B 909 -36.91 -23.57 32.95
CA VAL B 909 -38.33 -23.90 33.07
C VAL B 909 -38.53 -25.40 33.17
N ARG B 910 -37.70 -26.15 32.46
CA ARG B 910 -37.78 -27.61 32.49
C ARG B 910 -37.34 -28.19 33.83
N LEU B 911 -36.32 -27.59 34.44
CA LEU B 911 -35.75 -28.17 35.65
C LEU B 911 -36.69 -28.19 36.86
N ARG B 912 -37.53 -27.19 37.03
CA ARG B 912 -38.36 -27.15 38.23
C ARG B 912 -39.53 -28.13 38.21
N THR B 913 -40.23 -28.26 37.09
CA THR B 913 -41.29 -29.25 36.96
C THR B 913 -40.66 -30.63 36.96
N GLU B 914 -39.52 -30.74 36.29
CA GLU B 914 -38.85 -32.00 36.13
C GLU B 914 -38.04 -32.38 37.40
C2 BGC C . -30.22 -2.19 -0.83
C3 BGC C . -29.89 -1.92 -2.31
C4 BGC C . -31.08 -2.23 -3.21
C5 BGC C . -32.40 -1.70 -2.61
C6 BGC C . -33.62 -2.11 -3.47
C1 BGC C . -31.55 -1.52 -0.46
O1 BGC C . -31.81 -1.75 0.93
O2 BGC C . -29.18 -1.68 -0.01
O3 BGC C . -28.78 -2.74 -2.68
O4 BGC C . -30.87 -1.64 -4.50
O5 BGC C . -32.56 -2.15 -1.26
O6 BGC C . -33.80 -3.53 -3.40
C1 G16 D . -38.20 -7.00 -9.12
C2 G16 D . -36.75 -7.28 -9.52
C3 G16 D . -35.90 -7.44 -8.26
C4 G16 D . -36.06 -6.23 -7.36
C5 G16 D . -37.54 -6.01 -7.04
C6 G16 D . -37.72 -4.76 -6.18
O1 G16 D . -38.75 -8.15 -8.48
O2 G16 D . -36.69 -8.48 -10.30
O3 G16 D . -34.54 -7.60 -8.65
O4 G16 D . -35.31 -6.42 -6.16
O5 G16 D . -38.28 -5.86 -8.26
O6 G16 D . -39.08 -4.64 -5.74
P G16 D . -39.66 -5.61 -4.59
O1P G16 D . -38.73 -5.38 -3.41
O2P G16 D . -41.06 -5.09 -4.37
O3P G16 D . -39.58 -6.98 -5.18
P' G16 D . -40.35 -8.33 -8.47
O1X G16 D . -40.72 -8.31 -9.93
O2X G16 D . -40.85 -7.12 -7.71
O3X G16 D . -40.56 -9.67 -7.79
C2 BGC E . 28.70 -16.57 -21.93
C3 BGC E . 29.50 -16.69 -20.63
C4 BGC E . 29.31 -15.40 -19.81
C5 BGC E . 27.83 -14.99 -19.76
C6 BGC E . 27.63 -13.64 -19.06
C1 BGC E . 27.26 -16.28 -21.57
O1 BGC E . 26.47 -16.36 -22.73
O2 BGC E . 28.79 -17.77 -22.70
O3 BGC E . 30.88 -16.91 -20.92
O4 BGC E . 29.78 -15.63 -18.48
O5 BGC E . 27.25 -14.95 -21.07
O6 BGC E . 28.24 -12.59 -19.82
C1 G16 F . 29.78 -5.78 -15.75
C2 G16 F . 31.08 -6.57 -15.64
C3 G16 F . 31.29 -7.34 -16.94
C4 G16 F . 30.09 -8.23 -17.18
C5 G16 F . 28.80 -7.43 -17.15
C6 G16 F . 27.62 -8.37 -17.32
O1 G16 F . 29.86 -4.90 -16.86
O2 G16 F . 32.17 -5.69 -15.37
O3 G16 F . 32.48 -8.13 -16.88
O4 G16 F . 30.20 -8.89 -18.45
O5 G16 F . 28.71 -6.70 -15.94
O6 G16 F . 26.40 -7.63 -17.33
P G16 F . 25.86 -6.94 -18.66
O1P G16 F . 25.86 -8.02 -19.72
O2P G16 F . 24.48 -6.47 -18.25
O3P G16 F . 26.84 -5.82 -18.94
P' G16 F . 28.91 -3.60 -17.02
O1X G16 F . 29.06 -2.84 -15.72
O2X G16 F . 27.51 -4.16 -17.22
O3X G16 F . 29.46 -2.90 -18.23
NA NA G . -11.09 6.48 -12.15
NA NA H . 41.99 -33.10 -11.27
C1 CIT I . -50.76 15.50 -7.51
O1 CIT I . -50.00 16.49 -7.46
O2 CIT I . -51.25 15.15 -8.61
C2 CIT I . -51.09 14.73 -6.25
C3 CIT I . -52.19 15.41 -5.44
O7 CIT I . -53.38 15.56 -6.26
C4 CIT I . -52.54 14.57 -4.21
C5 CIT I . -53.50 13.48 -4.60
O3 CIT I . -53.11 12.48 -5.24
O4 CIT I . -54.71 13.55 -4.26
C6 CIT I . -51.74 16.78 -4.97
O5 CIT I . -52.30 17.81 -5.38
O6 CIT I . -50.81 16.88 -4.14
C2 BGC J . 25.13 15.97 -6.52
C3 BGC J . 24.25 16.95 -5.74
C4 BGC J . 25.08 18.14 -5.29
C5 BGC J . 25.88 18.72 -6.46
C6 BGC J . 26.80 19.82 -5.97
C1 BGC J . 25.82 16.71 -7.66
O1 BGC J . 26.65 15.82 -8.39
O2 BGC J . 24.33 14.91 -7.03
O3 BGC J . 23.68 16.29 -4.60
O4 BGC J . 24.22 19.15 -4.75
O5 BGC J . 26.68 17.70 -7.08
O6 BGC J . 27.61 19.33 -4.90
C1 G16 K . 31.43 24.80 -0.26
C2 G16 K . 30.26 24.31 0.56
C3 G16 K . 30.06 22.82 0.29
C4 G16 K . 29.82 22.63 -1.21
C5 G16 K . 30.98 23.22 -2.01
C6 G16 K . 30.70 23.08 -3.51
O1 G16 K . 32.59 24.08 0.14
O2 G16 K . 30.54 24.53 1.96
O3 G16 K . 28.93 22.32 1.02
O4 G16 K . 29.66 21.25 -1.49
O5 G16 K . 31.16 24.59 -1.65
O6 G16 K . 31.77 23.58 -4.30
P G16 K . 33.07 22.69 -4.62
O1P G16 K . 32.53 21.37 -5.12
O2P G16 K . 33.80 23.47 -5.67
O3P G16 K . 33.77 22.61 -3.28
P' G16 K . 34.04 24.65 -0.21
O1X G16 K . 34.04 26.02 0.43
O2X G16 K . 34.06 24.65 -1.72
O3X G16 K . 35.00 23.67 0.43
C2 BGC L . -19.79 -5.78 33.87
C3 BGC L . -20.07 -7.21 33.41
C4 BGC L . -20.38 -7.26 31.91
C5 BGC L . -19.51 -6.29 31.08
C6 BGC L . -20.09 -6.10 29.67
C1 BGC L . -18.73 -5.19 32.95
O1 BGC L . -18.32 -3.93 33.45
O2 BGC L . -19.35 -5.80 35.23
O3 BGC L . -21.15 -7.76 34.18
O4 BGC L . -20.15 -8.60 31.47
O5 BGC L . -19.38 -5.00 31.70
O6 BGC L . -21.47 -5.73 29.77
C1 G16 M . -24.88 -6.73 22.60
C2 G16 M . -25.44 -7.78 23.55
C3 G16 M . -25.48 -7.22 24.96
C4 G16 M . -24.07 -6.83 25.36
C5 G16 M . -23.52 -5.81 24.38
C6 G16 M . -22.08 -5.47 24.72
O1 G16 M . -25.75 -5.61 22.60
O2 G16 M . -26.76 -8.16 23.16
O3 G16 M . -25.98 -8.22 25.86
O4 G16 M . -24.08 -6.31 26.70
O5 G16 M . -23.57 -6.32 23.04
O6 G16 M . -21.56 -4.50 23.82
P G16 M . -21.95 -2.95 23.98
O1P G16 M . -21.68 -2.61 25.43
O2P G16 M . -21.03 -2.26 23.01
O3P G16 M . -23.41 -2.92 23.59
P' G16 M . -25.64 -4.55 21.39
O1X G16 M . -25.79 -5.42 20.18
O2X G16 M . -24.26 -3.96 21.57
O3X G16 M . -26.79 -3.59 21.63
NA NA N . 1.98 16.91 -0.25
NA NA O . -18.20 -26.97 44.30
C1 CIT P . 30.75 38.11 -23.02
O1 CIT P . 30.24 37.82 -24.13
O2 CIT P . 30.10 38.82 -22.23
C2 CIT P . 32.12 37.61 -22.64
C3 CIT P . 33.20 38.31 -23.46
O7 CIT P . 32.71 39.62 -23.86
C4 CIT P . 34.48 38.47 -22.65
C5 CIT P . 34.78 39.92 -22.34
O3 CIT P . 34.53 40.39 -21.21
O4 CIT P . 35.30 40.66 -23.21
C6 CIT P . 33.50 37.49 -24.70
O5 CIT P . 34.65 37.05 -24.93
O6 CIT P . 32.60 37.24 -25.53
#